data_2Z3X
# 
_entry.id   2Z3X 
# 
_audit_conform.dict_name       mmcif_pdbx.dic 
_audit_conform.dict_version    5.392 
_audit_conform.dict_location   http://mmcif.pdb.org/dictionaries/ascii/mmcif_pdbx.dic 
# 
loop_
_database_2.database_id 
_database_2.database_code 
_database_2.pdbx_database_accession 
_database_2.pdbx_DOI 
PDB   2Z3X         pdb_00002z3x 10.2210/pdb2z3x/pdb 
NDB   PD1014       ?            ?                   
RCSB  RCSB027489   ?            ?                   
WWPDB D_1000027489 ?            ?                   
# 
loop_
_pdbx_audit_revision_history.ordinal 
_pdbx_audit_revision_history.data_content_type 
_pdbx_audit_revision_history.major_revision 
_pdbx_audit_revision_history.minor_revision 
_pdbx_audit_revision_history.revision_date 
1 'Structure model' 1 0 2008-02-12 
2 'Structure model' 1 1 2011-07-13 
3 'Structure model' 1 2 2018-10-24 
4 'Structure model' 1 3 2021-11-10 
5 'Structure model' 1 4 2024-05-29 
# 
_pdbx_audit_revision_details.ordinal             1 
_pdbx_audit_revision_details.revision_ordinal    1 
_pdbx_audit_revision_details.data_content_type   'Structure model' 
_pdbx_audit_revision_details.provider            repository 
_pdbx_audit_revision_details.type                'Initial release' 
_pdbx_audit_revision_details.description         ? 
_pdbx_audit_revision_details.details             ? 
# 
loop_
_pdbx_audit_revision_group.ordinal 
_pdbx_audit_revision_group.revision_ordinal 
_pdbx_audit_revision_group.data_content_type 
_pdbx_audit_revision_group.group 
1 2 'Structure model' 'Version format compliance' 
2 3 'Structure model' 'Data collection'           
3 3 'Structure model' 'Database references'       
4 3 'Structure model' 'Source and taxonomy'       
5 4 'Structure model' 'Database references'       
6 5 'Structure model' 'Data collection'           
# 
loop_
_pdbx_audit_revision_category.ordinal 
_pdbx_audit_revision_category.revision_ordinal 
_pdbx_audit_revision_category.data_content_type 
_pdbx_audit_revision_category.category 
1 3 'Structure model' citation            
2 3 'Structure model' citation_author     
3 3 'Structure model' pdbx_entity_src_syn 
4 4 'Structure model' database_2          
5 4 'Structure model' struct_ref_seq_dif  
6 5 'Structure model' chem_comp_atom      
7 5 'Structure model' chem_comp_bond      
# 
loop_
_pdbx_audit_revision_item.ordinal 
_pdbx_audit_revision_item.revision_ordinal 
_pdbx_audit_revision_item.data_content_type 
_pdbx_audit_revision_item.item 
1  3 'Structure model' '_citation.country'                   
2  3 'Structure model' '_citation.journal_abbrev'            
3  3 'Structure model' '_citation.journal_id_ASTM'           
4  3 'Structure model' '_citation.journal_id_CSD'            
5  3 'Structure model' '_citation.journal_id_ISSN'           
6  3 'Structure model' '_citation.journal_volume'            
7  3 'Structure model' '_citation.page_first'                
8  3 'Structure model' '_citation.page_last'                 
9  3 'Structure model' '_citation.pdbx_database_id_DOI'      
10 3 'Structure model' '_citation.pdbx_database_id_PubMed'   
11 3 'Structure model' '_citation.title'                     
12 3 'Structure model' '_citation.year'                      
13 4 'Structure model' '_database_2.pdbx_DOI'                
14 4 'Structure model' '_database_2.pdbx_database_accession' 
15 4 'Structure model' '_struct_ref_seq_dif.details'         
# 
_pdbx_database_status.status_code                     REL 
_pdbx_database_status.entry_id                        2Z3X 
_pdbx_database_status.recvd_initial_deposition_date   2007-06-08 
_pdbx_database_status.deposit_site                    PDBJ 
_pdbx_database_status.process_site                    PDBJ 
_pdbx_database_status.status_code_sf                  REL 
_pdbx_database_status.status_code_mr                  ? 
_pdbx_database_status.SG_entry                        ? 
_pdbx_database_status.pdb_format_compatible           Y 
_pdbx_database_status.status_code_cs                  ? 
_pdbx_database_status.methods_development_category    ? 
_pdbx_database_status.status_code_nmr_data            ? 
# 
loop_
_audit_author.name 
_audit_author.pdbx_ordinal 
'Lee, K.S.'       1 
'Jedrzejas, M.J.' 2 
# 
_citation.id                        primary 
_citation.title                     
'Structure of a protein-DNA complex essential for DNA protection in spores of Bacillus species.' 
_citation.journal_abbrev            'Proc. Natl. Acad. Sci. U.S.A.' 
_citation.journal_volume            105 
_citation.page_first                2806 
_citation.page_last                 2811 
_citation.year                      2008 
_citation.journal_id_ASTM           PNASA6 
_citation.country                   US 
_citation.journal_id_ISSN           1091-6490 
_citation.journal_id_CSD            0040 
_citation.book_publisher            ? 
_citation.pdbx_database_id_PubMed   18287075 
_citation.pdbx_database_id_DOI      10.1073/pnas.0708244105 
# 
loop_
_citation_author.citation_id 
_citation_author.name 
_citation_author.ordinal 
_citation_author.identifier_ORCID 
primary 'Lee, K.S.'       1 ? 
primary 'Bumbaca, D.'     2 ? 
primary 'Kosman, J.'      3 ? 
primary 'Setlow, P.'      4 ? 
primary 'Jedrzejas, M.J.' 5 ? 
# 
loop_
_entity.id 
_entity.type 
_entity.src_method 
_entity.pdbx_description 
_entity.formula_weight 
_entity.pdbx_number_of_molecules 
_entity.pdbx_ec 
_entity.pdbx_mutation 
_entity.pdbx_fragment 
_entity.details 
1 polymer syn "5'-D(*GP*GP*GP*GP*GP*GP*GP*GP*GP*GP*A)-3'" 3560.307 1  ? ?            ?               ? 
2 polymer syn "5'-D(*CP*CP*CP*CP*CP*CP*CP*CP*CP*CP*A)-3'" 3160.067 1  ? ?            ?               ? 
3 polymer man 'Small, acid-soluble spore protein C'       6673.570 3  ? 'N13A, D14K' alpha/beta-type ? 
4 water   nat water                                       18.015   22 ? ?            ?               ? 
# 
_entity_name_com.entity_id   3 
_entity_name_com.name        SASP 
# 
loop_
_entity_poly.entity_id 
_entity_poly.type 
_entity_poly.nstd_linkage 
_entity_poly.nstd_monomer 
_entity_poly.pdbx_seq_one_letter_code 
_entity_poly.pdbx_seq_one_letter_code_can 
_entity_poly.pdbx_strand_id 
_entity_poly.pdbx_target_identifier 
1 polydeoxyribonucleotide no no '(DG)(DG)(DG)(DG)(DG)(DG)(DG)(DG)(DG)(DG)(DA)'                  GGGGGGGGGGA D     ? 
2 polydeoxyribonucleotide no no '(DC)(DC)(DC)(DC)(DC)(DC)(DC)(DC)(DC)(DC)(DA)'                  CCCCCCCCCCA E     ? 
3 'polypeptide(L)'        no no AKLLIPQAASAIEQMKLEIASEFGVQLGAETTSRANGSVGGEITKRLVRLAQQNMGGQFHGQQ 
AKLLIPQAASAIEQMKLEIASEFGVQLGAETTSRANGSVGGEITKRLVRLAQQNMGGQFHGQQ A,B,C ? 
# 
_pdbx_entity_nonpoly.entity_id   4 
_pdbx_entity_nonpoly.name        water 
_pdbx_entity_nonpoly.comp_id     HOH 
# 
loop_
_entity_poly_seq.entity_id 
_entity_poly_seq.num 
_entity_poly_seq.mon_id 
_entity_poly_seq.hetero 
1 1  DG  n 
1 2  DG  n 
1 3  DG  n 
1 4  DG  n 
1 5  DG  n 
1 6  DG  n 
1 7  DG  n 
1 8  DG  n 
1 9  DG  n 
1 10 DG  n 
1 11 DA  n 
2 1  DC  n 
2 2  DC  n 
2 3  DC  n 
2 4  DC  n 
2 5  DC  n 
2 6  DC  n 
2 7  DC  n 
2 8  DC  n 
2 9  DC  n 
2 10 DC  n 
2 11 DA  n 
3 1  ALA n 
3 2  LYS n 
3 3  LEU n 
3 4  LEU n 
3 5  ILE n 
3 6  PRO n 
3 7  GLN n 
3 8  ALA n 
3 9  ALA n 
3 10 SER n 
3 11 ALA n 
3 12 ILE n 
3 13 GLU n 
3 14 GLN n 
3 15 MET n 
3 16 LYS n 
3 17 LEU n 
3 18 GLU n 
3 19 ILE n 
3 20 ALA n 
3 21 SER n 
3 22 GLU n 
3 23 PHE n 
3 24 GLY n 
3 25 VAL n 
3 26 GLN n 
3 27 LEU n 
3 28 GLY n 
3 29 ALA n 
3 30 GLU n 
3 31 THR n 
3 32 THR n 
3 33 SER n 
3 34 ARG n 
3 35 ALA n 
3 36 ASN n 
3 37 GLY n 
3 38 SER n 
3 39 VAL n 
3 40 GLY n 
3 41 GLY n 
3 42 GLU n 
3 43 ILE n 
3 44 THR n 
3 45 LYS n 
3 46 ARG n 
3 47 LEU n 
3 48 VAL n 
3 49 ARG n 
3 50 LEU n 
3 51 ALA n 
3 52 GLN n 
3 53 GLN n 
3 54 ASN n 
3 55 MET n 
3 56 GLY n 
3 57 GLY n 
3 58 GLN n 
3 59 PHE n 
3 60 HIS n 
3 61 GLY n 
3 62 GLN n 
3 63 GLN n 
# 
_entity_src_gen.entity_id                          3 
_entity_src_gen.pdbx_src_id                        1 
_entity_src_gen.pdbx_alt_source_flag               sample 
_entity_src_gen.pdbx_seq_type                      ? 
_entity_src_gen.pdbx_beg_seq_num                   ? 
_entity_src_gen.pdbx_end_seq_num                   ? 
_entity_src_gen.gene_src_common_name               ? 
_entity_src_gen.gene_src_genus                     Bacillus 
_entity_src_gen.pdbx_gene_src_gene                 sspC 
_entity_src_gen.gene_src_species                   ? 
_entity_src_gen.gene_src_strain                    ? 
_entity_src_gen.gene_src_tissue                    ? 
_entity_src_gen.gene_src_tissue_fraction           ? 
_entity_src_gen.gene_src_details                   ? 
_entity_src_gen.pdbx_gene_src_fragment             ? 
_entity_src_gen.pdbx_gene_src_scientific_name      'Bacillus subtilis' 
_entity_src_gen.pdbx_gene_src_ncbi_taxonomy_id     1423 
_entity_src_gen.pdbx_gene_src_variant              ? 
_entity_src_gen.pdbx_gene_src_cell_line            ? 
_entity_src_gen.pdbx_gene_src_atcc                 ? 
_entity_src_gen.pdbx_gene_src_organ                ? 
_entity_src_gen.pdbx_gene_src_organelle            ? 
_entity_src_gen.pdbx_gene_src_cell                 ? 
_entity_src_gen.pdbx_gene_src_cellular_location    ? 
_entity_src_gen.host_org_common_name               ? 
_entity_src_gen.pdbx_host_org_scientific_name      'Escherichia coli BL21(DE3)' 
_entity_src_gen.pdbx_host_org_ncbi_taxonomy_id     469008 
_entity_src_gen.host_org_genus                     Escherichia 
_entity_src_gen.pdbx_host_org_gene                 ? 
_entity_src_gen.pdbx_host_org_organ                ? 
_entity_src_gen.host_org_species                   'Escherichia coli' 
_entity_src_gen.pdbx_host_org_tissue               ? 
_entity_src_gen.pdbx_host_org_tissue_fraction      ? 
_entity_src_gen.pdbx_host_org_strain               'BL21(DE3)' 
_entity_src_gen.pdbx_host_org_variant              ? 
_entity_src_gen.pdbx_host_org_cell_line            ? 
_entity_src_gen.pdbx_host_org_atcc                 ? 
_entity_src_gen.pdbx_host_org_culture_collection   ? 
_entity_src_gen.pdbx_host_org_cell                 ? 
_entity_src_gen.pdbx_host_org_organelle            ? 
_entity_src_gen.pdbx_host_org_cellular_location    ? 
_entity_src_gen.pdbx_host_org_vector_type          pET11d 
_entity_src_gen.pdbx_host_org_vector               ? 
_entity_src_gen.host_org_details                   ? 
_entity_src_gen.expression_system_id               ? 
_entity_src_gen.plasmid_name                       pPS708 
_entity_src_gen.plasmid_details                    ? 
_entity_src_gen.pdbx_description                   ? 
# 
loop_
_pdbx_entity_src_syn.entity_id 
_pdbx_entity_src_syn.pdbx_src_id 
_pdbx_entity_src_syn.pdbx_alt_source_flag 
_pdbx_entity_src_syn.pdbx_beg_seq_num 
_pdbx_entity_src_syn.pdbx_end_seq_num 
_pdbx_entity_src_syn.organism_scientific 
_pdbx_entity_src_syn.organism_common_name 
_pdbx_entity_src_syn.ncbi_taxonomy_id 
_pdbx_entity_src_syn.details 
1 1 sample ? ? 'synthetic construct' ? 32630 ? 
2 1 sample ? ? 'synthetic construct' ? 32630 ? 
# 
loop_
_chem_comp.id 
_chem_comp.type 
_chem_comp.mon_nstd_flag 
_chem_comp.name 
_chem_comp.pdbx_synonyms 
_chem_comp.formula 
_chem_comp.formula_weight 
ALA 'L-peptide linking' y ALANINE                              ? 'C3 H7 N O2'      89.093  
ARG 'L-peptide linking' y ARGININE                             ? 'C6 H15 N4 O2 1'  175.209 
ASN 'L-peptide linking' y ASPARAGINE                           ? 'C4 H8 N2 O3'     132.118 
ASP 'L-peptide linking' y 'ASPARTIC ACID'                      ? 'C4 H7 N O4'      133.103 
DA  'DNA linking'       y "2'-DEOXYADENOSINE-5'-MONOPHOSPHATE" ? 'C10 H14 N5 O6 P' 331.222 
DC  'DNA linking'       y "2'-DEOXYCYTIDINE-5'-MONOPHOSPHATE"  ? 'C9 H14 N3 O7 P'  307.197 
DG  'DNA linking'       y "2'-DEOXYGUANOSINE-5'-MONOPHOSPHATE" ? 'C10 H14 N5 O7 P' 347.221 
GLN 'L-peptide linking' y GLUTAMINE                            ? 'C5 H10 N2 O3'    146.144 
GLU 'L-peptide linking' y 'GLUTAMIC ACID'                      ? 'C5 H9 N O4'      147.129 
GLY 'peptide linking'   y GLYCINE                              ? 'C2 H5 N O2'      75.067  
HIS 'L-peptide linking' y HISTIDINE                            ? 'C6 H10 N3 O2 1'  156.162 
HOH non-polymer         . WATER                                ? 'H2 O'            18.015  
ILE 'L-peptide linking' y ISOLEUCINE                           ? 'C6 H13 N O2'     131.173 
LEU 'L-peptide linking' y LEUCINE                              ? 'C6 H13 N O2'     131.173 
LYS 'L-peptide linking' y LYSINE                               ? 'C6 H15 N2 O2 1'  147.195 
MET 'L-peptide linking' y METHIONINE                           ? 'C5 H11 N O2 S'   149.211 
PHE 'L-peptide linking' y PHENYLALANINE                        ? 'C9 H11 N O2'     165.189 
PRO 'L-peptide linking' y PROLINE                              ? 'C5 H9 N O2'      115.130 
SER 'L-peptide linking' y SERINE                               ? 'C3 H7 N O3'      105.093 
THR 'L-peptide linking' y THREONINE                            ? 'C4 H9 N O3'      119.119 
VAL 'L-peptide linking' y VALINE                               ? 'C5 H11 N O2'     117.146 
# 
loop_
_pdbx_poly_seq_scheme.asym_id 
_pdbx_poly_seq_scheme.entity_id 
_pdbx_poly_seq_scheme.seq_id 
_pdbx_poly_seq_scheme.mon_id 
_pdbx_poly_seq_scheme.ndb_seq_num 
_pdbx_poly_seq_scheme.pdb_seq_num 
_pdbx_poly_seq_scheme.auth_seq_num 
_pdbx_poly_seq_scheme.pdb_mon_id 
_pdbx_poly_seq_scheme.auth_mon_id 
_pdbx_poly_seq_scheme.pdb_strand_id 
_pdbx_poly_seq_scheme.pdb_ins_code 
_pdbx_poly_seq_scheme.hetero 
A 1 1  DG  1  1  1  DG  GUA D . n 
A 1 2  DG  2  2  2  DG  GUA D . n 
A 1 3  DG  3  3  3  DG  GUA D . n 
A 1 4  DG  4  4  4  DG  GUA D . n 
A 1 5  DG  5  5  5  DG  GUA D . n 
A 1 6  DG  6  6  6  DG  GUA D . n 
A 1 7  DG  7  7  7  DG  GUA D . n 
A 1 8  DG  8  8  8  DG  GUA D . n 
A 1 9  DG  9  9  9  DG  GUA D . n 
A 1 10 DG  10 10 10 DG  GUA D . n 
A 1 11 DA  11 11 11 DA  ADE D . n 
B 2 1  DC  1  12 12 DC  CYT E . n 
B 2 2  DC  2  13 13 DC  CYT E . n 
B 2 3  DC  3  14 14 DC  CYT E . n 
B 2 4  DC  4  15 15 DC  CYT E . n 
B 2 5  DC  5  16 16 DC  CYT E . n 
B 2 6  DC  6  17 17 DC  CYT E . n 
B 2 7  DC  7  18 18 DC  CYT E . n 
B 2 8  DC  8  19 19 DC  CYT E . n 
B 2 9  DC  9  20 20 DC  CYT E . n 
B 2 10 DC  10 21 21 DC  CYT E . n 
B 2 11 DA  11 22 22 DA  ADE E . n 
C 3 1  ALA 1  2  2  ALA ALA A . n 
C 3 2  LYS 2  3  3  LYS LYS A . n 
C 3 3  LEU 3  4  4  LEU LEU A . n 
C 3 4  LEU 4  5  5  LEU LEU A . n 
C 3 5  ILE 5  6  6  ILE ILE A . n 
C 3 6  PRO 6  7  7  PRO PRO A . n 
C 3 7  GLN 7  8  8  GLN GLN A . n 
C 3 8  ALA 8  9  9  ALA ALA A . n 
C 3 9  ALA 9  10 10 ALA ALA A . n 
C 3 10 SER 10 11 11 SER SER A . n 
C 3 11 ALA 11 12 12 ALA ALA A . n 
C 3 12 ILE 12 13 13 ILE ILE A . n 
C 3 13 GLU 13 14 14 GLU GLU A . n 
C 3 14 GLN 14 15 15 GLN GLN A . n 
C 3 15 MET 15 16 16 MET MET A . n 
C 3 16 LYS 16 17 17 LYS LYS A . n 
C 3 17 LEU 17 18 18 LEU LEU A . n 
C 3 18 GLU 18 19 19 GLU GLU A . n 
C 3 19 ILE 19 20 20 ILE ILE A . n 
C 3 20 ALA 20 21 21 ALA ALA A . n 
C 3 21 SER 21 22 22 SER SER A . n 
C 3 22 GLU 22 23 23 GLU GLU A . n 
C 3 23 PHE 23 24 24 PHE PHE A . n 
C 3 24 GLY 24 25 25 GLY GLY A . n 
C 3 25 VAL 25 26 26 VAL VAL A . n 
C 3 26 GLN 26 27 27 GLN GLN A . n 
C 3 27 LEU 27 28 28 LEU LEU A . n 
C 3 28 GLY 28 29 29 GLY GLY A . n 
C 3 29 ALA 29 30 30 ALA ALA A . n 
C 3 30 GLU 30 31 31 GLU GLU A . n 
C 3 31 THR 31 32 32 THR THR A . n 
C 3 32 THR 32 33 33 THR THR A . n 
C 3 33 SER 33 34 34 SER SER A . n 
C 3 34 ARG 34 35 35 ARG ARG A . n 
C 3 35 ALA 35 36 36 ALA ALA A . n 
C 3 36 ASN 36 37 37 ASN ASN A . n 
C 3 37 GLY 37 38 38 GLY GLY A . n 
C 3 38 SER 38 39 39 SER SER A . n 
C 3 39 VAL 39 40 40 VAL VAL A . n 
C 3 40 GLY 40 41 41 GLY GLY A . n 
C 3 41 GLY 41 42 42 GLY GLY A . n 
C 3 42 GLU 42 43 43 GLU GLU A . n 
C 3 43 ILE 43 44 44 ILE ILE A . n 
C 3 44 THR 44 45 45 THR THR A . n 
C 3 45 LYS 45 46 46 LYS LYS A . n 
C 3 46 ARG 46 47 47 ARG ARG A . n 
C 3 47 LEU 47 48 48 LEU LEU A . n 
C 3 48 VAL 48 49 49 VAL VAL A . n 
C 3 49 ARG 49 50 50 ARG ARG A . n 
C 3 50 LEU 50 51 51 LEU LEU A . n 
C 3 51 ALA 51 52 52 ALA ALA A . n 
C 3 52 GLN 52 53 53 GLN GLN A . n 
C 3 53 GLN 53 54 54 GLN GLN A . n 
C 3 54 ASN 54 55 55 ASN ASN A . n 
C 3 55 MET 55 56 56 MET MET A . n 
C 3 56 GLY 56 57 57 GLY GLY A . n 
C 3 57 GLY 57 58 ?  ?   ?   A . n 
C 3 58 GLN 58 59 ?  ?   ?   A . n 
C 3 59 PHE 59 60 ?  ?   ?   A . n 
C 3 60 HIS 60 61 ?  ?   ?   A . n 
C 3 61 GLY 61 62 ?  ?   ?   A . n 
C 3 62 GLN 62 63 ?  ?   ?   A . n 
C 3 63 GLN 63 64 ?  ?   ?   A . n 
D 3 1  ALA 1  2  2  ALA ALA B . n 
D 3 2  LYS 2  3  3  LYS LYS B . n 
D 3 3  LEU 3  4  4  LEU LEU B . n 
D 3 4  LEU 4  5  5  LEU LEU B . n 
D 3 5  ILE 5  6  6  ILE ILE B . n 
D 3 6  PRO 6  7  7  PRO PRO B . n 
D 3 7  GLN 7  8  8  GLN GLN B . n 
D 3 8  ALA 8  9  9  ALA ALA B . n 
D 3 9  ALA 9  10 10 ALA ALA B . n 
D 3 10 SER 10 11 11 SER SER B . n 
D 3 11 ALA 11 12 12 ALA ALA B . n 
D 3 12 ILE 12 13 13 ILE ILE B . n 
D 3 13 GLU 13 14 14 GLU GLU B . n 
D 3 14 GLN 14 15 15 GLN GLN B . n 
D 3 15 MET 15 16 16 MET MET B . n 
D 3 16 LYS 16 17 17 LYS LYS B . n 
D 3 17 LEU 17 18 18 LEU LEU B . n 
D 3 18 GLU 18 19 19 GLU GLU B . n 
D 3 19 ILE 19 20 20 ILE ILE B . n 
D 3 20 ALA 20 21 21 ALA ALA B . n 
D 3 21 SER 21 22 22 SER SER B . n 
D 3 22 GLU 22 23 23 GLU GLU B . n 
D 3 23 PHE 23 24 24 PHE PHE B . n 
D 3 24 GLY 24 25 25 GLY GLY B . n 
D 3 25 VAL 25 26 26 VAL VAL B . n 
D 3 26 GLN 26 27 27 GLN GLN B . n 
D 3 27 LEU 27 28 28 LEU LEU B . n 
D 3 28 GLY 28 29 29 GLY GLY B . n 
D 3 29 ALA 29 30 30 ALA ALA B . n 
D 3 30 GLU 30 31 31 GLU GLU B . n 
D 3 31 THR 31 32 32 THR THR B . n 
D 3 32 THR 32 33 33 THR THR B . n 
D 3 33 SER 33 34 34 SER SER B . n 
D 3 34 ARG 34 35 35 ARG ARG B . n 
D 3 35 ALA 35 36 36 ALA ALA B . n 
D 3 36 ASN 36 37 37 ASN ASN B . n 
D 3 37 GLY 37 38 38 GLY GLY B . n 
D 3 38 SER 38 39 39 SER SER B . n 
D 3 39 VAL 39 40 40 VAL VAL B . n 
D 3 40 GLY 40 41 41 GLY GLY B . n 
D 3 41 GLY 41 42 42 GLY GLY B . n 
D 3 42 GLU 42 43 43 GLU GLU B . n 
D 3 43 ILE 43 44 44 ILE ILE B . n 
D 3 44 THR 44 45 45 THR THR B . n 
D 3 45 LYS 45 46 46 LYS LYS B . n 
D 3 46 ARG 46 47 47 ARG ARG B . n 
D 3 47 LEU 47 48 48 LEU LEU B . n 
D 3 48 VAL 48 49 49 VAL VAL B . n 
D 3 49 ARG 49 50 50 ARG ARG B . n 
D 3 50 LEU 50 51 51 LEU LEU B . n 
D 3 51 ALA 51 52 52 ALA ALA B . n 
D 3 52 GLN 52 53 53 GLN GLN B . n 
D 3 53 GLN 53 54 54 GLN GLN B . n 
D 3 54 ASN 54 55 55 ASN ASN B . n 
D 3 55 MET 55 56 56 MET MET B . n 
D 3 56 GLY 56 57 57 GLY GLY B . n 
D 3 57 GLY 57 58 ?  ?   ?   B . n 
D 3 58 GLN 58 59 ?  ?   ?   B . n 
D 3 59 PHE 59 60 ?  ?   ?   B . n 
D 3 60 HIS 60 61 ?  ?   ?   B . n 
D 3 61 GLY 61 62 ?  ?   ?   B . n 
D 3 62 GLN 62 63 ?  ?   ?   B . n 
D 3 63 GLN 63 64 ?  ?   ?   B . n 
E 3 1  ALA 1  2  2  ALA ALA C . n 
E 3 2  LYS 2  3  3  LYS LYS C . n 
E 3 3  LEU 3  4  4  LEU LEU C . n 
E 3 4  LEU 4  5  5  LEU LEU C . n 
E 3 5  ILE 5  6  6  ILE ILE C . n 
E 3 6  PRO 6  7  7  PRO PRO C . n 
E 3 7  GLN 7  8  8  GLN GLN C . n 
E 3 8  ALA 8  9  9  ALA ALA C . n 
E 3 9  ALA 9  10 10 ALA ALA C . n 
E 3 10 SER 10 11 11 SER SER C . n 
E 3 11 ALA 11 12 12 ALA ALA C . n 
E 3 12 ILE 12 13 13 ILE ILE C . n 
E 3 13 GLU 13 14 14 GLU GLU C . n 
E 3 14 GLN 14 15 15 GLN GLN C . n 
E 3 15 MET 15 16 16 MET MET C . n 
E 3 16 LYS 16 17 17 LYS LYS C . n 
E 3 17 LEU 17 18 18 LEU LEU C . n 
E 3 18 GLU 18 19 19 GLU GLU C . n 
E 3 19 ILE 19 20 20 ILE ILE C . n 
E 3 20 ALA 20 21 21 ALA ALA C . n 
E 3 21 SER 21 22 22 SER SER C . n 
E 3 22 GLU 22 23 23 GLU GLU C . n 
E 3 23 PHE 23 24 24 PHE PHE C . n 
E 3 24 GLY 24 25 25 GLY GLY C . n 
E 3 25 VAL 25 26 26 VAL VAL C . n 
E 3 26 GLN 26 27 27 GLN GLN C . n 
E 3 27 LEU 27 28 28 LEU LEU C . n 
E 3 28 GLY 28 29 29 GLY GLY C . n 
E 3 29 ALA 29 30 30 ALA ALA C . n 
E 3 30 GLU 30 31 31 GLU GLU C . n 
E 3 31 THR 31 32 32 THR THR C . n 
E 3 32 THR 32 33 33 THR THR C . n 
E 3 33 SER 33 34 34 SER SER C . n 
E 3 34 ARG 34 35 35 ARG ARG C . n 
E 3 35 ALA 35 36 36 ALA ALA C . n 
E 3 36 ASN 36 37 37 ASN ASN C . n 
E 3 37 GLY 37 38 38 GLY GLY C . n 
E 3 38 SER 38 39 39 SER SER C . n 
E 3 39 VAL 39 40 40 VAL VAL C . n 
E 3 40 GLY 40 41 41 GLY GLY C . n 
E 3 41 GLY 41 42 42 GLY GLY C . n 
E 3 42 GLU 42 43 43 GLU GLU C . n 
E 3 43 ILE 43 44 44 ILE ILE C . n 
E 3 44 THR 44 45 45 THR THR C . n 
E 3 45 LYS 45 46 46 LYS LYS C . n 
E 3 46 ARG 46 47 47 ARG ARG C . n 
E 3 47 LEU 47 48 48 LEU LEU C . n 
E 3 48 VAL 48 49 49 VAL VAL C . n 
E 3 49 ARG 49 50 50 ARG ARG C . n 
E 3 50 LEU 50 51 51 LEU LEU C . n 
E 3 51 ALA 51 52 52 ALA ALA C . n 
E 3 52 GLN 52 53 53 GLN GLN C . n 
E 3 53 GLN 53 54 54 GLN GLN C . n 
E 3 54 ASN 54 55 55 ASN ASN C . n 
E 3 55 MET 55 56 56 MET MET C . n 
E 3 56 GLY 56 57 57 GLY GLY C . n 
E 3 57 GLY 57 58 ?  ?   ?   C . n 
E 3 58 GLN 58 59 ?  ?   ?   C . n 
E 3 59 PHE 59 60 ?  ?   ?   C . n 
E 3 60 HIS 60 61 ?  ?   ?   C . n 
E 3 61 GLY 61 62 ?  ?   ?   C . n 
E 3 62 GLN 62 63 ?  ?   ?   C . n 
E 3 63 GLN 63 64 ?  ?   ?   C . n 
# 
loop_
_pdbx_nonpoly_scheme.asym_id 
_pdbx_nonpoly_scheme.entity_id 
_pdbx_nonpoly_scheme.mon_id 
_pdbx_nonpoly_scheme.ndb_seq_num 
_pdbx_nonpoly_scheme.pdb_seq_num 
_pdbx_nonpoly_scheme.auth_seq_num 
_pdbx_nonpoly_scheme.pdb_mon_id 
_pdbx_nonpoly_scheme.auth_mon_id 
_pdbx_nonpoly_scheme.pdb_strand_id 
_pdbx_nonpoly_scheme.pdb_ins_code 
F 4 HOH 1 12 5  HOH HOH D . 
F 4 HOH 2 13 7  HOH HOH D . 
F 4 HOH 3 14 8  HOH HOH D . 
F 4 HOH 4 15 14 HOH HOH D . 
F 4 HOH 5 16 17 HOH HOH D . 
G 4 HOH 1 23 4  HOH HOH E . 
G 4 HOH 2 24 11 HOH HOH E . 
G 4 HOH 3 25 20 HOH HOH E . 
G 4 HOH 4 26 21 HOH HOH E . 
H 4 HOH 1 65 3  HOH HOH A . 
H 4 HOH 2 66 12 HOH HOH A . 
H 4 HOH 3 67 13 HOH HOH A . 
H 4 HOH 4 68 15 HOH HOH A . 
H 4 HOH 5 69 18 HOH HOH A . 
H 4 HOH 6 70 19 HOH HOH A . 
H 4 HOH 7 71 22 HOH HOH A . 
I 4 HOH 1 65 2  HOH HOH B . 
I 4 HOH 2 66 6  HOH HOH B . 
I 4 HOH 3 67 10 HOH HOH B . 
J 4 HOH 1 65 1  HOH HOH C . 
J 4 HOH 2 66 9  HOH HOH C . 
J 4 HOH 3 67 16 HOH HOH C . 
# 
loop_
_software.name 
_software.classification 
_software.version 
_software.citation_id 
_software.pdbx_ordinal 
_software.date 
_software.type 
_software.location 
_software.language 
CNS       refinement        1.1 ? 1 ? ? ? ? 
HKL-2000  'data collection' .   ? 2 ? ? ? ? 
HKL-2000  'data reduction'  .   ? 3 ? ? ? ? 
SCALEPACK 'data scaling'    .   ? 4 ? ? ? ? 
SnB       phasing           .   ? 5 ? ? ? ? 
# 
_cell.entry_id           2Z3X 
_cell.length_a           86.962 
_cell.length_b           86.962 
_cell.length_c           144.669 
_cell.angle_alpha        90.00 
_cell.angle_beta         90.00 
_cell.angle_gamma        120.00 
_cell.Z_PDB              36 
_cell.pdbx_unique_axis   ? 
_cell.length_a_esd       ? 
_cell.length_b_esd       ? 
_cell.length_c_esd       ? 
_cell.angle_alpha_esd    ? 
_cell.angle_beta_esd     ? 
_cell.angle_gamma_esd    ? 
# 
_symmetry.entry_id                         2Z3X 
_symmetry.space_group_name_H-M             'P 61 2 2' 
_symmetry.pdbx_full_space_group_name_H-M   ? 
_symmetry.cell_setting                     ? 
_symmetry.Int_Tables_number                178 
_symmetry.space_group_name_Hall            ? 
# 
_exptl.entry_id          2Z3X 
_exptl.method            'X-RAY DIFFRACTION' 
_exptl.crystals_number   2 
# 
_exptl_crystal.id                    1 
_exptl_crystal.density_meas          ? 
_exptl_crystal.density_Matthews      2.91 
_exptl_crystal.density_percent_sol   57.79 
_exptl_crystal.description           ? 
_exptl_crystal.F_000                 ? 
_exptl_crystal.preparation           ? 
# 
_exptl_crystal_grow.crystal_id      1 
_exptl_crystal_grow.method          'VAPOR DIFFUSION, HANGING DROP' 
_exptl_crystal_grow.temp            281 
_exptl_crystal_grow.temp_details    ? 
_exptl_crystal_grow.pH              6.0 
_exptl_crystal_grow.pdbx_details    
'0.01M magnesium sulfate, 0.05M sodium cacodylate, 1.4M ammonium sulfate, pH 6.0, VAPOR DIFFUSION, HANGING DROP, temperature 281K' 
_exptl_crystal_grow.pdbx_pH_range   . 
# 
loop_
_exptl_crystal_grow_comp.crystal_id 
_exptl_crystal_grow_comp.id 
_exptl_crystal_grow_comp.sol_id 
_exptl_crystal_grow_comp.name 
_exptl_crystal_grow_comp.volume 
_exptl_crystal_grow_comp.conc 
_exptl_crystal_grow_comp.details 
1 1 1 'magnesium sulfate' ? ? ? 
1 2 1 'sodium cacodylate' ? ? ? 
1 3 1 'ammonium sulfate'  ? ? ? 
1 4 1 H2O                 ? ? ? 
1 5 2 'magnesium sulfate' ? ? ? 
1 6 2 'odium cacodylate'  ? ? ? 
1 7 2 'ammonium sulfate'  ? ? ? 
1 8 2 H2O                 ? ? ? 
# 
loop_
_diffrn.id 
_diffrn.ambient_temp 
_diffrn.ambient_temp_details 
_diffrn.crystal_id 
_diffrn.pdbx_serial_crystal_experiment 
1 100 ? 1 ? 
2 ?   ? 1 ? 
# 
loop_
_diffrn_detector.diffrn_id 
_diffrn_detector.detector 
_diffrn_detector.type 
_diffrn_detector.pdbx_collection_date 
_diffrn_detector.details 
1 CCD 'ADSC QUANTUM 210' 2003-07-03 ? 
2 CCD 'ADSC QUANTUM 210' 2003-07-03 ? 
# 
loop_
_diffrn_radiation.diffrn_id 
_diffrn_radiation.wavelength_id 
_diffrn_radiation.pdbx_monochromatic_or_laue_m_l 
_diffrn_radiation.monochromator 
_diffrn_radiation.pdbx_diffrn_protocol 
_diffrn_radiation.pdbx_scattering_type 
1 1 M 'Double crystal, Si (111)' 'SINGLE WAVELENGTH' x-ray 
2 1 M 'Double crystal, Si (111)' MAD                 x-ray 
# 
loop_
_diffrn_radiation_wavelength.id 
_diffrn_radiation_wavelength.wavelength 
_diffrn_radiation_wavelength.wt 
1 1.1000 1.0 
2 0.9799 1.0 
3 0.9800 1.0 
4 0.9574 1.0 
# 
loop_
_diffrn_source.diffrn_id 
_diffrn_source.source 
_diffrn_source.type 
_diffrn_source.pdbx_synchrotron_site 
_diffrn_source.pdbx_synchrotron_beamline 
_diffrn_source.pdbx_wavelength 
_diffrn_source.pdbx_wavelength_list 
1 SYNCHROTRON 'ALS BEAMLINE 8.2.1' ALS 8.2.1 ? 1.1000                   
2 SYNCHROTRON 'ALS BEAMLINE 8.2.1' ALS 8.2.1 ? '0.9799, 0.9800, 0.9574' 
# 
_reflns.entry_id                     2Z3X 
_reflns.observed_criterion_sigma_I   0.0 
_reflns.observed_criterion_sigma_F   0.0 
_reflns.d_resolution_low             50 
_reflns.d_resolution_high            2.1 
_reflns.number_obs                   17711 
_reflns.number_all                   18561 
_reflns.percent_possible_obs         90.5 
_reflns.pdbx_Rmerge_I_obs            0.050 
_reflns.pdbx_Rsym_value              0.050 
_reflns.pdbx_netI_over_sigmaI        15.9 
_reflns.B_iso_Wilson_estimate        28.6 
_reflns.pdbx_redundancy              7.6 
_reflns.R_free_details               ? 
_reflns.pdbx_chi_squared             ? 
_reflns.pdbx_scaling_rejects         ? 
_reflns.pdbx_diffrn_id               1,2 
_reflns.pdbx_ordinal                 1 
# 
_reflns_shell.d_res_high             2.10 
_reflns_shell.d_res_low              2.18 
_reflns_shell.percent_possible_all   59.4 
_reflns_shell.Rmerge_I_obs           0.292 
_reflns_shell.pdbx_Rsym_value        0.292 
_reflns_shell.meanI_over_sigI_obs    2.7 
_reflns_shell.pdbx_redundancy        3.6 
_reflns_shell.percent_possible_obs   ? 
_reflns_shell.number_unique_all      1144 
_reflns_shell.number_measured_all    ? 
_reflns_shell.number_measured_obs    ? 
_reflns_shell.number_unique_obs      ? 
_reflns_shell.pdbx_chi_squared       ? 
_reflns_shell.pdbx_diffrn_id         ? 
_reflns_shell.pdbx_ordinal           1 
# 
_refine.entry_id                                 2Z3X 
_refine.ls_number_reflns_obs                     17708 
_refine.ls_number_reflns_all                     18561 
_refine.pdbx_ls_sigma_I                          0.0 
_refine.pdbx_ls_sigma_F                          0.0 
_refine.pdbx_data_cutoff_high_absF               31089.69 
_refine.pdbx_data_cutoff_low_absF                0.000000 
_refine.pdbx_data_cutoff_high_rms_absF           ? 
_refine.ls_d_res_low                             27.93 
_refine.ls_d_res_high                            2.10 
_refine.ls_percent_reflns_obs                    90.7 
_refine.ls_R_factor_obs                          0.257 
_refine.ls_R_factor_all                          ? 
_refine.ls_R_factor_R_work                       0.257 
_refine.ls_R_factor_R_free                       0.283 
_refine.ls_R_factor_R_free_error                 0.010 
_refine.ls_R_factor_R_free_error_details         ? 
_refine.ls_percent_reflns_R_free                 4.8 
_refine.ls_number_reflns_R_free                  853 
_refine.ls_number_parameters                     ? 
_refine.ls_number_restraints                     ? 
_refine.occupancy_min                            ? 
_refine.occupancy_max                            ? 
_refine.correlation_coeff_Fo_to_Fc               ? 
_refine.correlation_coeff_Fo_to_Fc_free          ? 
_refine.B_iso_mean                               60.9 
_refine.aniso_B[1][1]                            -11.18 
_refine.aniso_B[2][2]                            -11.18 
_refine.aniso_B[3][3]                            22.36 
_refine.aniso_B[1][2]                            -4.52 
_refine.aniso_B[1][3]                            0.00 
_refine.aniso_B[2][3]                            0.00 
_refine.solvent_model_details                    'FLAT MODEL' 
_refine.solvent_model_param_ksol                 0.382571 
_refine.solvent_model_param_bsol                 56.4873 
_refine.pdbx_solvent_vdw_probe_radii             ? 
_refine.pdbx_solvent_ion_probe_radii             ? 
_refine.pdbx_solvent_shrinkage_radii             ? 
_refine.pdbx_ls_cross_valid_method               THROUGHOUT 
_refine.details                                  ? 
_refine.pdbx_starting_model                      ? 
_refine.pdbx_method_to_determine_struct          MAD 
_refine.pdbx_isotropic_thermal_model             RESTRAINED 
_refine.pdbx_stereochemistry_target_values       ? 
_refine.pdbx_stereochem_target_val_spec_case     ? 
_refine.pdbx_R_Free_selection_details            RANDOM 
_refine.pdbx_overall_ESU_R                       ? 
_refine.pdbx_overall_ESU_R_Free                  ? 
_refine.overall_SU_ML                            ? 
_refine.overall_SU_B                             ? 
_refine.ls_redundancy_reflns_obs                 ? 
_refine.overall_SU_R_Cruickshank_DPI             ? 
_refine.overall_SU_R_free                        ? 
_refine.ls_wR_factor_R_free                      ? 
_refine.ls_wR_factor_R_work                      ? 
_refine.overall_FOM_free_R_set                   ? 
_refine.overall_FOM_work_R_set                   ? 
_refine.pdbx_overall_phase_error                 ? 
_refine.pdbx_refine_id                           'X-RAY DIFFRACTION' 
_refine.pdbx_diffrn_id                           1 
_refine.pdbx_TLS_residual_ADP_flag               ? 
_refine.pdbx_overall_SU_R_free_Cruickshank_DPI   ? 
_refine.pdbx_overall_SU_R_Blow_DPI               ? 
_refine.pdbx_overall_SU_R_free_Blow_DPI          ? 
# 
_refine_analyze.entry_id                        2Z3X 
_refine_analyze.Luzzati_coordinate_error_obs    0.34 
_refine_analyze.Luzzati_sigma_a_obs             0.50 
_refine_analyze.Luzzati_d_res_low_obs           5.00 
_refine_analyze.Luzzati_coordinate_error_free   0.37 
_refine_analyze.Luzzati_sigma_a_free            0.41 
_refine_analyze.Luzzati_d_res_low_free          ? 
_refine_analyze.number_disordered_residues      ? 
_refine_analyze.occupancy_sum_hydrogen          ? 
_refine_analyze.occupancy_sum_non_hydrogen      ? 
_refine_analyze.pdbx_refine_id                  'X-RAY DIFFRACTION' 
# 
_refine_hist.pdbx_refine_id                   'X-RAY DIFFRACTION' 
_refine_hist.cycle_id                         LAST 
_refine_hist.pdbx_number_atoms_protein        1230 
_refine_hist.pdbx_number_atoms_nucleic_acid   446 
_refine_hist.pdbx_number_atoms_ligand         0 
_refine_hist.number_atoms_solvent             22 
_refine_hist.number_atoms_total               1698 
_refine_hist.d_res_high                       2.10 
_refine_hist.d_res_low                        27.93 
# 
loop_
_refine_ls_restr.type 
_refine_ls_restr.dev_ideal 
_refine_ls_restr.dev_ideal_target 
_refine_ls_restr.weight 
_refine_ls_restr.number 
_refine_ls_restr.pdbx_refine_id 
_refine_ls_restr.pdbx_restraint_function 
c_bond_d           0.005 ? ? ? 'X-RAY DIFFRACTION' ? 
c_angle_deg        1.1   ? ? ? 'X-RAY DIFFRACTION' ? 
c_dihedral_angle_d 22.7  ? ? ? 'X-RAY DIFFRACTION' ? 
c_improper_angle_d 0.88  ? ? ? 'X-RAY DIFFRACTION' ? 
# 
_refine_ls_shell.pdbx_total_number_of_bins_used   6 
_refine_ls_shell.d_res_high                       2.10 
_refine_ls_shell.d_res_low                        2.23 
_refine_ls_shell.number_reflns_R_work             1906 
_refine_ls_shell.R_factor_R_work                  0.42 
_refine_ls_shell.percent_reflns_obs               63.2 
_refine_ls_shell.R_factor_R_free                  0.404 
_refine_ls_shell.R_factor_R_free_error            0.039 
_refine_ls_shell.percent_reflns_R_free            5.2 
_refine_ls_shell.number_reflns_R_free             105 
_refine_ls_shell.number_reflns_all                ? 
_refine_ls_shell.R_factor_all                     ? 
_refine_ls_shell.number_reflns_obs                2019 
_refine_ls_shell.redundancy_reflns_obs            ? 
_refine_ls_shell.pdbx_refine_id                   'X-RAY DIFFRACTION' 
# 
loop_
_pdbx_xplor_file.serial_no 
_pdbx_xplor_file.param_file 
_pdbx_xplor_file.topol_file 
_pdbx_xplor_file.pdbx_refine_id 
1 protein_rep.param protein.top 'X-RAY DIFFRACTION' 
2 dna-rna_rep.param dna-rna.top 'X-RAY DIFFRACTION' 
3 water_rep.param   water.top   'X-RAY DIFFRACTION' 
# 
_struct.entry_id                  2Z3X 
_struct.title                     'Structure of a Protein-DNA Complex Essential for DNA Protection in Spore of Bacillus Species' 
_struct.pdbx_model_details        ? 
_struct.pdbx_CASP_flag            Y 
_struct.pdbx_model_type_details   ? 
# 
_struct_keywords.entry_id        2Z3X 
_struct_keywords.pdbx_keywords   'DNA BINDING PROTEIN/DNA' 
_struct_keywords.text            
'alpha/beta-type SASP, Bacillus subtils spore, Protein-DNA complex, DNA BINDING PROTEIN-DNA COMPLEX' 
# 
loop_
_struct_asym.id 
_struct_asym.pdbx_blank_PDB_chainid_flag 
_struct_asym.pdbx_modified 
_struct_asym.entity_id 
_struct_asym.details 
A N N 1 ? 
B N N 2 ? 
C N N 3 ? 
D N N 3 ? 
E N N 3 ? 
F N N 4 ? 
G N N 4 ? 
H N N 4 ? 
I N N 4 ? 
J N N 4 ? 
# 
loop_
_struct_ref.id 
_struct_ref.db_name 
_struct_ref.db_code 
_struct_ref.pdbx_db_accession 
_struct_ref.entity_id 
_struct_ref.pdbx_seq_one_letter_code 
_struct_ref.pdbx_align_begin 
_struct_ref.pdbx_db_isoform 
1 UNP SSPC_BACSU P02958 3 MAQQSRSRSNNNNDLLIPQAASAIEQMKLEIASEFGVQLGAETTSRANGSVGGEITKRLVRLAQQNMGGQFH 1 ? 
2 PDB 2Z3X       2Z3X   1 ?                                                                        ? ? 
3 PDB 2Z3X       2Z3X   2 ?                                                                        ? ? 
# 
loop_
_struct_ref_seq.align_id 
_struct_ref_seq.ref_id 
_struct_ref_seq.pdbx_PDB_id_code 
_struct_ref_seq.pdbx_strand_id 
_struct_ref_seq.seq_align_beg 
_struct_ref_seq.pdbx_seq_align_beg_ins_code 
_struct_ref_seq.seq_align_end 
_struct_ref_seq.pdbx_seq_align_end_ins_code 
_struct_ref_seq.pdbx_db_accession 
_struct_ref_seq.db_align_beg 
_struct_ref_seq.pdbx_db_align_beg_ins_code 
_struct_ref_seq.db_align_end 
_struct_ref_seq.pdbx_db_align_end_ins_code 
_struct_ref_seq.pdbx_auth_seq_align_beg 
_struct_ref_seq.pdbx_auth_seq_align_end 
1 1 2Z3X A 1 ? 60 ? P02958 13 ? 72 ? 2  61 
2 1 2Z3X B 1 ? 60 ? P02958 13 ? 72 ? 2  61 
3 1 2Z3X C 1 ? 60 ? P02958 13 ? 72 ? 2  61 
4 2 2Z3X D 1 ? 11 ? 2Z3X   1  ? 11 ? 1  11 
5 3 2Z3X E 1 ? 11 ? 2Z3X   12 ? 22 ? 12 22 
# 
loop_
_struct_ref_seq_dif.align_id 
_struct_ref_seq_dif.pdbx_pdb_id_code 
_struct_ref_seq_dif.mon_id 
_struct_ref_seq_dif.pdbx_pdb_strand_id 
_struct_ref_seq_dif.seq_num 
_struct_ref_seq_dif.pdbx_pdb_ins_code 
_struct_ref_seq_dif.pdbx_seq_db_name 
_struct_ref_seq_dif.pdbx_seq_db_accession_code 
_struct_ref_seq_dif.db_mon_id 
_struct_ref_seq_dif.pdbx_seq_db_seq_num 
_struct_ref_seq_dif.details 
_struct_ref_seq_dif.pdbx_auth_seq_num 
_struct_ref_seq_dif.pdbx_ordinal 
1 2Z3X ?   A ?  ? UNP P02958 MET 1  deletion              ?  1  
1 2Z3X ?   A ?  ? UNP P02958 ALA 2  deletion              ?  2  
1 2Z3X ?   A ?  ? UNP P02958 GLN 3  deletion              ?  3  
1 2Z3X ?   A ?  ? UNP P02958 GLN 4  deletion              ?  4  
1 2Z3X ?   A ?  ? UNP P02958 SER 5  deletion              ?  5  
1 2Z3X ?   A ?  ? UNP P02958 ARG 6  deletion              ?  6  
1 2Z3X ?   A ?  ? UNP P02958 SER 7  deletion              ?  7  
1 2Z3X ?   A ?  ? UNP P02958 ARG 8  deletion              ?  8  
1 2Z3X ?   A ?  ? UNP P02958 SER 9  deletion              ?  9  
1 2Z3X ?   A ?  ? UNP P02958 ASN 10 deletion              ?  10 
1 2Z3X ?   A ?  ? UNP P02958 ASN 11 deletion              ?  11 
1 2Z3X ?   A ?  ? UNP P02958 ASN 12 deletion              ?  12 
1 2Z3X ALA A 1  ? UNP P02958 ASN 13 'engineered mutation' 2  13 
1 2Z3X LYS A 2  ? UNP P02958 ASP 14 'engineered mutation' 3  14 
1 2Z3X GLY A 61 ? UNP P02958 ?   ?  'expression tag'      62 15 
1 2Z3X GLN A 62 ? UNP P02958 ?   ?  'expression tag'      63 16 
1 2Z3X GLN A 63 ? UNP P02958 ?   ?  'expression tag'      64 17 
2 2Z3X ?   B ?  ? UNP P02958 MET 1  deletion              ?  18 
2 2Z3X ?   B ?  ? UNP P02958 ALA 2  deletion              ?  19 
2 2Z3X ?   B ?  ? UNP P02958 GLN 3  deletion              ?  20 
2 2Z3X ?   B ?  ? UNP P02958 GLN 4  deletion              ?  21 
2 2Z3X ?   B ?  ? UNP P02958 SER 5  deletion              ?  22 
2 2Z3X ?   B ?  ? UNP P02958 ARG 6  deletion              ?  23 
2 2Z3X ?   B ?  ? UNP P02958 SER 7  deletion              ?  24 
2 2Z3X ?   B ?  ? UNP P02958 ARG 8  deletion              ?  25 
2 2Z3X ?   B ?  ? UNP P02958 SER 9  deletion              ?  26 
2 2Z3X ?   B ?  ? UNP P02958 ASN 10 deletion              ?  27 
2 2Z3X ?   B ?  ? UNP P02958 ASN 11 deletion              ?  28 
2 2Z3X ?   B ?  ? UNP P02958 ASN 12 deletion              ?  29 
2 2Z3X ALA B 1  ? UNP P02958 ASN 13 'engineered mutation' 2  30 
2 2Z3X LYS B 2  ? UNP P02958 ASP 14 'engineered mutation' 3  31 
2 2Z3X GLY B 61 ? UNP P02958 ?   ?  'expression tag'      62 32 
2 2Z3X GLN B 62 ? UNP P02958 ?   ?  'expression tag'      63 33 
2 2Z3X GLN B 63 ? UNP P02958 ?   ?  'expression tag'      64 34 
3 2Z3X ?   C ?  ? UNP P02958 MET 1  deletion              ?  35 
3 2Z3X ?   C ?  ? UNP P02958 ALA 2  deletion              ?  36 
3 2Z3X ?   C ?  ? UNP P02958 GLN 3  deletion              ?  37 
3 2Z3X ?   C ?  ? UNP P02958 GLN 4  deletion              ?  38 
3 2Z3X ?   C ?  ? UNP P02958 SER 5  deletion              ?  39 
3 2Z3X ?   C ?  ? UNP P02958 ARG 6  deletion              ?  40 
3 2Z3X ?   C ?  ? UNP P02958 SER 7  deletion              ?  41 
3 2Z3X ?   C ?  ? UNP P02958 ARG 8  deletion              ?  42 
3 2Z3X ?   C ?  ? UNP P02958 SER 9  deletion              ?  43 
3 2Z3X ?   C ?  ? UNP P02958 ASN 10 deletion              ?  44 
3 2Z3X ?   C ?  ? UNP P02958 ASN 11 deletion              ?  45 
3 2Z3X ?   C ?  ? UNP P02958 ASN 12 deletion              ?  46 
3 2Z3X ALA C 1  ? UNP P02958 ASN 13 'engineered mutation' 2  47 
3 2Z3X LYS C 2  ? UNP P02958 ASP 14 'engineered mutation' 3  48 
3 2Z3X GLY C 61 ? UNP P02958 ?   ?  'expression tag'      62 49 
3 2Z3X GLN C 62 ? UNP P02958 ?   ?  'expression tag'      63 50 
3 2Z3X GLN C 63 ? UNP P02958 ?   ?  'expression tag'      64 51 
# 
_pdbx_struct_assembly.id                   1 
_pdbx_struct_assembly.details              author_defined_assembly 
_pdbx_struct_assembly.method_details       ? 
_pdbx_struct_assembly.oligomeric_details   pentameric 
_pdbx_struct_assembly.oligomeric_count     5 
# 
_pdbx_struct_assembly_gen.assembly_id       1 
_pdbx_struct_assembly_gen.oper_expression   1 
_pdbx_struct_assembly_gen.asym_id_list      A,B,C,D,E,F,G,H,I,J 
# 
_pdbx_struct_oper_list.id                   1 
_pdbx_struct_oper_list.type                 'identity operation' 
_pdbx_struct_oper_list.name                 1_555 
_pdbx_struct_oper_list.symmetry_operation   x,y,z 
_pdbx_struct_oper_list.matrix[1][1]         1.0000000000 
_pdbx_struct_oper_list.matrix[1][2]         0.0000000000 
_pdbx_struct_oper_list.matrix[1][3]         0.0000000000 
_pdbx_struct_oper_list.vector[1]            0.0000000000 
_pdbx_struct_oper_list.matrix[2][1]         0.0000000000 
_pdbx_struct_oper_list.matrix[2][2]         1.0000000000 
_pdbx_struct_oper_list.matrix[2][3]         0.0000000000 
_pdbx_struct_oper_list.vector[2]            0.0000000000 
_pdbx_struct_oper_list.matrix[3][1]         0.0000000000 
_pdbx_struct_oper_list.matrix[3][2]         0.0000000000 
_pdbx_struct_oper_list.matrix[3][3]         1.0000000000 
_pdbx_struct_oper_list.vector[3]            0.0000000000 
# 
loop_
_struct_conf.conf_type_id 
_struct_conf.id 
_struct_conf.pdbx_PDB_helix_id 
_struct_conf.beg_label_comp_id 
_struct_conf.beg_label_asym_id 
_struct_conf.beg_label_seq_id 
_struct_conf.pdbx_beg_PDB_ins_code 
_struct_conf.end_label_comp_id 
_struct_conf.end_label_asym_id 
_struct_conf.end_label_seq_id 
_struct_conf.pdbx_end_PDB_ins_code 
_struct_conf.beg_auth_comp_id 
_struct_conf.beg_auth_asym_id 
_struct_conf.beg_auth_seq_id 
_struct_conf.end_auth_comp_id 
_struct_conf.end_auth_asym_id 
_struct_conf.end_auth_seq_id 
_struct_conf.pdbx_PDB_helix_class 
_struct_conf.details 
_struct_conf.pdbx_PDB_helix_length 
HELX_P HELX_P1 1 ILE C 5  ? GLN C 7  ? ILE A 6  GLN A 8  5 ? 3  
HELX_P HELX_P2 2 ALA C 8  ? GLY C 24 ? ALA A 9  GLY A 25 1 ? 17 
HELX_P HELX_P3 3 THR C 32 ? ASN C 54 ? THR A 33 ASN A 55 1 ? 23 
HELX_P HELX_P4 4 ILE D 5  ? GLN D 7  ? ILE B 6  GLN B 8  5 ? 3  
HELX_P HELX_P5 5 ALA D 8  ? GLY D 24 ? ALA B 9  GLY B 25 1 ? 17 
HELX_P HELX_P6 6 THR D 32 ? ASN D 54 ? THR B 33 ASN B 55 1 ? 23 
HELX_P HELX_P7 7 ILE E 5  ? GLN E 7  ? ILE C 6  GLN C 8  5 ? 3  
HELX_P HELX_P8 8 ALA E 8  ? GLY E 24 ? ALA C 9  GLY C 25 1 ? 17 
HELX_P HELX_P9 9 THR E 32 ? ASN E 54 ? THR C 33 ASN C 55 1 ? 23 
# 
_struct_conf_type.id          HELX_P 
_struct_conf_type.criteria    ? 
_struct_conf_type.reference   ? 
# 
loop_
_struct_conn.id 
_struct_conn.conn_type_id 
_struct_conn.pdbx_leaving_atom_flag 
_struct_conn.pdbx_PDB_id 
_struct_conn.ptnr1_label_asym_id 
_struct_conn.ptnr1_label_comp_id 
_struct_conn.ptnr1_label_seq_id 
_struct_conn.ptnr1_label_atom_id 
_struct_conn.pdbx_ptnr1_label_alt_id 
_struct_conn.pdbx_ptnr1_PDB_ins_code 
_struct_conn.pdbx_ptnr1_standard_comp_id 
_struct_conn.ptnr1_symmetry 
_struct_conn.ptnr2_label_asym_id 
_struct_conn.ptnr2_label_comp_id 
_struct_conn.ptnr2_label_seq_id 
_struct_conn.ptnr2_label_atom_id 
_struct_conn.pdbx_ptnr2_label_alt_id 
_struct_conn.pdbx_ptnr2_PDB_ins_code 
_struct_conn.ptnr1_auth_asym_id 
_struct_conn.ptnr1_auth_comp_id 
_struct_conn.ptnr1_auth_seq_id 
_struct_conn.ptnr2_auth_asym_id 
_struct_conn.ptnr2_auth_comp_id 
_struct_conn.ptnr2_auth_seq_id 
_struct_conn.ptnr2_symmetry 
_struct_conn.pdbx_ptnr3_label_atom_id 
_struct_conn.pdbx_ptnr3_label_seq_id 
_struct_conn.pdbx_ptnr3_label_comp_id 
_struct_conn.pdbx_ptnr3_label_asym_id 
_struct_conn.pdbx_ptnr3_label_alt_id 
_struct_conn.pdbx_ptnr3_PDB_ins_code 
_struct_conn.details 
_struct_conn.pdbx_dist_value 
_struct_conn.pdbx_value_order 
_struct_conn.pdbx_role 
hydrog1  hydrog ? ? A DG 1  N1 ? ? ? 1_555 B DC 10 N3 ? ? D DG 1  E DC 21 1_555 ? ? ? ? ? ? WATSON-CRICK ? ? ? 
hydrog2  hydrog ? ? A DG 1  N2 ? ? ? 1_555 B DC 10 O2 ? ? D DG 1  E DC 21 1_555 ? ? ? ? ? ? WATSON-CRICK ? ? ? 
hydrog3  hydrog ? ? A DG 1  O6 ? ? ? 1_555 B DC 10 N4 ? ? D DG 1  E DC 21 1_555 ? ? ? ? ? ? WATSON-CRICK ? ? ? 
hydrog4  hydrog ? ? A DG 2  N1 ? ? ? 1_555 B DC 9  N3 ? ? D DG 2  E DC 20 1_555 ? ? ? ? ? ? WATSON-CRICK ? ? ? 
hydrog5  hydrog ? ? A DG 2  N2 ? ? ? 1_555 B DC 9  O2 ? ? D DG 2  E DC 20 1_555 ? ? ? ? ? ? WATSON-CRICK ? ? ? 
hydrog6  hydrog ? ? A DG 2  O6 ? ? ? 1_555 B DC 9  N4 ? ? D DG 2  E DC 20 1_555 ? ? ? ? ? ? WATSON-CRICK ? ? ? 
hydrog7  hydrog ? ? A DG 3  N1 ? ? ? 1_555 B DC 8  N3 ? ? D DG 3  E DC 19 1_555 ? ? ? ? ? ? WATSON-CRICK ? ? ? 
hydrog8  hydrog ? ? A DG 3  N2 ? ? ? 1_555 B DC 8  O2 ? ? D DG 3  E DC 19 1_555 ? ? ? ? ? ? WATSON-CRICK ? ? ? 
hydrog9  hydrog ? ? A DG 3  O6 ? ? ? 1_555 B DC 8  N4 ? ? D DG 3  E DC 19 1_555 ? ? ? ? ? ? WATSON-CRICK ? ? ? 
hydrog10 hydrog ? ? A DG 4  N1 ? ? ? 1_555 B DC 7  N3 ? ? D DG 4  E DC 18 1_555 ? ? ? ? ? ? WATSON-CRICK ? ? ? 
hydrog11 hydrog ? ? A DG 4  N2 ? ? ? 1_555 B DC 7  O2 ? ? D DG 4  E DC 18 1_555 ? ? ? ? ? ? WATSON-CRICK ? ? ? 
hydrog12 hydrog ? ? A DG 4  O6 ? ? ? 1_555 B DC 7  N4 ? ? D DG 4  E DC 18 1_555 ? ? ? ? ? ? WATSON-CRICK ? ? ? 
hydrog13 hydrog ? ? A DG 5  N1 ? ? ? 1_555 B DC 6  N3 ? ? D DG 5  E DC 17 1_555 ? ? ? ? ? ? WATSON-CRICK ? ? ? 
hydrog14 hydrog ? ? A DG 5  N2 ? ? ? 1_555 B DC 6  O2 ? ? D DG 5  E DC 17 1_555 ? ? ? ? ? ? WATSON-CRICK ? ? ? 
hydrog15 hydrog ? ? A DG 5  O6 ? ? ? 1_555 B DC 6  N4 ? ? D DG 5  E DC 17 1_555 ? ? ? ? ? ? WATSON-CRICK ? ? ? 
hydrog16 hydrog ? ? A DG 6  N1 ? ? ? 1_555 B DC 5  N3 ? ? D DG 6  E DC 16 1_555 ? ? ? ? ? ? WATSON-CRICK ? ? ? 
hydrog17 hydrog ? ? A DG 6  N2 ? ? ? 1_555 B DC 5  O2 ? ? D DG 6  E DC 16 1_555 ? ? ? ? ? ? WATSON-CRICK ? ? ? 
hydrog18 hydrog ? ? A DG 6  O6 ? ? ? 1_555 B DC 5  N4 ? ? D DG 6  E DC 16 1_555 ? ? ? ? ? ? WATSON-CRICK ? ? ? 
hydrog19 hydrog ? ? A DG 7  N1 ? ? ? 1_555 B DC 4  N3 ? ? D DG 7  E DC 15 1_555 ? ? ? ? ? ? WATSON-CRICK ? ? ? 
hydrog20 hydrog ? ? A DG 7  N2 ? ? ? 1_555 B DC 4  O2 ? ? D DG 7  E DC 15 1_555 ? ? ? ? ? ? WATSON-CRICK ? ? ? 
hydrog21 hydrog ? ? A DG 7  O6 ? ? ? 1_555 B DC 4  N4 ? ? D DG 7  E DC 15 1_555 ? ? ? ? ? ? WATSON-CRICK ? ? ? 
hydrog22 hydrog ? ? A DG 8  N1 ? ? ? 1_555 B DC 3  N3 ? ? D DG 8  E DC 14 1_555 ? ? ? ? ? ? WATSON-CRICK ? ? ? 
hydrog23 hydrog ? ? A DG 8  N2 ? ? ? 1_555 B DC 3  O2 ? ? D DG 8  E DC 14 1_555 ? ? ? ? ? ? WATSON-CRICK ? ? ? 
hydrog24 hydrog ? ? A DG 8  O6 ? ? ? 1_555 B DC 3  N4 ? ? D DG 8  E DC 14 1_555 ? ? ? ? ? ? WATSON-CRICK ? ? ? 
hydrog25 hydrog ? ? A DG 9  N1 ? ? ? 1_555 B DC 2  N3 ? ? D DG 9  E DC 13 1_555 ? ? ? ? ? ? WATSON-CRICK ? ? ? 
hydrog26 hydrog ? ? A DG 9  N2 ? ? ? 1_555 B DC 2  O2 ? ? D DG 9  E DC 13 1_555 ? ? ? ? ? ? WATSON-CRICK ? ? ? 
hydrog27 hydrog ? ? A DG 9  O6 ? ? ? 1_555 B DC 2  N4 ? ? D DG 9  E DC 13 1_555 ? ? ? ? ? ? WATSON-CRICK ? ? ? 
hydrog28 hydrog ? ? A DG 10 N1 ? ? ? 1_555 B DC 1  N3 ? ? D DG 10 E DC 12 1_555 ? ? ? ? ? ? WATSON-CRICK ? ? ? 
hydrog29 hydrog ? ? A DG 10 N2 ? ? ? 1_555 B DC 1  O2 ? ? D DG 10 E DC 12 1_555 ? ? ? ? ? ? WATSON-CRICK ? ? ? 
hydrog30 hydrog ? ? A DG 10 O6 ? ? ? 1_555 B DC 1  N4 ? ? D DG 10 E DC 12 1_555 ? ? ? ? ? ? WATSON-CRICK ? ? ? 
# 
_struct_conn_type.id          hydrog 
_struct_conn_type.criteria    ? 
_struct_conn_type.reference   ? 
# 
_pdbx_validate_symm_contact.id                1 
_pdbx_validate_symm_contact.PDB_model_num     1 
_pdbx_validate_symm_contact.auth_atom_id_1    N1 
_pdbx_validate_symm_contact.auth_asym_id_1    D 
_pdbx_validate_symm_contact.auth_comp_id_1    DA 
_pdbx_validate_symm_contact.auth_seq_id_1     11 
_pdbx_validate_symm_contact.PDB_ins_code_1    ? 
_pdbx_validate_symm_contact.label_alt_id_1    ? 
_pdbx_validate_symm_contact.site_symmetry_1   1_555 
_pdbx_validate_symm_contact.auth_atom_id_2    N1 
_pdbx_validate_symm_contact.auth_asym_id_2    D 
_pdbx_validate_symm_contact.auth_comp_id_2    DA 
_pdbx_validate_symm_contact.auth_seq_id_2     11 
_pdbx_validate_symm_contact.PDB_ins_code_2    ? 
_pdbx_validate_symm_contact.label_alt_id_2    ? 
_pdbx_validate_symm_contact.site_symmetry_2   12_566 
_pdbx_validate_symm_contact.dist              2.10 
# 
loop_
_pdbx_validate_torsion.id 
_pdbx_validate_torsion.PDB_model_num 
_pdbx_validate_torsion.auth_comp_id 
_pdbx_validate_torsion.auth_asym_id 
_pdbx_validate_torsion.auth_seq_id 
_pdbx_validate_torsion.PDB_ins_code 
_pdbx_validate_torsion.label_alt_id 
_pdbx_validate_torsion.phi 
_pdbx_validate_torsion.psi 
1 1 MET A 56 ? ? -172.06 -48.42 
2 1 LYS B 3  ? ? -46.71  104.90 
3 1 ASN B 55 ? ? -76.14  34.32  
4 1 LEU C 28 ? ? -60.11  95.37  
5 1 ASN C 55 ? ? -84.12  35.74  
6 1 MET C 56 ? ? -149.46 -20.58 
# 
loop_
_pdbx_unobs_or_zero_occ_residues.id 
_pdbx_unobs_or_zero_occ_residues.PDB_model_num 
_pdbx_unobs_or_zero_occ_residues.polymer_flag 
_pdbx_unobs_or_zero_occ_residues.occupancy_flag 
_pdbx_unobs_or_zero_occ_residues.auth_asym_id 
_pdbx_unobs_or_zero_occ_residues.auth_comp_id 
_pdbx_unobs_or_zero_occ_residues.auth_seq_id 
_pdbx_unobs_or_zero_occ_residues.PDB_ins_code 
_pdbx_unobs_or_zero_occ_residues.label_asym_id 
_pdbx_unobs_or_zero_occ_residues.label_comp_id 
_pdbx_unobs_or_zero_occ_residues.label_seq_id 
1  1 Y 1 A GLY 58 ? C GLY 57 
2  1 Y 1 A GLN 59 ? C GLN 58 
3  1 Y 1 A PHE 60 ? C PHE 59 
4  1 Y 1 A HIS 61 ? C HIS 60 
5  1 Y 1 A GLY 62 ? C GLY 61 
6  1 Y 1 A GLN 63 ? C GLN 62 
7  1 Y 1 A GLN 64 ? C GLN 63 
8  1 Y 1 B GLY 58 ? D GLY 57 
9  1 Y 1 B GLN 59 ? D GLN 58 
10 1 Y 1 B PHE 60 ? D PHE 59 
11 1 Y 1 B HIS 61 ? D HIS 60 
12 1 Y 1 B GLY 62 ? D GLY 61 
13 1 Y 1 B GLN 63 ? D GLN 62 
14 1 Y 1 B GLN 64 ? D GLN 63 
15 1 Y 1 C GLY 58 ? E GLY 57 
16 1 Y 1 C GLN 59 ? E GLN 58 
17 1 Y 1 C PHE 60 ? E PHE 59 
18 1 Y 1 C HIS 61 ? E HIS 60 
19 1 Y 1 C GLY 62 ? E GLY 61 
20 1 Y 1 C GLN 63 ? E GLN 62 
21 1 Y 1 C GLN 64 ? E GLN 63 
# 
loop_
_chem_comp_atom.comp_id 
_chem_comp_atom.atom_id 
_chem_comp_atom.type_symbol 
_chem_comp_atom.pdbx_aromatic_flag 
_chem_comp_atom.pdbx_stereo_config 
_chem_comp_atom.pdbx_ordinal 
ALA N      N N N 1   
ALA CA     C N S 2   
ALA C      C N N 3   
ALA O      O N N 4   
ALA CB     C N N 5   
ALA OXT    O N N 6   
ALA H      H N N 7   
ALA H2     H N N 8   
ALA HA     H N N 9   
ALA HB1    H N N 10  
ALA HB2    H N N 11  
ALA HB3    H N N 12  
ALA HXT    H N N 13  
ARG N      N N N 14  
ARG CA     C N S 15  
ARG C      C N N 16  
ARG O      O N N 17  
ARG CB     C N N 18  
ARG CG     C N N 19  
ARG CD     C N N 20  
ARG NE     N N N 21  
ARG CZ     C N N 22  
ARG NH1    N N N 23  
ARG NH2    N N N 24  
ARG OXT    O N N 25  
ARG H      H N N 26  
ARG H2     H N N 27  
ARG HA     H N N 28  
ARG HB2    H N N 29  
ARG HB3    H N N 30  
ARG HG2    H N N 31  
ARG HG3    H N N 32  
ARG HD2    H N N 33  
ARG HD3    H N N 34  
ARG HE     H N N 35  
ARG HH11   H N N 36  
ARG HH12   H N N 37  
ARG HH21   H N N 38  
ARG HH22   H N N 39  
ARG HXT    H N N 40  
ASN N      N N N 41  
ASN CA     C N S 42  
ASN C      C N N 43  
ASN O      O N N 44  
ASN CB     C N N 45  
ASN CG     C N N 46  
ASN OD1    O N N 47  
ASN ND2    N N N 48  
ASN OXT    O N N 49  
ASN H      H N N 50  
ASN H2     H N N 51  
ASN HA     H N N 52  
ASN HB2    H N N 53  
ASN HB3    H N N 54  
ASN HD21   H N N 55  
ASN HD22   H N N 56  
ASN HXT    H N N 57  
ASP N      N N N 58  
ASP CA     C N S 59  
ASP C      C N N 60  
ASP O      O N N 61  
ASP CB     C N N 62  
ASP CG     C N N 63  
ASP OD1    O N N 64  
ASP OD2    O N N 65  
ASP OXT    O N N 66  
ASP H      H N N 67  
ASP H2     H N N 68  
ASP HA     H N N 69  
ASP HB2    H N N 70  
ASP HB3    H N N 71  
ASP HD2    H N N 72  
ASP HXT    H N N 73  
DA  OP3    O N N 74  
DA  P      P N N 75  
DA  OP1    O N N 76  
DA  OP2    O N N 77  
DA  "O5'"  O N N 78  
DA  "C5'"  C N N 79  
DA  "C4'"  C N R 80  
DA  "O4'"  O N N 81  
DA  "C3'"  C N S 82  
DA  "O3'"  O N N 83  
DA  "C2'"  C N N 84  
DA  "C1'"  C N R 85  
DA  N9     N Y N 86  
DA  C8     C Y N 87  
DA  N7     N Y N 88  
DA  C5     C Y N 89  
DA  C6     C Y N 90  
DA  N6     N N N 91  
DA  N1     N Y N 92  
DA  C2     C Y N 93  
DA  N3     N Y N 94  
DA  C4     C Y N 95  
DA  HOP3   H N N 96  
DA  HOP2   H N N 97  
DA  "H5'"  H N N 98  
DA  "H5''" H N N 99  
DA  "H4'"  H N N 100 
DA  "H3'"  H N N 101 
DA  "HO3'" H N N 102 
DA  "H2'"  H N N 103 
DA  "H2''" H N N 104 
DA  "H1'"  H N N 105 
DA  H8     H N N 106 
DA  H61    H N N 107 
DA  H62    H N N 108 
DA  H2     H N N 109 
DC  OP3    O N N 110 
DC  P      P N N 111 
DC  OP1    O N N 112 
DC  OP2    O N N 113 
DC  "O5'"  O N N 114 
DC  "C5'"  C N N 115 
DC  "C4'"  C N R 116 
DC  "O4'"  O N N 117 
DC  "C3'"  C N S 118 
DC  "O3'"  O N N 119 
DC  "C2'"  C N N 120 
DC  "C1'"  C N R 121 
DC  N1     N N N 122 
DC  C2     C N N 123 
DC  O2     O N N 124 
DC  N3     N N N 125 
DC  C4     C N N 126 
DC  N4     N N N 127 
DC  C5     C N N 128 
DC  C6     C N N 129 
DC  HOP3   H N N 130 
DC  HOP2   H N N 131 
DC  "H5'"  H N N 132 
DC  "H5''" H N N 133 
DC  "H4'"  H N N 134 
DC  "H3'"  H N N 135 
DC  "HO3'" H N N 136 
DC  "H2'"  H N N 137 
DC  "H2''" H N N 138 
DC  "H1'"  H N N 139 
DC  H41    H N N 140 
DC  H42    H N N 141 
DC  H5     H N N 142 
DC  H6     H N N 143 
DG  OP3    O N N 144 
DG  P      P N N 145 
DG  OP1    O N N 146 
DG  OP2    O N N 147 
DG  "O5'"  O N N 148 
DG  "C5'"  C N N 149 
DG  "C4'"  C N R 150 
DG  "O4'"  O N N 151 
DG  "C3'"  C N S 152 
DG  "O3'"  O N N 153 
DG  "C2'"  C N N 154 
DG  "C1'"  C N R 155 
DG  N9     N Y N 156 
DG  C8     C Y N 157 
DG  N7     N Y N 158 
DG  C5     C Y N 159 
DG  C6     C N N 160 
DG  O6     O N N 161 
DG  N1     N N N 162 
DG  C2     C N N 163 
DG  N2     N N N 164 
DG  N3     N N N 165 
DG  C4     C Y N 166 
DG  HOP3   H N N 167 
DG  HOP2   H N N 168 
DG  "H5'"  H N N 169 
DG  "H5''" H N N 170 
DG  "H4'"  H N N 171 
DG  "H3'"  H N N 172 
DG  "HO3'" H N N 173 
DG  "H2'"  H N N 174 
DG  "H2''" H N N 175 
DG  "H1'"  H N N 176 
DG  H8     H N N 177 
DG  H1     H N N 178 
DG  H21    H N N 179 
DG  H22    H N N 180 
GLN N      N N N 181 
GLN CA     C N S 182 
GLN C      C N N 183 
GLN O      O N N 184 
GLN CB     C N N 185 
GLN CG     C N N 186 
GLN CD     C N N 187 
GLN OE1    O N N 188 
GLN NE2    N N N 189 
GLN OXT    O N N 190 
GLN H      H N N 191 
GLN H2     H N N 192 
GLN HA     H N N 193 
GLN HB2    H N N 194 
GLN HB3    H N N 195 
GLN HG2    H N N 196 
GLN HG3    H N N 197 
GLN HE21   H N N 198 
GLN HE22   H N N 199 
GLN HXT    H N N 200 
GLU N      N N N 201 
GLU CA     C N S 202 
GLU C      C N N 203 
GLU O      O N N 204 
GLU CB     C N N 205 
GLU CG     C N N 206 
GLU CD     C N N 207 
GLU OE1    O N N 208 
GLU OE2    O N N 209 
GLU OXT    O N N 210 
GLU H      H N N 211 
GLU H2     H N N 212 
GLU HA     H N N 213 
GLU HB2    H N N 214 
GLU HB3    H N N 215 
GLU HG2    H N N 216 
GLU HG3    H N N 217 
GLU HE2    H N N 218 
GLU HXT    H N N 219 
GLY N      N N N 220 
GLY CA     C N N 221 
GLY C      C N N 222 
GLY O      O N N 223 
GLY OXT    O N N 224 
GLY H      H N N 225 
GLY H2     H N N 226 
GLY HA2    H N N 227 
GLY HA3    H N N 228 
GLY HXT    H N N 229 
HIS N      N N N 230 
HIS CA     C N S 231 
HIS C      C N N 232 
HIS O      O N N 233 
HIS CB     C N N 234 
HIS CG     C Y N 235 
HIS ND1    N Y N 236 
HIS CD2    C Y N 237 
HIS CE1    C Y N 238 
HIS NE2    N Y N 239 
HIS OXT    O N N 240 
HIS H      H N N 241 
HIS H2     H N N 242 
HIS HA     H N N 243 
HIS HB2    H N N 244 
HIS HB3    H N N 245 
HIS HD1    H N N 246 
HIS HD2    H N N 247 
HIS HE1    H N N 248 
HIS HE2    H N N 249 
HIS HXT    H N N 250 
HOH O      O N N 251 
HOH H1     H N N 252 
HOH H2     H N N 253 
ILE N      N N N 254 
ILE CA     C N S 255 
ILE C      C N N 256 
ILE O      O N N 257 
ILE CB     C N S 258 
ILE CG1    C N N 259 
ILE CG2    C N N 260 
ILE CD1    C N N 261 
ILE OXT    O N N 262 
ILE H      H N N 263 
ILE H2     H N N 264 
ILE HA     H N N 265 
ILE HB     H N N 266 
ILE HG12   H N N 267 
ILE HG13   H N N 268 
ILE HG21   H N N 269 
ILE HG22   H N N 270 
ILE HG23   H N N 271 
ILE HD11   H N N 272 
ILE HD12   H N N 273 
ILE HD13   H N N 274 
ILE HXT    H N N 275 
LEU N      N N N 276 
LEU CA     C N S 277 
LEU C      C N N 278 
LEU O      O N N 279 
LEU CB     C N N 280 
LEU CG     C N N 281 
LEU CD1    C N N 282 
LEU CD2    C N N 283 
LEU OXT    O N N 284 
LEU H      H N N 285 
LEU H2     H N N 286 
LEU HA     H N N 287 
LEU HB2    H N N 288 
LEU HB3    H N N 289 
LEU HG     H N N 290 
LEU HD11   H N N 291 
LEU HD12   H N N 292 
LEU HD13   H N N 293 
LEU HD21   H N N 294 
LEU HD22   H N N 295 
LEU HD23   H N N 296 
LEU HXT    H N N 297 
LYS N      N N N 298 
LYS CA     C N S 299 
LYS C      C N N 300 
LYS O      O N N 301 
LYS CB     C N N 302 
LYS CG     C N N 303 
LYS CD     C N N 304 
LYS CE     C N N 305 
LYS NZ     N N N 306 
LYS OXT    O N N 307 
LYS H      H N N 308 
LYS H2     H N N 309 
LYS HA     H N N 310 
LYS HB2    H N N 311 
LYS HB3    H N N 312 
LYS HG2    H N N 313 
LYS HG3    H N N 314 
LYS HD2    H N N 315 
LYS HD3    H N N 316 
LYS HE2    H N N 317 
LYS HE3    H N N 318 
LYS HZ1    H N N 319 
LYS HZ2    H N N 320 
LYS HZ3    H N N 321 
LYS HXT    H N N 322 
MET N      N N N 323 
MET CA     C N S 324 
MET C      C N N 325 
MET O      O N N 326 
MET CB     C N N 327 
MET CG     C N N 328 
MET SD     S N N 329 
MET CE     C N N 330 
MET OXT    O N N 331 
MET H      H N N 332 
MET H2     H N N 333 
MET HA     H N N 334 
MET HB2    H N N 335 
MET HB3    H N N 336 
MET HG2    H N N 337 
MET HG3    H N N 338 
MET HE1    H N N 339 
MET HE2    H N N 340 
MET HE3    H N N 341 
MET HXT    H N N 342 
PHE N      N N N 343 
PHE CA     C N S 344 
PHE C      C N N 345 
PHE O      O N N 346 
PHE CB     C N N 347 
PHE CG     C Y N 348 
PHE CD1    C Y N 349 
PHE CD2    C Y N 350 
PHE CE1    C Y N 351 
PHE CE2    C Y N 352 
PHE CZ     C Y N 353 
PHE OXT    O N N 354 
PHE H      H N N 355 
PHE H2     H N N 356 
PHE HA     H N N 357 
PHE HB2    H N N 358 
PHE HB3    H N N 359 
PHE HD1    H N N 360 
PHE HD2    H N N 361 
PHE HE1    H N N 362 
PHE HE2    H N N 363 
PHE HZ     H N N 364 
PHE HXT    H N N 365 
PRO N      N N N 366 
PRO CA     C N S 367 
PRO C      C N N 368 
PRO O      O N N 369 
PRO CB     C N N 370 
PRO CG     C N N 371 
PRO CD     C N N 372 
PRO OXT    O N N 373 
PRO H      H N N 374 
PRO HA     H N N 375 
PRO HB2    H N N 376 
PRO HB3    H N N 377 
PRO HG2    H N N 378 
PRO HG3    H N N 379 
PRO HD2    H N N 380 
PRO HD3    H N N 381 
PRO HXT    H N N 382 
SER N      N N N 383 
SER CA     C N S 384 
SER C      C N N 385 
SER O      O N N 386 
SER CB     C N N 387 
SER OG     O N N 388 
SER OXT    O N N 389 
SER H      H N N 390 
SER H2     H N N 391 
SER HA     H N N 392 
SER HB2    H N N 393 
SER HB3    H N N 394 
SER HG     H N N 395 
SER HXT    H N N 396 
THR N      N N N 397 
THR CA     C N S 398 
THR C      C N N 399 
THR O      O N N 400 
THR CB     C N R 401 
THR OG1    O N N 402 
THR CG2    C N N 403 
THR OXT    O N N 404 
THR H      H N N 405 
THR H2     H N N 406 
THR HA     H N N 407 
THR HB     H N N 408 
THR HG1    H N N 409 
THR HG21   H N N 410 
THR HG22   H N N 411 
THR HG23   H N N 412 
THR HXT    H N N 413 
VAL N      N N N 414 
VAL CA     C N S 415 
VAL C      C N N 416 
VAL O      O N N 417 
VAL CB     C N N 418 
VAL CG1    C N N 419 
VAL CG2    C N N 420 
VAL OXT    O N N 421 
VAL H      H N N 422 
VAL H2     H N N 423 
VAL HA     H N N 424 
VAL HB     H N N 425 
VAL HG11   H N N 426 
VAL HG12   H N N 427 
VAL HG13   H N N 428 
VAL HG21   H N N 429 
VAL HG22   H N N 430 
VAL HG23   H N N 431 
VAL HXT    H N N 432 
# 
loop_
_chem_comp_bond.comp_id 
_chem_comp_bond.atom_id_1 
_chem_comp_bond.atom_id_2 
_chem_comp_bond.value_order 
_chem_comp_bond.pdbx_aromatic_flag 
_chem_comp_bond.pdbx_stereo_config 
_chem_comp_bond.pdbx_ordinal 
ALA N     CA     sing N N 1   
ALA N     H      sing N N 2   
ALA N     H2     sing N N 3   
ALA CA    C      sing N N 4   
ALA CA    CB     sing N N 5   
ALA CA    HA     sing N N 6   
ALA C     O      doub N N 7   
ALA C     OXT    sing N N 8   
ALA CB    HB1    sing N N 9   
ALA CB    HB2    sing N N 10  
ALA CB    HB3    sing N N 11  
ALA OXT   HXT    sing N N 12  
ARG N     CA     sing N N 13  
ARG N     H      sing N N 14  
ARG N     H2     sing N N 15  
ARG CA    C      sing N N 16  
ARG CA    CB     sing N N 17  
ARG CA    HA     sing N N 18  
ARG C     O      doub N N 19  
ARG C     OXT    sing N N 20  
ARG CB    CG     sing N N 21  
ARG CB    HB2    sing N N 22  
ARG CB    HB3    sing N N 23  
ARG CG    CD     sing N N 24  
ARG CG    HG2    sing N N 25  
ARG CG    HG3    sing N N 26  
ARG CD    NE     sing N N 27  
ARG CD    HD2    sing N N 28  
ARG CD    HD3    sing N N 29  
ARG NE    CZ     sing N N 30  
ARG NE    HE     sing N N 31  
ARG CZ    NH1    sing N N 32  
ARG CZ    NH2    doub N N 33  
ARG NH1   HH11   sing N N 34  
ARG NH1   HH12   sing N N 35  
ARG NH2   HH21   sing N N 36  
ARG NH2   HH22   sing N N 37  
ARG OXT   HXT    sing N N 38  
ASN N     CA     sing N N 39  
ASN N     H      sing N N 40  
ASN N     H2     sing N N 41  
ASN CA    C      sing N N 42  
ASN CA    CB     sing N N 43  
ASN CA    HA     sing N N 44  
ASN C     O      doub N N 45  
ASN C     OXT    sing N N 46  
ASN CB    CG     sing N N 47  
ASN CB    HB2    sing N N 48  
ASN CB    HB3    sing N N 49  
ASN CG    OD1    doub N N 50  
ASN CG    ND2    sing N N 51  
ASN ND2   HD21   sing N N 52  
ASN ND2   HD22   sing N N 53  
ASN OXT   HXT    sing N N 54  
ASP N     CA     sing N N 55  
ASP N     H      sing N N 56  
ASP N     H2     sing N N 57  
ASP CA    C      sing N N 58  
ASP CA    CB     sing N N 59  
ASP CA    HA     sing N N 60  
ASP C     O      doub N N 61  
ASP C     OXT    sing N N 62  
ASP CB    CG     sing N N 63  
ASP CB    HB2    sing N N 64  
ASP CB    HB3    sing N N 65  
ASP CG    OD1    doub N N 66  
ASP CG    OD2    sing N N 67  
ASP OD2   HD2    sing N N 68  
ASP OXT   HXT    sing N N 69  
DA  OP3   P      sing N N 70  
DA  OP3   HOP3   sing N N 71  
DA  P     OP1    doub N N 72  
DA  P     OP2    sing N N 73  
DA  P     "O5'"  sing N N 74  
DA  OP2   HOP2   sing N N 75  
DA  "O5'" "C5'"  sing N N 76  
DA  "C5'" "C4'"  sing N N 77  
DA  "C5'" "H5'"  sing N N 78  
DA  "C5'" "H5''" sing N N 79  
DA  "C4'" "O4'"  sing N N 80  
DA  "C4'" "C3'"  sing N N 81  
DA  "C4'" "H4'"  sing N N 82  
DA  "O4'" "C1'"  sing N N 83  
DA  "C3'" "O3'"  sing N N 84  
DA  "C3'" "C2'"  sing N N 85  
DA  "C3'" "H3'"  sing N N 86  
DA  "O3'" "HO3'" sing N N 87  
DA  "C2'" "C1'"  sing N N 88  
DA  "C2'" "H2'"  sing N N 89  
DA  "C2'" "H2''" sing N N 90  
DA  "C1'" N9     sing N N 91  
DA  "C1'" "H1'"  sing N N 92  
DA  N9    C8     sing Y N 93  
DA  N9    C4     sing Y N 94  
DA  C8    N7     doub Y N 95  
DA  C8    H8     sing N N 96  
DA  N7    C5     sing Y N 97  
DA  C5    C6     sing Y N 98  
DA  C5    C4     doub Y N 99  
DA  C6    N6     sing N N 100 
DA  C6    N1     doub Y N 101 
DA  N6    H61    sing N N 102 
DA  N6    H62    sing N N 103 
DA  N1    C2     sing Y N 104 
DA  C2    N3     doub Y N 105 
DA  C2    H2     sing N N 106 
DA  N3    C4     sing Y N 107 
DC  OP3   P      sing N N 108 
DC  OP3   HOP3   sing N N 109 
DC  P     OP1    doub N N 110 
DC  P     OP2    sing N N 111 
DC  P     "O5'"  sing N N 112 
DC  OP2   HOP2   sing N N 113 
DC  "O5'" "C5'"  sing N N 114 
DC  "C5'" "C4'"  sing N N 115 
DC  "C5'" "H5'"  sing N N 116 
DC  "C5'" "H5''" sing N N 117 
DC  "C4'" "O4'"  sing N N 118 
DC  "C4'" "C3'"  sing N N 119 
DC  "C4'" "H4'"  sing N N 120 
DC  "O4'" "C1'"  sing N N 121 
DC  "C3'" "O3'"  sing N N 122 
DC  "C3'" "C2'"  sing N N 123 
DC  "C3'" "H3'"  sing N N 124 
DC  "O3'" "HO3'" sing N N 125 
DC  "C2'" "C1'"  sing N N 126 
DC  "C2'" "H2'"  sing N N 127 
DC  "C2'" "H2''" sing N N 128 
DC  "C1'" N1     sing N N 129 
DC  "C1'" "H1'"  sing N N 130 
DC  N1    C2     sing N N 131 
DC  N1    C6     sing N N 132 
DC  C2    O2     doub N N 133 
DC  C2    N3     sing N N 134 
DC  N3    C4     doub N N 135 
DC  C4    N4     sing N N 136 
DC  C4    C5     sing N N 137 
DC  N4    H41    sing N N 138 
DC  N4    H42    sing N N 139 
DC  C5    C6     doub N N 140 
DC  C5    H5     sing N N 141 
DC  C6    H6     sing N N 142 
DG  OP3   P      sing N N 143 
DG  OP3   HOP3   sing N N 144 
DG  P     OP1    doub N N 145 
DG  P     OP2    sing N N 146 
DG  P     "O5'"  sing N N 147 
DG  OP2   HOP2   sing N N 148 
DG  "O5'" "C5'"  sing N N 149 
DG  "C5'" "C4'"  sing N N 150 
DG  "C5'" "H5'"  sing N N 151 
DG  "C5'" "H5''" sing N N 152 
DG  "C4'" "O4'"  sing N N 153 
DG  "C4'" "C3'"  sing N N 154 
DG  "C4'" "H4'"  sing N N 155 
DG  "O4'" "C1'"  sing N N 156 
DG  "C3'" "O3'"  sing N N 157 
DG  "C3'" "C2'"  sing N N 158 
DG  "C3'" "H3'"  sing N N 159 
DG  "O3'" "HO3'" sing N N 160 
DG  "C2'" "C1'"  sing N N 161 
DG  "C2'" "H2'"  sing N N 162 
DG  "C2'" "H2''" sing N N 163 
DG  "C1'" N9     sing N N 164 
DG  "C1'" "H1'"  sing N N 165 
DG  N9    C8     sing Y N 166 
DG  N9    C4     sing Y N 167 
DG  C8    N7     doub Y N 168 
DG  C8    H8     sing N N 169 
DG  N7    C5     sing Y N 170 
DG  C5    C6     sing N N 171 
DG  C5    C4     doub Y N 172 
DG  C6    O6     doub N N 173 
DG  C6    N1     sing N N 174 
DG  N1    C2     sing N N 175 
DG  N1    H1     sing N N 176 
DG  C2    N2     sing N N 177 
DG  C2    N3     doub N N 178 
DG  N2    H21    sing N N 179 
DG  N2    H22    sing N N 180 
DG  N3    C4     sing N N 181 
GLN N     CA     sing N N 182 
GLN N     H      sing N N 183 
GLN N     H2     sing N N 184 
GLN CA    C      sing N N 185 
GLN CA    CB     sing N N 186 
GLN CA    HA     sing N N 187 
GLN C     O      doub N N 188 
GLN C     OXT    sing N N 189 
GLN CB    CG     sing N N 190 
GLN CB    HB2    sing N N 191 
GLN CB    HB3    sing N N 192 
GLN CG    CD     sing N N 193 
GLN CG    HG2    sing N N 194 
GLN CG    HG3    sing N N 195 
GLN CD    OE1    doub N N 196 
GLN CD    NE2    sing N N 197 
GLN NE2   HE21   sing N N 198 
GLN NE2   HE22   sing N N 199 
GLN OXT   HXT    sing N N 200 
GLU N     CA     sing N N 201 
GLU N     H      sing N N 202 
GLU N     H2     sing N N 203 
GLU CA    C      sing N N 204 
GLU CA    CB     sing N N 205 
GLU CA    HA     sing N N 206 
GLU C     O      doub N N 207 
GLU C     OXT    sing N N 208 
GLU CB    CG     sing N N 209 
GLU CB    HB2    sing N N 210 
GLU CB    HB3    sing N N 211 
GLU CG    CD     sing N N 212 
GLU CG    HG2    sing N N 213 
GLU CG    HG3    sing N N 214 
GLU CD    OE1    doub N N 215 
GLU CD    OE2    sing N N 216 
GLU OE2   HE2    sing N N 217 
GLU OXT   HXT    sing N N 218 
GLY N     CA     sing N N 219 
GLY N     H      sing N N 220 
GLY N     H2     sing N N 221 
GLY CA    C      sing N N 222 
GLY CA    HA2    sing N N 223 
GLY CA    HA3    sing N N 224 
GLY C     O      doub N N 225 
GLY C     OXT    sing N N 226 
GLY OXT   HXT    sing N N 227 
HIS N     CA     sing N N 228 
HIS N     H      sing N N 229 
HIS N     H2     sing N N 230 
HIS CA    C      sing N N 231 
HIS CA    CB     sing N N 232 
HIS CA    HA     sing N N 233 
HIS C     O      doub N N 234 
HIS C     OXT    sing N N 235 
HIS CB    CG     sing N N 236 
HIS CB    HB2    sing N N 237 
HIS CB    HB3    sing N N 238 
HIS CG    ND1    sing Y N 239 
HIS CG    CD2    doub Y N 240 
HIS ND1   CE1    doub Y N 241 
HIS ND1   HD1    sing N N 242 
HIS CD2   NE2    sing Y N 243 
HIS CD2   HD2    sing N N 244 
HIS CE1   NE2    sing Y N 245 
HIS CE1   HE1    sing N N 246 
HIS NE2   HE2    sing N N 247 
HIS OXT   HXT    sing N N 248 
HOH O     H1     sing N N 249 
HOH O     H2     sing N N 250 
ILE N     CA     sing N N 251 
ILE N     H      sing N N 252 
ILE N     H2     sing N N 253 
ILE CA    C      sing N N 254 
ILE CA    CB     sing N N 255 
ILE CA    HA     sing N N 256 
ILE C     O      doub N N 257 
ILE C     OXT    sing N N 258 
ILE CB    CG1    sing N N 259 
ILE CB    CG2    sing N N 260 
ILE CB    HB     sing N N 261 
ILE CG1   CD1    sing N N 262 
ILE CG1   HG12   sing N N 263 
ILE CG1   HG13   sing N N 264 
ILE CG2   HG21   sing N N 265 
ILE CG2   HG22   sing N N 266 
ILE CG2   HG23   sing N N 267 
ILE CD1   HD11   sing N N 268 
ILE CD1   HD12   sing N N 269 
ILE CD1   HD13   sing N N 270 
ILE OXT   HXT    sing N N 271 
LEU N     CA     sing N N 272 
LEU N     H      sing N N 273 
LEU N     H2     sing N N 274 
LEU CA    C      sing N N 275 
LEU CA    CB     sing N N 276 
LEU CA    HA     sing N N 277 
LEU C     O      doub N N 278 
LEU C     OXT    sing N N 279 
LEU CB    CG     sing N N 280 
LEU CB    HB2    sing N N 281 
LEU CB    HB3    sing N N 282 
LEU CG    CD1    sing N N 283 
LEU CG    CD2    sing N N 284 
LEU CG    HG     sing N N 285 
LEU CD1   HD11   sing N N 286 
LEU CD1   HD12   sing N N 287 
LEU CD1   HD13   sing N N 288 
LEU CD2   HD21   sing N N 289 
LEU CD2   HD22   sing N N 290 
LEU CD2   HD23   sing N N 291 
LEU OXT   HXT    sing N N 292 
LYS N     CA     sing N N 293 
LYS N     H      sing N N 294 
LYS N     H2     sing N N 295 
LYS CA    C      sing N N 296 
LYS CA    CB     sing N N 297 
LYS CA    HA     sing N N 298 
LYS C     O      doub N N 299 
LYS C     OXT    sing N N 300 
LYS CB    CG     sing N N 301 
LYS CB    HB2    sing N N 302 
LYS CB    HB3    sing N N 303 
LYS CG    CD     sing N N 304 
LYS CG    HG2    sing N N 305 
LYS CG    HG3    sing N N 306 
LYS CD    CE     sing N N 307 
LYS CD    HD2    sing N N 308 
LYS CD    HD3    sing N N 309 
LYS CE    NZ     sing N N 310 
LYS CE    HE2    sing N N 311 
LYS CE    HE3    sing N N 312 
LYS NZ    HZ1    sing N N 313 
LYS NZ    HZ2    sing N N 314 
LYS NZ    HZ3    sing N N 315 
LYS OXT   HXT    sing N N 316 
MET N     CA     sing N N 317 
MET N     H      sing N N 318 
MET N     H2     sing N N 319 
MET CA    C      sing N N 320 
MET CA    CB     sing N N 321 
MET CA    HA     sing N N 322 
MET C     O      doub N N 323 
MET C     OXT    sing N N 324 
MET CB    CG     sing N N 325 
MET CB    HB2    sing N N 326 
MET CB    HB3    sing N N 327 
MET CG    SD     sing N N 328 
MET CG    HG2    sing N N 329 
MET CG    HG3    sing N N 330 
MET SD    CE     sing N N 331 
MET CE    HE1    sing N N 332 
MET CE    HE2    sing N N 333 
MET CE    HE3    sing N N 334 
MET OXT   HXT    sing N N 335 
PHE N     CA     sing N N 336 
PHE N     H      sing N N 337 
PHE N     H2     sing N N 338 
PHE CA    C      sing N N 339 
PHE CA    CB     sing N N 340 
PHE CA    HA     sing N N 341 
PHE C     O      doub N N 342 
PHE C     OXT    sing N N 343 
PHE CB    CG     sing N N 344 
PHE CB    HB2    sing N N 345 
PHE CB    HB3    sing N N 346 
PHE CG    CD1    doub Y N 347 
PHE CG    CD2    sing Y N 348 
PHE CD1   CE1    sing Y N 349 
PHE CD1   HD1    sing N N 350 
PHE CD2   CE2    doub Y N 351 
PHE CD2   HD2    sing N N 352 
PHE CE1   CZ     doub Y N 353 
PHE CE1   HE1    sing N N 354 
PHE CE2   CZ     sing Y N 355 
PHE CE2   HE2    sing N N 356 
PHE CZ    HZ     sing N N 357 
PHE OXT   HXT    sing N N 358 
PRO N     CA     sing N N 359 
PRO N     CD     sing N N 360 
PRO N     H      sing N N 361 
PRO CA    C      sing N N 362 
PRO CA    CB     sing N N 363 
PRO CA    HA     sing N N 364 
PRO C     O      doub N N 365 
PRO C     OXT    sing N N 366 
PRO CB    CG     sing N N 367 
PRO CB    HB2    sing N N 368 
PRO CB    HB3    sing N N 369 
PRO CG    CD     sing N N 370 
PRO CG    HG2    sing N N 371 
PRO CG    HG3    sing N N 372 
PRO CD    HD2    sing N N 373 
PRO CD    HD3    sing N N 374 
PRO OXT   HXT    sing N N 375 
SER N     CA     sing N N 376 
SER N     H      sing N N 377 
SER N     H2     sing N N 378 
SER CA    C      sing N N 379 
SER CA    CB     sing N N 380 
SER CA    HA     sing N N 381 
SER C     O      doub N N 382 
SER C     OXT    sing N N 383 
SER CB    OG     sing N N 384 
SER CB    HB2    sing N N 385 
SER CB    HB3    sing N N 386 
SER OG    HG     sing N N 387 
SER OXT   HXT    sing N N 388 
THR N     CA     sing N N 389 
THR N     H      sing N N 390 
THR N     H2     sing N N 391 
THR CA    C      sing N N 392 
THR CA    CB     sing N N 393 
THR CA    HA     sing N N 394 
THR C     O      doub N N 395 
THR C     OXT    sing N N 396 
THR CB    OG1    sing N N 397 
THR CB    CG2    sing N N 398 
THR CB    HB     sing N N 399 
THR OG1   HG1    sing N N 400 
THR CG2   HG21   sing N N 401 
THR CG2   HG22   sing N N 402 
THR CG2   HG23   sing N N 403 
THR OXT   HXT    sing N N 404 
VAL N     CA     sing N N 405 
VAL N     H      sing N N 406 
VAL N     H2     sing N N 407 
VAL CA    C      sing N N 408 
VAL CA    CB     sing N N 409 
VAL CA    HA     sing N N 410 
VAL C     O      doub N N 411 
VAL C     OXT    sing N N 412 
VAL CB    CG1    sing N N 413 
VAL CB    CG2    sing N N 414 
VAL CB    HB     sing N N 415 
VAL CG1   HG11   sing N N 416 
VAL CG1   HG12   sing N N 417 
VAL CG1   HG13   sing N N 418 
VAL CG2   HG21   sing N N 419 
VAL CG2   HG22   sing N N 420 
VAL CG2   HG23   sing N N 421 
VAL OXT   HXT    sing N N 422 
# 
_ndb_struct_conf_na.entry_id   2Z3X 
_ndb_struct_conf_na.feature    'a-form double helix' 
# 
loop_
_ndb_struct_na_base_pair.model_number 
_ndb_struct_na_base_pair.i_label_asym_id 
_ndb_struct_na_base_pair.i_label_comp_id 
_ndb_struct_na_base_pair.i_label_seq_id 
_ndb_struct_na_base_pair.i_symmetry 
_ndb_struct_na_base_pair.j_label_asym_id 
_ndb_struct_na_base_pair.j_label_comp_id 
_ndb_struct_na_base_pair.j_label_seq_id 
_ndb_struct_na_base_pair.j_symmetry 
_ndb_struct_na_base_pair.shear 
_ndb_struct_na_base_pair.stretch 
_ndb_struct_na_base_pair.stagger 
_ndb_struct_na_base_pair.buckle 
_ndb_struct_na_base_pair.propeller 
_ndb_struct_na_base_pair.opening 
_ndb_struct_na_base_pair.pair_number 
_ndb_struct_na_base_pair.pair_name 
_ndb_struct_na_base_pair.i_auth_asym_id 
_ndb_struct_na_base_pair.i_auth_seq_id 
_ndb_struct_na_base_pair.i_PDB_ins_code 
_ndb_struct_na_base_pair.j_auth_asym_id 
_ndb_struct_na_base_pair.j_auth_seq_id 
_ndb_struct_na_base_pair.j_PDB_ins_code 
_ndb_struct_na_base_pair.hbond_type_28 
_ndb_struct_na_base_pair.hbond_type_12 
1 A DG 1  1_555 B DC 10 1_555 -0.198 -0.173 -0.424 -8.121  2.646   -2.308 1  D_DG1:DC21_E  D 1  ? E 21 ? 19 1 
1 A DG 2  1_555 B DC 9  1_555 -0.238 -0.067 -0.531 -9.950  -3.321  1.884  2  D_DG2:DC20_E  D 2  ? E 20 ? 19 1 
1 A DG 3  1_555 B DC 8  1_555 -0.065 -0.147 -0.209 0.575   -3.713  -0.121 3  D_DG3:DC19_E  D 3  ? E 19 ? 19 1 
1 A DG 4  1_555 B DC 7  1_555 -0.183 -0.124 -0.175 -7.971  -11.496 3.935  4  D_DG4:DC18_E  D 4  ? E 18 ? 19 1 
1 A DG 5  1_555 B DC 6  1_555 -0.177 -0.088 -0.387 -13.560 -9.959  0.390  5  D_DG5:DC17_E  D 5  ? E 17 ? 19 1 
1 A DG 6  1_555 B DC 5  1_555 -0.297 -0.133 0.034  -8.645  -11.476 -0.306 6  D_DG6:DC16_E  D 6  ? E 16 ? 19 1 
1 A DG 7  1_555 B DC 4  1_555 -0.267 -0.155 -0.422 -10.917 -7.749  0.027  7  D_DG7:DC15_E  D 7  ? E 15 ? 19 1 
1 A DG 8  1_555 B DC 3  1_555 -0.209 -0.154 -0.332 -7.201  -6.901  -0.523 8  D_DG8:DC14_E  D 8  ? E 14 ? 19 1 
1 A DG 9  1_555 B DC 2  1_555 -0.204 -0.113 -0.085 -10.978 -10.464 0.872  9  D_DG9:DC13_E  D 9  ? E 13 ? 19 1 
1 A DG 10 1_555 B DC 1  1_555 -0.109 -0.121 -0.065 -3.895  -16.803 1.853  10 D_DG10:DC12_E D 10 ? E 12 ? 19 1 
# 
loop_
_ndb_struct_na_base_pair_step.model_number 
_ndb_struct_na_base_pair_step.i_label_asym_id_1 
_ndb_struct_na_base_pair_step.i_label_comp_id_1 
_ndb_struct_na_base_pair_step.i_label_seq_id_1 
_ndb_struct_na_base_pair_step.i_symmetry_1 
_ndb_struct_na_base_pair_step.j_label_asym_id_1 
_ndb_struct_na_base_pair_step.j_label_comp_id_1 
_ndb_struct_na_base_pair_step.j_label_seq_id_1 
_ndb_struct_na_base_pair_step.j_symmetry_1 
_ndb_struct_na_base_pair_step.i_label_asym_id_2 
_ndb_struct_na_base_pair_step.i_label_comp_id_2 
_ndb_struct_na_base_pair_step.i_label_seq_id_2 
_ndb_struct_na_base_pair_step.i_symmetry_2 
_ndb_struct_na_base_pair_step.j_label_asym_id_2 
_ndb_struct_na_base_pair_step.j_label_comp_id_2 
_ndb_struct_na_base_pair_step.j_label_seq_id_2 
_ndb_struct_na_base_pair_step.j_symmetry_2 
_ndb_struct_na_base_pair_step.shift 
_ndb_struct_na_base_pair_step.slide 
_ndb_struct_na_base_pair_step.rise 
_ndb_struct_na_base_pair_step.tilt 
_ndb_struct_na_base_pair_step.roll 
_ndb_struct_na_base_pair_step.twist 
_ndb_struct_na_base_pair_step.x_displacement 
_ndb_struct_na_base_pair_step.y_displacement 
_ndb_struct_na_base_pair_step.helical_rise 
_ndb_struct_na_base_pair_step.inclination 
_ndb_struct_na_base_pair_step.tip 
_ndb_struct_na_base_pair_step.helical_twist 
_ndb_struct_na_base_pair_step.step_number 
_ndb_struct_na_base_pair_step.step_name 
_ndb_struct_na_base_pair_step.i_auth_asym_id_1 
_ndb_struct_na_base_pair_step.i_auth_seq_id_1 
_ndb_struct_na_base_pair_step.i_PDB_ins_code_1 
_ndb_struct_na_base_pair_step.j_auth_asym_id_1 
_ndb_struct_na_base_pair_step.j_auth_seq_id_1 
_ndb_struct_na_base_pair_step.j_PDB_ins_code_1 
_ndb_struct_na_base_pair_step.i_auth_asym_id_2 
_ndb_struct_na_base_pair_step.i_auth_seq_id_2 
_ndb_struct_na_base_pair_step.i_PDB_ins_code_2 
_ndb_struct_na_base_pair_step.j_auth_asym_id_2 
_ndb_struct_na_base_pair_step.j_auth_seq_id_2 
_ndb_struct_na_base_pair_step.j_PDB_ins_code_2 
1 A DG 1 1_555 B DC 10 1_555 A DG 2  1_555 B DC 9 1_555 0.503  -1.426 3.605 1.481  3.910  32.428 -3.265 -0.616 3.433 6.966  -2.638 
32.689 1 DD_DG1DG2:DC20DC21_EE  D 1 ? E 21 ? D 2  ? E 20 ? 
1 A DG 2 1_555 B DC 9  1_555 A DG 3  1_555 B DC 8 1_555 -0.357 -0.971 3.140 -2.474 2.576  31.305 -2.246 0.219  3.070 4.754  4.565  
31.503 2 DD_DG2DG3:DC19DC20_EE  D 2 ? E 20 ? D 3  ? E 19 ? 
1 A DG 3 1_555 B DC 8  1_555 A DG 4  1_555 B DC 7 1_555 0.570  -1.229 3.568 0.062  4.105  31.821 -3.012 -1.020 3.388 7.448  -0.113 
32.078 3 DD_DG3DG4:DC18DC19_EE  D 3 ? E 19 ? D 4  ? E 18 ? 
1 A DG 4 1_555 B DC 7  1_555 A DG 5  1_555 B DC 6 1_555 -0.411 -1.274 3.538 0.455  4.194  33.762 -2.886 0.780  3.354 7.187  -0.780 
34.017 4 DD_DG4DG5:DC17DC18_EE  D 4 ? E 18 ? D 5  ? E 17 ? 
1 A DG 5 1_555 B DC 6  1_555 A DG 6  1_555 B DC 5 1_555 0.356  -1.420 3.107 -3.616 6.599  31.070 -3.657 -1.237 2.699 12.099 6.629  
31.946 5 DD_DG5DG6:DC16DC17_EE  D 5 ? E 17 ? D 6  ? E 16 ? 
1 A DG 6 1_555 B DC 5  1_555 A DG 7  1_555 B DC 4 1_555 -0.788 -2.241 3.401 1.967  5.669  28.566 -5.641 1.978  2.853 11.330 -3.932 
29.177 6 DD_DG6DG7:DC15DC16_EE  D 6 ? E 16 ? D 7  ? E 15 ? 
1 A DG 7 1_555 B DC 4  1_555 A DG 8  1_555 B DC 3 1_555 0.070  -1.273 3.303 -1.130 11.132 28.339 -4.519 -0.345 2.623 21.698 2.202  
30.425 7 DD_DG7DG8:DC14DC15_EE  D 7 ? E 15 ? D 8  ? E 14 ? 
1 A DG 8 1_555 B DC 3  1_555 A DG 9  1_555 B DC 2 1_555 0.819  -2.048 3.412 0.073  9.784  28.191 -5.903 -1.578 2.574 19.363 -0.144 
29.808 8 DD_DG8DG9:DC13DC14_EE  D 8 ? E 14 ? D 9  ? E 13 ? 
1 A DG 9 1_555 B DC 2  1_555 A DG 10 1_555 B DC 1 1_555 -0.236 -0.804 3.121 0.538  5.685  36.660 -1.976 0.438  2.964 8.971  -0.849 
37.087 9 DD_DG9DG10:DC12DC13_EE D 9 ? E 13 ? D 10 ? E 12 ? 
# 
_atom_sites.entry_id                    2Z3X 
_atom_sites.fract_transf_matrix[1][1]   -0.00229590 
_atom_sites.fract_transf_matrix[1][2]   -0.00714568 
_atom_sites.fract_transf_matrix[1][3]   0.01095314 
_atom_sites.fract_transf_matrix[2][1]   0.00651931 
_atom_sites.fract_transf_matrix[2][2]   0.00278002 
_atom_sites.fract_transf_matrix[2][3]   0.01122833 
_atom_sites.fract_transf_matrix[3][1]   -0.00501067 
_atom_sites.fract_transf_matrix[3][2]   0.00439962 
_atom_sites.fract_transf_matrix[3][3]   0.00181996 
_atom_sites.fract_transf_vector[1]      0.022118 
_atom_sites.fract_transf_vector[2]      0.367899 
_atom_sites.fract_transf_vector[3]      0.508008 
# 
loop_
_atom_type.symbol 
C 
N 
O 
P 
S 
# 
loop_
_atom_site.group_PDB 
_atom_site.id 
_atom_site.type_symbol 
_atom_site.label_atom_id 
_atom_site.label_alt_id 
_atom_site.label_comp_id 
_atom_site.label_asym_id 
_atom_site.label_entity_id 
_atom_site.label_seq_id 
_atom_site.pdbx_PDB_ins_code 
_atom_site.Cartn_x 
_atom_site.Cartn_y 
_atom_site.Cartn_z 
_atom_site.occupancy 
_atom_site.B_iso_or_equiv 
_atom_site.pdbx_formal_charge 
_atom_site.auth_seq_id 
_atom_site.auth_comp_id 
_atom_site.auth_asym_id 
_atom_site.auth_atom_id 
_atom_site.pdbx_PDB_model_num 
ATOM   1    O "O5'" . DG  A 1 1  ? 8.534   -4.297  -15.918 1.00 86.28  ? 1  DG  D "O5'" 1 
ATOM   2    C "C5'" . DG  A 1 1  ? 7.890   -3.355  -15.059 1.00 74.45  ? 1  DG  D "C5'" 1 
ATOM   3    C "C4'" . DG  A 1 1  ? 6.477   -3.092  -15.522 1.00 74.17  ? 1  DG  D "C4'" 1 
ATOM   4    O "O4'" . DG  A 1 1  ? 5.878   -4.352  -15.887 1.00 73.94  ? 1  DG  D "O4'" 1 
ATOM   5    C "C3'" . DG  A 1 1  ? 5.553   -2.485  -14.474 1.00 72.82  ? 1  DG  D "C3'" 1 
ATOM   6    O "O3'" . DG  A 1 1  ? 5.402   -1.092  -14.707 1.00 66.15  ? 1  DG  D "O3'" 1 
ATOM   7    C "C2'" . DG  A 1 1  ? 4.197   -3.060  -14.842 1.00 73.25  ? 1  DG  D "C2'" 1 
ATOM   8    C "C1'" . DG  A 1 1  ? 4.514   -4.394  -15.496 1.00 75.29  ? 1  DG  D "C1'" 1 
ATOM   9    N N9    . DG  A 1 1  ? 4.381   -5.482  -14.536 1.00 78.41  ? 1  DG  D N9    1 
ATOM   10   C C8    . DG  A 1 1  ? 5.401   -6.122  -13.873 1.00 77.41  ? 1  DG  D C8    1 
ATOM   11   N N7    . DG  A 1 1  ? 4.980   -7.029  -13.039 1.00 80.20  ? 1  DG  D N7    1 
ATOM   12   C C5    . DG  A 1 1  ? 3.597   -6.993  -13.165 1.00 83.83  ? 1  DG  D C5    1 
ATOM   13   C C6    . DG  A 1 1  ? 2.600   -7.751  -12.507 1.00 83.55  ? 1  DG  D C6    1 
ATOM   14   O O6    . DG  A 1 1  ? 2.744   -8.631  -11.649 1.00 81.04  ? 1  DG  D O6    1 
ATOM   15   N N1    . DG  A 1 1  ? 1.325   -7.397  -12.936 1.00 81.39  ? 1  DG  D N1    1 
ATOM   16   C C2    . DG  A 1 1  ? 1.047   -6.434  -13.875 1.00 81.63  ? 1  DG  D C2    1 
ATOM   17   N N2    . DG  A 1 1  ? -0.246  -6.236  -14.156 1.00 82.42  ? 1  DG  D N2    1 
ATOM   18   N N3    . DG  A 1 1  ? 1.970   -5.717  -14.494 1.00 82.23  ? 1  DG  D N3    1 
ATOM   19   C C4    . DG  A 1 1  ? 3.215   -6.049  -14.093 1.00 79.74  ? 1  DG  D C4    1 
ATOM   20   P P     . DG  A 1 2  ? 4.908   -0.151  -13.509 1.00 71.16  ? 2  DG  D P     1 
ATOM   21   O OP1   . DG  A 1 2  ? 5.029   1.253   -13.971 1.00 72.59  ? 2  DG  D OP1   1 
ATOM   22   O OP2   . DG  A 1 2  ? 5.607   -0.581  -12.276 1.00 68.37  ? 2  DG  D OP2   1 
ATOM   23   O "O5'" . DG  A 1 2  ? 3.364   -0.512  -13.357 1.00 73.26  ? 2  DG  D "O5'" 1 
ATOM   24   C "C5'" . DG  A 1 2  ? 2.453   -0.288  -14.431 1.00 73.31  ? 2  DG  D "C5'" 1 
ATOM   25   C "C4'" . DG  A 1 2  ? 1.066   -0.742  -14.043 1.00 73.29  ? 2  DG  D "C4'" 1 
ATOM   26   O "O4'" . DG  A 1 2  ? 1.063   -2.183  -13.904 1.00 75.71  ? 2  DG  D "O4'" 1 
ATOM   27   C "C3'" . DG  A 1 2  ? 0.613   -0.211  -12.689 1.00 69.89  ? 2  DG  D "C3'" 1 
ATOM   28   O "O3'" . DG  A 1 2  ? -0.271  0.887   -12.871 1.00 64.40  ? 2  DG  D "O3'" 1 
ATOM   29   C "C2'" . DG  A 1 2  ? -0.299  -1.308  -12.173 1.00 69.66  ? 2  DG  D "C2'" 1 
ATOM   30   C "C1'" . DG  A 1 2  ? 0.188   -2.577  -12.855 1.00 73.24  ? 2  DG  D "C1'" 1 
ATOM   31   N N9    . DG  A 1 2  ? 0.917   -3.469  -11.957 1.00 74.64  ? 2  DG  D N9    1 
ATOM   32   C C8    . DG  A 1 2  ? 2.276   -3.529  -11.763 1.00 71.65  ? 2  DG  D C8    1 
ATOM   33   N N7    . DG  A 1 2  ? 2.628   -4.417  -10.871 1.00 73.76  ? 2  DG  D N7    1 
ATOM   34   C C5    . DG  A 1 2  ? 1.428   -4.980  -10.453 1.00 74.14  ? 2  DG  D C5    1 
ATOM   35   C C6    . DG  A 1 2  ? 1.168   -6.000  -9.489  1.00 73.11  ? 2  DG  D C6    1 
ATOM   36   O O6    . DG  A 1 2  ? 1.976   -6.628  -8.787  1.00 65.72  ? 2  DG  D O6    1 
ATOM   37   N N1    . DG  A 1 2  ? -0.195  -6.264  -9.379  1.00 71.61  ? 2  DG  D N1    1 
ATOM   38   C C2    . DG  A 1 2  ? -1.180  -5.635  -10.100 1.00 69.87  ? 2  DG  D C2    1 
ATOM   39   N N2    . DG  A 1 2  ? -2.432  -6.034  -9.854  1.00 62.18  ? 2  DG  D N2    1 
ATOM   40   N N3    . DG  A 1 2  ? -0.955  -4.685  -10.997 1.00 72.25  ? 2  DG  D N3    1 
ATOM   41   C C4    . DG  A 1 2  ? 0.363   -4.410  -11.121 1.00 74.67  ? 2  DG  D C4    1 
ATOM   42   P P     . DG  A 1 3  ? -0.514  1.894   -11.654 1.00 68.18  ? 3  DG  D P     1 
ATOM   43   O OP1   . DG  A 1 3  ? -1.076  3.172   -12.166 1.00 75.63  ? 3  DG  D OP1   1 
ATOM   44   O OP2   . DG  A 1 3  ? 0.753   1.906   -10.879 1.00 70.32  ? 3  DG  D OP2   1 
ATOM   45   O "O5'" . DG  A 1 3  ? -1.625  1.157   -10.782 1.00 69.84  ? 3  DG  D "O5'" 1 
ATOM   46   C "C5'" . DG  A 1 3  ? -2.937  0.974   -11.293 1.00 64.07  ? 3  DG  D "C5'" 1 
ATOM   47   C "C4'" . DG  A 1 3  ? -3.783  0.205   -10.306 1.00 66.77  ? 3  DG  D "C4'" 1 
ATOM   48   O "O4'" . DG  A 1 3  ? -3.323  -1.167  -10.265 1.00 56.84  ? 3  DG  D "O4'" 1 
ATOM   49   C "C3'" . DG  A 1 3  ? -3.656  0.703   -8.870  1.00 58.31  ? 3  DG  D "C3'" 1 
ATOM   50   O "O3'" . DG  A 1 3  ? -4.762  1.521   -8.513  1.00 57.65  ? 3  DG  D "O3'" 1 
ATOM   51   C "C2'" . DG  A 1 3  ? -3.896  -0.551  -8.055  1.00 54.30  ? 3  DG  D "C2'" 1 
ATOM   52   C "C1'" . DG  A 1 3  ? -3.471  -1.694  -8.955  1.00 59.24  ? 3  DG  D "C1'" 1 
ATOM   53   N N9    . DG  A 1 3  ? -2.198  -2.255  -8.523  1.00 56.10  ? 3  DG  D N9    1 
ATOM   54   C C8    . DG  A 1 3  ? -0.940  -1.804  -8.828  1.00 51.11  ? 3  DG  D C8    1 
ATOM   55   N N7    . DG  A 1 3  ? 0.001   -2.454  -8.200  1.00 62.73  ? 3  DG  D N7    1 
ATOM   56   C C5    . DG  A 1 3  ? -0.679  -3.403  -7.449  1.00 64.37  ? 3  DG  D C5    1 
ATOM   57   C C6    . DG  A 1 3  ? -0.189  -4.388  -6.547  1.00 64.14  ? 3  DG  D C6    1 
ATOM   58   O O6    . DG  A 1 3  ? 0.979   -4.620  -6.221  1.00 64.72  ? 3  DG  D O6    1 
ATOM   59   N N1    . DG  A 1 3  ? -1.225  -5.143  -6.003  1.00 56.33  ? 3  DG  D N1    1 
ATOM   60   C C2    . DG  A 1 3  ? -2.559  -4.970  -6.283  1.00 65.34  ? 3  DG  D C2    1 
ATOM   61   N N2    . DG  A 1 3  ? -3.411  -5.799  -5.660  1.00 52.48  ? 3  DG  D N2    1 
ATOM   62   N N3    . DG  A 1 3  ? -3.026  -4.051  -7.116  1.00 57.53  ? 3  DG  D N3    1 
ATOM   63   C C4    . DG  A 1 3  ? -2.035  -3.310  -7.657  1.00 60.04  ? 3  DG  D C4    1 
ATOM   64   P P     . DG  A 1 4  ? -4.734  2.296   -7.110  1.00 68.78  ? 4  DG  D P     1 
ATOM   65   O OP1   . DG  A 1 4  ? -5.859  3.261   -7.082  1.00 74.08  ? 4  DG  D OP1   1 
ATOM   66   O OP2   . DG  A 1 4  ? -3.345  2.784   -6.903  1.00 63.99  ? 4  DG  D OP2   1 
ATOM   67   O "O5'" . DG  A 1 4  ? -5.062  1.147   -6.058  1.00 67.61  ? 4  DG  D "O5'" 1 
ATOM   68   C "C5'" . DG  A 1 4  ? -6.274  0.410   -6.167  1.00 63.22  ? 4  DG  D "C5'" 1 
ATOM   69   C "C4'" . DG  A 1 4  ? -6.339  -0.663  -5.108  1.00 56.19  ? 4  DG  D "C4'" 1 
ATOM   70   O "O4'" . DG  A 1 4  ? -5.392  -1.707  -5.433  1.00 60.58  ? 4  DG  D "O4'" 1 
ATOM   71   C "C3'" . DG  A 1 4  ? -5.935  -0.177  -3.722  1.00 55.82  ? 4  DG  D "C3'" 1 
ATOM   72   O "O3'" . DG  A 1 4  ? -7.075  0.100   -2.936  1.00 55.34  ? 4  DG  D "O3'" 1 
ATOM   73   C "C2'" . DG  A 1 4  ? -5.355  -1.421  -3.080  1.00 51.32  ? 4  DG  D "C2'" 1 
ATOM   74   C "C1'" . DG  A 1 4  ? -4.829  -2.246  -4.242  1.00 52.00  ? 4  DG  D "C1'" 1 
ATOM   75   N N9    . DG  A 1 4  ? -3.384  -2.118  -4.315  1.00 52.48  ? 4  DG  D N9    1 
ATOM   76   C C8    . DG  A 1 4  ? -2.644  -1.225  -5.057  1.00 55.25  ? 4  DG  D C8    1 
ATOM   77   N N7    . DG  A 1 4  ? -1.362  -1.310  -4.824  1.00 56.07  ? 4  DG  D N7    1 
ATOM   78   C C5    . DG  A 1 4  ? -1.252  -2.331  -3.889  1.00 56.82  ? 4  DG  D C5    1 
ATOM   79   C C6    . DG  A 1 4  ? -0.110  -2.875  -3.245  1.00 62.84  ? 4  DG  D C6    1 
ATOM   80   O O6    . DG  A 1 4  ? 1.078   -2.551  -3.379  1.00 61.54  ? 4  DG  D O6    1 
ATOM   81   N N1    . DG  A 1 4  ? -0.460  -3.901  -2.367  1.00 51.31  ? 4  DG  D N1    1 
ATOM   82   C C2    . DG  A 1 4  ? -1.742  -4.342  -2.141  1.00 55.24  ? 4  DG  D C2    1 
ATOM   83   N N2    . DG  A 1 4  ? -1.892  -5.343  -1.263  1.00 44.27  ? 4  DG  D N2    1 
ATOM   84   N N3    . DG  A 1 4  ? -2.807  -3.840  -2.731  1.00 54.73  ? 4  DG  D N3    1 
ATOM   85   C C4    . DG  A 1 4  ? -2.491  -2.848  -3.584  1.00 55.26  ? 4  DG  D C4    1 
ATOM   86   P P     . DG  A 1 5  ? -6.889  0.886   -1.557  1.00 57.10  ? 5  DG  D P     1 
ATOM   87   O OP1   . DG  A 1 5  ? -8.230  1.367   -1.148  1.00 64.72  ? 5  DG  D OP1   1 
ATOM   88   O OP2   . DG  A 1 5  ? -5.775  1.858   -1.704  1.00 57.34  ? 5  DG  D OP2   1 
ATOM   89   O "O5'" . DG  A 1 5  ? -6.408  -0.250  -0.556  1.00 60.31  ? 5  DG  D "O5'" 1 
ATOM   90   C "C5'" . DG  A 1 5  ? -7.225  -1.379  -0.294  1.00 59.28  ? 5  DG  D "C5'" 1 
ATOM   91   C "C4'" . DG  A 1 5  ? -6.578  -2.234  0.765   1.00 53.73  ? 5  DG  D "C4'" 1 
ATOM   92   O "O4'" . DG  A 1 5  ? -5.427  -2.896  0.192   1.00 58.27  ? 5  DG  D "O4'" 1 
ATOM   93   C "C3'" . DG  A 1 5  ? -6.033  -1.422  1.929   1.00 52.57  ? 5  DG  D "C3'" 1 
ATOM   94   O "O3'" . DG  A 1 5  ? -6.952  -1.444  3.002   1.00 48.03  ? 5  DG  D "O3'" 1 
ATOM   95   C "C2'" . DG  A 1 5  ? -4.847  -2.247  2.397   1.00 46.27  ? 5  DG  D "C2'" 1 
ATOM   96   C "C1'" . DG  A 1 5  ? -4.379  -2.982  1.148   1.00 48.29  ? 5  DG  D "C1'" 1 
ATOM   97   N N9    . DG  A 1 5  ? -3.203  -2.345  0.571   1.00 50.42  ? 5  DG  D N9    1 
ATOM   98   C C8    . DG  A 1 5  ? -3.184  -1.348  -0.377  1.00 49.73  ? 5  DG  D C8    1 
ATOM   99   N N7    . DG  A 1 5  ? -1.978  -0.936  -0.660  1.00 47.70  ? 5  DG  D N7    1 
ATOM   100  C C5    . DG  A 1 5  ? -1.150  -1.718  0.141   1.00 53.66  ? 5  DG  D C5    1 
ATOM   101  C C6    . DG  A 1 5  ? 0.266   -1.729  0.273   1.00 49.54  ? 5  DG  D C6    1 
ATOM   102  O O6    . DG  A 1 5  ? 1.096   -1.026  -0.304  1.00 48.53  ? 5  DG  D O6    1 
ATOM   103  N N1    . DG  A 1 5  ? 0.690   -2.682  1.195   1.00 45.03  ? 5  DG  D N1    1 
ATOM   104  C C2    . DG  A 1 5  ? -0.138  -3.519  1.899   1.00 51.93  ? 5  DG  D C2    1 
ATOM   105  N N2    . DG  A 1 5  ? 0.468   -4.363  2.749   1.00 41.85  ? 5  DG  D N2    1 
ATOM   106  N N3    . DG  A 1 5  ? -1.460  -3.525  1.783   1.00 47.86  ? 5  DG  D N3    1 
ATOM   107  C C4    . DG  A 1 5  ? -1.893  -2.602  0.895   1.00 51.02  ? 5  DG  D C4    1 
ATOM   108  P P     . DG  A 1 6  ? -6.711  -0.483  4.257   1.00 49.55  ? 6  DG  D P     1 
ATOM   109  O OP1   . DG  A 1 6  ? -7.921  -0.543  5.120   1.00 51.97  ? 6  DG  D OP1   1 
ATOM   110  O OP2   . DG  A 1 6  ? -6.193  0.835   3.821   1.00 42.58  ? 6  DG  D OP2   1 
ATOM   111  O "O5'" . DG  A 1 6  ? -5.553  -1.242  5.022   1.00 41.11  ? 6  DG  D "O5'" 1 
ATOM   112  C "C5'" . DG  A 1 6  ? -4.639  -0.519  5.794   1.00 35.06  ? 6  DG  D "C5'" 1 
ATOM   113  C "C4'" . DG  A 1 6  ? -3.578  -1.438  6.339   1.00 42.23  ? 6  DG  D "C4'" 1 
ATOM   114  O "O4'" . DG  A 1 6  ? -2.946  -2.161  5.254   1.00 41.34  ? 6  DG  D "O4'" 1 
ATOM   115  C "C3'" . DG  A 1 6  ? -2.468  -0.691  7.046   1.00 40.22  ? 6  DG  D "C3'" 1 
ATOM   116  O "O3'" . DG  A 1 6  ? -2.739  -0.637  8.431   1.00 39.14  ? 6  DG  D "O3'" 1 
ATOM   117  C "C2'" . DG  A 1 6  ? -1.258  -1.581  6.814   1.00 38.46  ? 6  DG  D "C2'" 1 
ATOM   118  C "C1'" . DG  A 1 6  ? -1.534  -2.214  5.453   1.00 36.83  ? 6  DG  D "C1'" 1 
ATOM   119  N N9    . DG  A 1 6  ? -0.949  -1.354  4.424   1.00 43.56  ? 6  DG  D N9    1 
ATOM   120  C C8    . DG  A 1 6  ? -1.637  -0.558  3.533   1.00 46.89  ? 6  DG  D C8    1 
ATOM   121  N N7    . DG  A 1 6  ? -0.855  0.188   2.796   1.00 48.37  ? 6  DG  D N7    1 
ATOM   122  C C5    . DG  A 1 6  ? 0.425   -0.150  3.206   1.00 47.53  ? 6  DG  D C5    1 
ATOM   123  C C6    . DG  A 1 6  ? 1.684   0.342   2.778   1.00 47.71  ? 6  DG  D C6    1 
ATOM   124  O O6    . DG  A 1 6  ? 1.922   1.212   1.931   1.00 45.83  ? 6  DG  D O6    1 
ATOM   125  N N1    . DG  A 1 6  ? 2.731   -0.278  3.453   1.00 40.69  ? 6  DG  D N1    1 
ATOM   126  C C2    . DG  A 1 6  ? 2.588   -1.243  4.418   1.00 43.90  ? 6  DG  D C2    1 
ATOM   127  N N2    . DG  A 1 6  ? 3.728   -1.718  4.953   1.00 33.46  ? 6  DG  D N2    1 
ATOM   128  N N3    . DG  A 1 6  ? 1.416   -1.708  4.833   1.00 43.50  ? 6  DG  D N3    1 
ATOM   129  C C4    . DG  A 1 6  ? 0.388   -1.119  4.194   1.00 36.84  ? 6  DG  D C4    1 
ATOM   130  P P     . DG  A 1 7  ? -2.112  0.553   9.291   1.00 41.98  ? 7  DG  D P     1 
ATOM   131  O OP1   . DG  A 1 7  ? -2.571  0.372   10.690  1.00 45.59  ? 7  DG  D OP1   1 
ATOM   132  O OP2   . DG  A 1 7  ? -2.346  1.839   8.603   1.00 35.07  ? 7  DG  D OP2   1 
ATOM   133  O "O5'" . DG  A 1 7  ? -0.554  0.234   9.230   1.00 40.99  ? 7  DG  D "O5'" 1 
ATOM   134  C "C5'" . DG  A 1 7  ? -0.050  -0.960  9.808   1.00 41.23  ? 7  DG  D "C5'" 1 
ATOM   135  C "C4'" . DG  A 1 7  ? 1.438   -0.836  10.022  1.00 41.77  ? 7  DG  D "C4'" 1 
ATOM   136  O "O4'" . DG  A 1 7  ? 2.102   -1.043  8.751   1.00 35.40  ? 7  DG  D "O4'" 1 
ATOM   137  C "C3'" . DG  A 1 7  ? 1.855   0.561   10.452  1.00 35.51  ? 7  DG  D "C3'" 1 
ATOM   138  O "O3'" . DG  A 1 7  ? 2.018   0.687   11.858  1.00 45.70  ? 7  DG  D "O3'" 1 
ATOM   139  C "C2'" . DG  A 1 7  ? 3.261   0.680   9.888   1.00 44.37  ? 7  DG  D "C2'" 1 
ATOM   140  C "C1'" . DG  A 1 7  ? 3.248   -0.201  8.649   1.00 37.05  ? 7  DG  D "C1'" 1 
ATOM   141  N N9    . DG  A 1 7  ? 3.101   0.618   7.449   1.00 44.10  ? 7  DG  D N9    1 
ATOM   142  C C8    . DG  A 1 7  ? 1.926   1.020   6.861   1.00 39.11  ? 7  DG  D C8    1 
ATOM   143  N N7    . DG  A 1 7  ? 2.107   1.823   5.849   1.00 36.56  ? 7  DG  D N7    1 
ATOM   144  C C5    . DG  A 1 7  ? 3.483   1.943   5.748   1.00 42.76  ? 7  DG  D C5    1 
ATOM   145  C C6    . DG  A 1 7  ? 4.271   2.699   4.837   1.00 48.27  ? 7  DG  D C6    1 
ATOM   146  O O6    . DG  A 1 7  ? 3.886   3.435   3.919   1.00 40.19  ? 7  DG  D O6    1 
ATOM   147  N N1    . DG  A 1 7  ? 5.636   2.537   5.083   1.00 40.02  ? 7  DG  D N1    1 
ATOM   148  C C2    . DG  A 1 7  ? 6.169   1.747   6.083   1.00 51.93  ? 7  DG  D C2    1 
ATOM   149  N N2    . DG  A 1 7  ? 7.506   1.708   6.169   1.00 35.39  ? 7  DG  D N2    1 
ATOM   150  N N3    . DG  A 1 7  ? 5.439   1.044   6.941   1.00 45.81  ? 7  DG  D N3    1 
ATOM   151  C C4    . DG  A 1 7  ? 4.114   1.190   6.717   1.00 40.75  ? 7  DG  D C4    1 
ATOM   152  P P     . DG  A 1 8  ? 1.919   2.152   12.507  1.00 42.98  ? 8  DG  D P     1 
ATOM   153  O OP1   . DG  A 1 8  ? 1.812   2.060   13.975  1.00 41.71  ? 8  DG  D OP1   1 
ATOM   154  O OP2   . DG  A 1 8  ? 0.878   2.851   11.732  1.00 33.60  ? 8  DG  D OP2   1 
ATOM   155  O "O5'" . DG  A 1 8  ? 3.331   2.796   12.167  1.00 40.26  ? 8  DG  D "O5'" 1 
ATOM   156  C "C5'" . DG  A 1 8  ? 4.511   2.162   12.626  1.00 41.50  ? 8  DG  D "C5'" 1 
ATOM   157  C "C4'" . DG  A 1 8  ? 5.737   2.919   12.180  1.00 40.31  ? 8  DG  D "C4'" 1 
ATOM   158  O "O4'" . DG  A 1 8  ? 5.962   2.676   10.766  1.00 40.28  ? 8  DG  D "O4'" 1 
ATOM   159  C "C3'" . DG  A 1 8  ? 5.592   4.431   12.304  1.00 41.60  ? 8  DG  D "C3'" 1 
ATOM   160  O "O3'" . DG  A 1 8  ? 6.171   4.898   13.510  1.00 38.83  ? 8  DG  D "O3'" 1 
ATOM   161  C "C2'" . DG  A 1 8  ? 6.507   4.945   11.208  1.00 39.27  ? 8  DG  D "C2'" 1 
ATOM   162  C "C1'" . DG  A 1 8  ? 6.518   3.834   10.160  1.00 36.54  ? 8  DG  D "C1'" 1 
ATOM   163  N N9    . DG  A 1 8  ? 5.697   4.217   9.020   1.00 32.93  ? 8  DG  D N9    1 
ATOM   164  C C8    . DG  A 1 8  ? 4.342   4.063   8.860   1.00 36.00  ? 8  DG  D C8    1 
ATOM   165  N N7    . DG  A 1 8  ? 3.888   4.638   7.779   1.00 35.70  ? 8  DG  D N7    1 
ATOM   166  C C5    . DG  A 1 8  ? 5.018   5.180   7.182   1.00 41.63  ? 8  DG  D C5    1 
ATOM   167  C C6    . DG  A 1 8  ? 5.157   5.945   5.989   1.00 42.04  ? 8  DG  D C6    1 
ATOM   168  O O6    . DG  A 1 8  ? 4.279   6.319   5.206   1.00 37.21  ? 8  DG  D O6    1 
ATOM   169  N N1    . DG  A 1 8  ? 6.485   6.282   5.748   1.00 37.29  ? 8  DG  D N1    1 
ATOM   170  C C2    . DG  A 1 8  ? 7.542   5.945   6.552   1.00 45.18  ? 8  DG  D C2    1 
ATOM   171  N N2    . DG  A 1 8  ? 8.746   6.363   6.148   1.00 37.05  ? 8  DG  D N2    1 
ATOM   172  N N3    . DG  A 1 8  ? 7.425   5.248   7.674   1.00 37.79  ? 8  DG  D N3    1 
ATOM   173  C C4    . DG  A 1 8  ? 6.144   4.901   7.922   1.00 37.23  ? 8  DG  D C4    1 
ATOM   174  P P     . DG  A 1 9  ? 6.014   6.443   13.900  1.00 44.30  ? 9  DG  D P     1 
ATOM   175  O OP1   . DG  A 1 9  ? 6.489   6.653   15.287  1.00 40.48  ? 9  DG  D OP1   1 
ATOM   176  O OP2   . DG  A 1 9  ? 4.667   6.913   13.516  1.00 34.28  ? 9  DG  D OP2   1 
ATOM   177  O "O5'" . DG  A 1 9  ? 7.076   7.110   12.933  1.00 44.45  ? 9  DG  D "O5'" 1 
ATOM   178  C "C5'" . DG  A 1 9  ? 6.976   8.469   12.567  1.00 44.16  ? 9  DG  D "C5'" 1 
ATOM   179  C "C4'" . DG  A 1 9  ? 7.963   8.762   11.469  1.00 41.99  ? 9  DG  D "C4'" 1 
ATOM   180  O "O4'" . DG  A 1 9  ? 7.599   8.000   10.303  1.00 44.88  ? 9  DG  D "O4'" 1 
ATOM   181  C "C3'" . DG  A 1 9  ? 7.992   10.212  11.020  1.00 43.48  ? 9  DG  D "C3'" 1 
ATOM   182  O "O3'" . DG  A 1 9  ? 9.080   10.841  11.690  1.00 39.97  ? 9  DG  D "O3'" 1 
ATOM   183  C "C2'" . DG  A 1 9  ? 8.354   10.115  9.546   1.00 37.61  ? 9  DG  D "C2'" 1 
ATOM   184  C "C1'" . DG  A 1 9  ? 7.822   8.746   9.121   1.00 34.48  ? 9  DG  D "C1'" 1 
ATOM   185  N N9    . DG  A 1 9  ? 6.546   8.813   8.419   1.00 38.67  ? 9  DG  D N9    1 
ATOM   186  C C8    . DG  A 1 9  ? 5.346   8.259   8.815   1.00 32.39  ? 9  DG  D C8    1 
ATOM   187  N N7    . DG  A 1 9  ? 4.373   8.489   7.973   1.00 37.97  ? 9  DG  D N7    1 
ATOM   188  C C5    . DG  A 1 9  ? 4.962   9.241   6.964   1.00 32.67  ? 9  DG  D C5    1 
ATOM   189  C C6    . DG  A 1 9  ? 4.411   9.777   5.773   1.00 36.51  ? 9  DG  D C6    1 
ATOM   190  O O6    . DG  A 1 9  ? 3.250   9.708   5.362   1.00 41.03  ? 9  DG  D O6    1 
ATOM   191  N N1    . DG  A 1 9  ? 5.374   10.460  5.025   1.00 41.65  ? 9  DG  D N1    1 
ATOM   192  C C2    . DG  A 1 9  ? 6.688   10.617  5.388   1.00 43.98  ? 9  DG  D C2    1 
ATOM   193  N N2    . DG  A 1 9  ? 7.465   11.331  4.542   1.00 37.19  ? 9  DG  D N2    1 
ATOM   194  N N3    . DG  A 1 9  ? 7.208   10.122  6.494   1.00 35.16  ? 9  DG  D N3    1 
ATOM   195  C C4    . DG  A 1 9  ? 6.299   9.448   7.227   1.00 37.74  ? 9  DG  D C4    1 
ATOM   196  P P     . DG  A 1 10 ? 8.814   12.210  12.486  1.00 40.45  ? 10 DG  D P     1 
ATOM   197  O OP1   . DG  A 1 10 ? 9.900   12.417  13.472  1.00 38.13  ? 10 DG  D OP1   1 
ATOM   198  O OP2   . DG  A 1 10 ? 7.404   12.189  12.939  1.00 38.41  ? 10 DG  D OP2   1 
ATOM   199  O "O5'" . DG  A 1 10 ? 8.976   13.298  11.342  1.00 41.43  ? 10 DG  D "O5'" 1 
ATOM   200  C "C5'" . DG  A 1 10 ? 10.200  13.395  10.633  1.00 42.24  ? 10 DG  D "C5'" 1 
ATOM   201  C "C4'" . DG  A 1 10 ? 10.016  14.218  9.383   1.00 45.77  ? 10 DG  D "C4'" 1 
ATOM   202  O "O4'" . DG  A 1 10 ? 9.314   13.417  8.399   1.00 39.24  ? 10 DG  D "O4'" 1 
ATOM   203  C "C3'" . DG  A 1 10 ? 9.125   15.433  9.615   1.00 36.79  ? 10 DG  D "C3'" 1 
ATOM   204  O "O3'" . DG  A 1 10 ? 9.895   16.606  9.849   1.00 51.44  ? 10 DG  D "O3'" 1 
ATOM   205  C "C2'" . DG  A 1 10 ? 8.484   15.640  8.260   1.00 34.09  ? 10 DG  D "C2'" 1 
ATOM   206  C "C1'" . DG  A 1 10 ? 8.459   14.249  7.626   1.00 51.69  ? 10 DG  D "C1'" 1 
ATOM   207  N N9    . DG  A 1 10 ? 7.115   13.686  7.645   1.00 45.61  ? 10 DG  D N9    1 
ATOM   208  C C8    . DG  A 1 10 ? 6.493   13.026  8.682   1.00 38.48  ? 10 DG  D C8    1 
ATOM   209  N N7    . DG  A 1 10 ? 5.253   12.718  8.422   1.00 39.98  ? 10 DG  D N7    1 
ATOM   210  C C5    . DG  A 1 10 ? 5.046   13.189  7.130   1.00 42.11  ? 10 DG  D C5    1 
ATOM   211  C C6    . DG  A 1 10 ? 3.882   13.153  6.310   1.00 43.25  ? 10 DG  D C6    1 
ATOM   212  O O6    . DG  A 1 10 ? 2.769   12.685  6.579   1.00 45.57  ? 10 DG  D O6    1 
ATOM   213  N N1    . DG  A 1 10 ? 4.108   13.746  5.066   1.00 39.93  ? 10 DG  D N1    1 
ATOM   214  C C2    . DG  A 1 10 ? 5.304   14.310  4.667   1.00 44.86  ? 10 DG  D C2    1 
ATOM   215  N N2    . DG  A 1 10 ? 5.333   14.844  3.441   1.00 35.58  ? 10 DG  D N2    1 
ATOM   216  N N3    . DG  A 1 10 ? 6.394   14.348  5.426   1.00 34.22  ? 10 DG  D N3    1 
ATOM   217  C C4    . DG  A 1 10 ? 6.192   13.773  6.631   1.00 37.19  ? 10 DG  D C4    1 
ATOM   218  P P     . DA  A 1 11 ? 9.188   17.901  10.500  1.00 51.95  ? 11 DA  D P     1 
ATOM   219  O OP1   . DA  A 1 11 ? 10.269  18.658  11.167  1.00 61.67  ? 11 DA  D OP1   1 
ATOM   220  O OP2   . DA  A 1 11 ? 7.985   17.525  11.282  1.00 45.51  ? 11 DA  D OP2   1 
ATOM   221  O "O5'" . DA  A 1 11 ? 8.676   18.710  9.227   1.00 47.16  ? 11 DA  D "O5'" 1 
ATOM   222  C "C5'" . DA  A 1 11 ? 9.557   19.031  8.153   1.00 50.56  ? 11 DA  D "C5'" 1 
ATOM   223  C "C4'" . DA  A 1 11 ? 8.752   19.398  6.930   1.00 46.66  ? 11 DA  D "C4'" 1 
ATOM   224  O "O4'" . DA  A 1 11 ? 7.973   18.256  6.526   1.00 48.32  ? 11 DA  D "O4'" 1 
ATOM   225  C "C3'" . DA  A 1 11 ? 7.726   20.496  7.191   1.00 60.82  ? 11 DA  D "C3'" 1 
ATOM   226  O "O3'" . DA  A 1 11 ? 8.327   21.788  7.086   1.00 68.54  ? 11 DA  D "O3'" 1 
ATOM   227  C "C2'" . DA  A 1 11 ? 6.620   20.192  6.197   1.00 52.25  ? 11 DA  D "C2'" 1 
ATOM   228  C "C1'" . DA  A 1 11 ? 6.707   18.671  6.012   1.00 58.77  ? 11 DA  D "C1'" 1 
ATOM   229  N N9    . DA  A 1 11 ? 5.683   17.939  6.758   1.00 52.20  ? 11 DA  D N9    1 
ATOM   230  C C8    . DA  A 1 11 ? 5.700   17.644  8.099   1.00 48.28  ? 11 DA  D C8    1 
ATOM   231  N N7    . DA  A 1 11 ? 4.640   16.994  8.511   1.00 56.78  ? 11 DA  D N7    1 
ATOM   232  C C5    . DA  A 1 11 ? 3.872   16.846  7.364   1.00 42.73  ? 11 DA  D C5    1 
ATOM   233  C C6    . DA  A 1 11 ? 2.619   16.254  7.137   1.00 57.73  ? 11 DA  D C6    1 
ATOM   234  N N6    . DA  A 1 11 ? 1.889   15.665  8.096   1.00 54.79  ? 11 DA  D N6    1 
ATOM   235  N N1    . DA  A 1 11 ? 2.130   16.283  5.874   1.00 60.23  ? 11 DA  D N1    1 
ATOM   236  C C2    . DA  A 1 11 ? 2.865   16.867  4.917   1.00 54.90  ? 11 DA  D C2    1 
ATOM   237  N N3    . DA  A 1 11 ? 4.056   17.458  5.010   1.00 46.00  ? 11 DA  D N3    1 
ATOM   238  C C4    . DA  A 1 11 ? 4.507   17.418  6.274   1.00 52.20  ? 11 DA  D C4    1 
ATOM   239  O "O5'" . DC  B 2 1  ? -1.403  13.176  -1.928  1.00 60.35  ? 12 DC  E "O5'" 1 
ATOM   240  C "C5'" . DC  B 2 1  ? -1.338  14.533  -2.341  1.00 46.22  ? 12 DC  E "C5'" 1 
ATOM   241  C "C4'" . DC  B 2 1  ? 0.021   15.140  -2.078  1.00 48.15  ? 12 DC  E "C4'" 1 
ATOM   242  O "O4'" . DC  B 2 1  ? 0.040   15.619  -0.715  1.00 40.30  ? 12 DC  E "O4'" 1 
ATOM   243  C "C3'" . DC  B 2 1  ? 1.195   14.169  -2.185  1.00 44.55  ? 12 DC  E "C3'" 1 
ATOM   244  O "O3'" . DC  B 2 1  ? 1.856   14.290  -3.442  1.00 44.26  ? 12 DC  E "O3'" 1 
ATOM   245  C "C2'" . DC  B 2 1  ? 2.191   14.735  -1.190  1.00 38.78  ? 12 DC  E "C2'" 1 
ATOM   246  C "C1'" . DC  B 2 1  ? 1.325   15.426  -0.135  1.00 48.38  ? 12 DC  E "C1'" 1 
ATOM   247  N N1    . DC  B 2 1  ? 1.148   14.582  1.061   1.00 37.86  ? 12 DC  E N1    1 
ATOM   248  C C2    . DC  B 2 1  ? 2.099   14.647  2.070   1.00 49.43  ? 12 DC  E C2    1 
ATOM   249  O O2    . DC  B 2 1  ? 3.047   15.443  1.948   1.00 45.92  ? 12 DC  E O2    1 
ATOM   250  N N3    . DC  B 2 1  ? 1.971   13.847  3.154   1.00 51.57  ? 12 DC  E N3    1 
ATOM   251  C C4    . DC  B 2 1  ? 0.934   13.019  3.252   1.00 46.89  ? 12 DC  E C4    1 
ATOM   252  N N4    . DC  B 2 1  ? 0.853   12.248  4.349   1.00 43.09  ? 12 DC  E N4    1 
ATOM   253  C C5    . DC  B 2 1  ? -0.066  12.941  2.238   1.00 38.36  ? 12 DC  E C5    1 
ATOM   254  C C6    . DC  B 2 1  ? 0.079   13.734  1.171   1.00 31.44  ? 12 DC  E C6    1 
ATOM   255  P P     . DC  B 2 2  ? 2.460   12.973  -4.142  1.00 38.94  ? 13 DC  E P     1 
ATOM   256  O OP1   . DC  B 2 2  ? 2.698   13.305  -5.566  1.00 47.70  ? 13 DC  E OP1   1 
ATOM   257  O OP2   . DC  B 2 2  ? 1.587   11.830  -3.800  1.00 39.87  ? 13 DC  E OP2   1 
ATOM   258  O "O5'" . DC  B 2 2  ? 3.872   12.776  -3.427  1.00 37.13  ? 13 DC  E "O5'" 1 
ATOM   259  C "C5'" . DC  B 2 2  ? 4.918   13.700  -3.679  1.00 33.15  ? 13 DC  E "C5'" 1 
ATOM   260  C "C4'" . DC  B 2 2  ? 6.058   13.526  -2.705  1.00 35.63  ? 13 DC  E "C4'" 1 
ATOM   261  O "O4'" . DC  B 2 2  ? 5.634   13.947  -1.384  1.00 36.77  ? 13 DC  E "O4'" 1 
ATOM   262  C "C3'" . DC  B 2 2  ? 6.549   12.097  -2.526  1.00 33.94  ? 13 DC  E "C3'" 1 
ATOM   263  O "O3'" . DC  B 2 2  ? 7.706   11.803  -3.290  1.00 40.06  ? 13 DC  E "O3'" 1 
ATOM   264  C "C2'" . DC  B 2 2  ? 7.085   12.107  -1.110  1.00 30.98  ? 13 DC  E "C2'" 1 
ATOM   265  C "C1'" . DC  B 2 2  ? 6.251   13.140  -0.386  1.00 38.47  ? 13 DC  E "C1'" 1 
ATOM   266  N N1    . DC  B 2 2  ? 5.201   12.453  0.389   1.00 45.25  ? 13 DC  E N1    1 
ATOM   267  C C2    . DC  B 2 2  ? 5.466   12.126  1.716   1.00 39.48  ? 13 DC  E C2    1 
ATOM   268  O O2    . DC  B 2 2  ? 6.535   12.494  2.215   1.00 45.52  ? 13 DC  E O2    1 
ATOM   269  N N3    . DC  B 2 2  ? 4.557   11.416  2.421   1.00 41.36  ? 13 DC  E N3    1 
ATOM   270  C C4    . DC  B 2 2  ? 3.411   11.040  1.846   1.00 33.91  ? 13 DC  E C4    1 
ATOM   271  N N4    . DC  B 2 2  ? 2.552   10.314  2.578   1.00 33.54  ? 13 DC  E N4    1 
ATOM   272  C C5    . DC  B 2 2  ? 3.098   11.388  0.499   1.00 40.47  ? 13 DC  E C5    1 
ATOM   273  C C6    . DC  B 2 2  ? 4.009   12.096  -0.184  1.00 39.26  ? 13 DC  E C6    1 
ATOM   274  P P     . DC  B 2 3  ? 8.150   10.265  -3.444  1.00 40.24  ? 14 DC  E P     1 
ATOM   275  O OP1   . DC  B 2 3  ? 9.152   10.189  -4.535  1.00 53.20  ? 14 DC  E OP1   1 
ATOM   276  O OP2   . DC  B 2 3  ? 6.910   9.449   -3.531  1.00 40.99  ? 14 DC  E OP2   1 
ATOM   277  O "O5'" . DC  B 2 3  ? 8.858   9.941   -2.059  1.00 37.91  ? 14 DC  E "O5'" 1 
ATOM   278  C "C5'" . DC  B 2 3  ? 9.981   10.694  -1.629  1.00 38.34  ? 14 DC  E "C5'" 1 
ATOM   279  C "C4'" . DC  B 2 3  ? 10.649  10.007  -0.466  1.00 39.06  ? 14 DC  E "C4'" 1 
ATOM   280  O "O4'" . DC  B 2 3  ? 9.916   10.304  0.742   1.00 46.90  ? 14 DC  E "O4'" 1 
ATOM   281  C "C3'" . DC  B 2 3  ? 10.622  8.490   -0.574  1.00 38.47  ? 14 DC  E "C3'" 1 
ATOM   282  O "O3'" . DC  B 2 3  ? 11.838  7.975   -1.083  1.00 42.80  ? 14 DC  E "O3'" 1 
ATOM   283  C "C2'" . DC  B 2 3  ? 10.613  8.045   0.877   1.00 39.20  ? 14 DC  E "C2'" 1 
ATOM   284  C "C1'" . DC  B 2 3  ? 9.920   9.173   1.616   1.00 37.67  ? 14 DC  E "C1'" 1 
ATOM   285  N N1    . DC  B 2 3  ? 8.524   8.805   1.888   1.00 34.07  ? 14 DC  E N1    1 
ATOM   286  C C2    . DC  B 2 3  ? 8.204   8.246   3.123   1.00 35.37  ? 14 DC  E C2    1 
ATOM   287  O O2    . DC  B 2 3  ? 9.104   8.100   3.967   1.00 44.16  ? 14 DC  E O2    1 
ATOM   288  N N3    . DC  B 2 3  ? 6.934   7.873   3.372   1.00 38.16  ? 14 DC  E N3    1 
ATOM   289  C C4    . DC  B 2 3  ? 5.998   8.038   2.440   1.00 35.58  ? 14 DC  E C4    1 
ATOM   290  N N4    . DC  B 2 3  ? 4.753   7.648   2.729   1.00 40.64  ? 14 DC  E N4    1 
ATOM   291  C C5    . DC  B 2 3  ? 6.293   8.609   1.169   1.00 39.60  ? 14 DC  E C5    1 
ATOM   292  C C6    . DC  B 2 3  ? 7.555   8.983   0.940   1.00 33.14  ? 14 DC  E C6    1 
ATOM   293  P P     . DC  B 2 4  ? 11.802  6.586   -1.876  1.00 41.94  ? 15 DC  E P     1 
ATOM   294  O OP1   . DC  B 2 4  ? 12.982  6.537   -2.783  1.00 44.84  ? 15 DC  E OP1   1 
ATOM   295  O OP2   . DC  B 2 4  ? 10.442  6.465   -2.450  1.00 49.54  ? 15 DC  E OP2   1 
ATOM   296  O "O5'" . DC  B 2 4  ? 11.953  5.510   -0.714  1.00 36.31  ? 15 DC  E "O5'" 1 
ATOM   297  C "C5'" . DC  B 2 4  ? 13.013  5.615   0.216   1.00 32.52  ? 15 DC  E "C5'" 1 
ATOM   298  C "C4'" . DC  B 2 4  ? 12.808  4.650   1.358   1.00 36.97  ? 15 DC  E "C4'" 1 
ATOM   299  O "O4'" . DC  B 2 4  ? 11.773  5.127   2.254   1.00 35.20  ? 15 DC  E "O4'" 1 
ATOM   300  C "C3'" . DC  B 2 4  ? 12.322  3.291   0.884   1.00 43.59  ? 15 DC  E "C3'" 1 
ATOM   301  O "O3'" . DC  B 2 4  ? 13.431  2.421   0.763   1.00 40.15  ? 15 DC  E "O3'" 1 
ATOM   302  C "C2'" . DC  B 2 4  ? 11.519  2.779   2.069   1.00 34.70  ? 15 DC  E "C2'" 1 
ATOM   303  C "C1'" . DC  B 2 4  ? 11.035  4.032   2.785   1.00 38.91  ? 15 DC  E "C1'" 1 
ATOM   304  N N1    . DC  B 2 4  ? 9.600   4.275   2.556   1.00 33.55  ? 15 DC  E N1    1 
ATOM   305  C C2    . DC  B 2 4  ? 8.696   3.868   3.530   1.00 39.99  ? 15 DC  E C2    1 
ATOM   306  O O2    . DC  B 2 4  ? 9.136   3.384   4.585   1.00 49.61  ? 15 DC  E O2    1 
ATOM   307  N N3    . DC  B 2 4  ? 7.367   4.011   3.307   1.00 46.99  ? 15 DC  E N3    1 
ATOM   308  C C4    . DC  B 2 4  ? 6.940   4.559   2.167   1.00 40.00  ? 15 DC  E C4    1 
ATOM   309  N N4    . DC  B 2 4  ? 5.625   4.676   1.983   1.00 36.09  ? 15 DC  E N4    1 
ATOM   310  C C5    . DC  B 2 4  ? 7.845   5.012   1.164   1.00 42.57  ? 15 DC  E C5    1 
ATOM   311  C C6    . DC  B 2 4  ? 9.155   4.855   1.399   1.00 38.56  ? 15 DC  E C6    1 
ATOM   312  P P     . DC  B 2 5  ? 13.232  0.990   0.075   1.00 43.08  ? 16 DC  E P     1 
ATOM   313  O OP1   . DC  B 2 5  ? 14.594  0.439   -0.138  1.00 49.58  ? 16 DC  E OP1   1 
ATOM   314  O OP2   . DC  B 2 5  ? 12.304  1.082   -1.070  1.00 35.47  ? 16 DC  E OP2   1 
ATOM   315  O "O5'" . DC  B 2 5  ? 12.537  0.174   1.249   1.00 39.48  ? 16 DC  E "O5'" 1 
ATOM   316  C "C5'" . DC  B 2 5  ? 11.496  -0.749  0.997   1.00 38.73  ? 16 DC  E "C5'" 1 
ATOM   317  C "C4'" . DC  B 2 5  ? 10.848  -1.154  2.300   1.00 43.99  ? 16 DC  E "C4'" 1 
ATOM   318  O "O4'" . DC  B 2 5  ? 10.039  -0.062  2.803   1.00 37.64  ? 16 DC  E "O4'" 1 
ATOM   319  C "C3'" . DC  B 2 5  ? 9.898   -2.334  2.169   1.00 49.55  ? 16 DC  E "C3'" 1 
ATOM   320  O "O3'" . DC  B 2 5  ? 10.607  -3.502  2.565   1.00 46.53  ? 16 DC  E "O3'" 1 
ATOM   321  C "C2'" . DC  B 2 5  ? 8.864   -2.070  3.254   1.00 35.15  ? 16 DC  E "C2'" 1 
ATOM   322  C "C1'" . DC  B 2 5  ? 8.838   -0.545  3.394   1.00 40.40  ? 16 DC  E "C1'" 1 
ATOM   323  N N1    . DC  B 2 5  ? 7.710   0.045   2.638   1.00 36.29  ? 16 DC  E N1    1 
ATOM   324  C C2    . DC  B 2 5  ? 6.410   -0.134  3.116   1.00 43.38  ? 16 DC  E C2    1 
ATOM   325  O O2    . DC  B 2 5  ? 6.242   -0.770  4.170   1.00 40.66  ? 16 DC  E O2    1 
ATOM   326  N N3    . DC  B 2 5  ? 5.371   0.379   2.418   1.00 39.03  ? 16 DC  E N3    1 
ATOM   327  C C4    . DC  B 2 5  ? 5.594   1.045   1.282   1.00 43.37  ? 16 DC  E C4    1 
ATOM   328  N N4    . DC  B 2 5  ? 4.528   1.528   0.619   1.00 38.72  ? 16 DC  E N4    1 
ATOM   329  C C5    . DC  B 2 5  ? 6.911   1.243   0.773   1.00 27.58  ? 16 DC  E C5    1 
ATOM   330  C C6    . DC  B 2 5  ? 7.927   0.735   1.477   1.00 27.66  ? 16 DC  E C6    1 
ATOM   331  P P     . DC  B 2 6  ? 10.668  -4.756  1.570   1.00 42.83  ? 17 DC  E P     1 
ATOM   332  O OP1   . DC  B 2 6  ? 11.919  -5.489  1.909   1.00 45.46  ? 17 DC  E OP1   1 
ATOM   333  O OP2   . DC  B 2 6  ? 10.418  -4.312  0.175   1.00 42.66  ? 17 DC  E OP2   1 
ATOM   334  O "O5'" . DC  B 2 6  ? 9.409   -5.622  2.003   1.00 44.72  ? 17 DC  E "O5'" 1 
ATOM   335  C "C5'" . DC  B 2 6  ? 9.262   -6.023  3.355   1.00 43.14  ? 17 DC  E "C5'" 1 
ATOM   336  C "C4'" . DC  B 2 6  ? 7.828   -6.388  3.642   1.00 43.32  ? 17 DC  E "C4'" 1 
ATOM   337  O "O4'" . DC  B 2 6  ? 7.051   -5.168  3.810   1.00 44.46  ? 17 DC  E "O4'" 1 
ATOM   338  C "C3'" . DC  B 2 6  ? 7.173   -7.101  2.462   1.00 45.50  ? 17 DC  E "C3'" 1 
ATOM   339  O "O3'" . DC  B 2 6  ? 7.198   -8.512  2.614   1.00 44.07  ? 17 DC  E "O3'" 1 
ATOM   340  C "C2'" . DC  B 2 6  ? 5.710   -6.729  2.625   1.00 42.60  ? 17 DC  E "C2'" 1 
ATOM   341  C "C1'" . DC  B 2 6  ? 5.723   -5.388  3.345   1.00 42.17  ? 17 DC  E "C1'" 1 
ATOM   342  N N1    . DC  B 2 6  ? 5.331   -4.301  2.439   1.00 46.89  ? 17 DC  E N1    1 
ATOM   343  C C2    . DC  B 2 6  ? 3.996   -3.891  2.458   1.00 48.18  ? 17 DC  E C2    1 
ATOM   344  O O2    . DC  B 2 6  ? 3.233   -4.385  3.297   1.00 45.62  ? 17 DC  E O2    1 
ATOM   345  N N3    . DC  B 2 6  ? 3.569   -2.972  1.566   1.00 49.90  ? 17 DC  E N3    1 
ATOM   346  C C4    . DC  B 2 6  ? 4.425   -2.448  0.686   1.00 50.70  ? 17 DC  E C4    1 
ATOM   347  N N4    . DC  B 2 6  ? 3.949   -1.547  -0.176  1.00 43.32  ? 17 DC  E N4    1 
ATOM   348  C C5    . DC  B 2 6  ? 5.808   -2.825  0.658   1.00 38.32  ? 17 DC  E C5    1 
ATOM   349  C C6    . DC  B 2 6  ? 6.216   -3.742  1.556   1.00 44.49  ? 17 DC  E C6    1 
ATOM   350  P P     . DC  B 2 7  ? 6.828   -9.449  1.362   1.00 48.01  ? 18 DC  E P     1 
ATOM   351  O OP1   . DC  B 2 7  ? 7.408   -10.778 1.689   1.00 59.38  ? 18 DC  E OP1   1 
ATOM   352  O OP2   . DC  B 2 7  ? 7.176   -8.793  0.081   1.00 48.07  ? 18 DC  E OP2   1 
ATOM   353  O "O5'" . DC  B 2 7  ? 5.235   -9.534  1.398   1.00 50.70  ? 18 DC  E "O5'" 1 
ATOM   354  C "C5'" . DC  B 2 7  ? 4.553   -9.914  2.589   1.00 41.96  ? 18 DC  E "C5'" 1 
ATOM   355  C "C4'" . DC  B 2 7  ? 3.064   -9.732  2.420   1.00 45.14  ? 18 DC  E "C4'" 1 
ATOM   356  O "O4'" . DC  B 2 7  ? 2.763   -8.316  2.404   1.00 46.46  ? 18 DC  E "O4'" 1 
ATOM   357  C "C3'" . DC  B 2 7  ? 2.515   -10.272 1.102   1.00 42.38  ? 18 DC  E "C3'" 1 
ATOM   358  O "O3'" . DC  B 2 7  ? 1.926   -11.561 1.276   1.00 54.44  ? 18 DC  E "O3'" 1 
ATOM   359  C "C2'" . DC  B 2 7  ? 1.333   -9.358  0.830   1.00 48.85  ? 18 DC  E "C2'" 1 
ATOM   360  C "C1'" . DC  B 2 7  ? 1.690   -8.044  1.510   1.00 49.15  ? 18 DC  E "C1'" 1 
ATOM   361  N N1    . DC  B 2 7  ? 2.149   -7.040  0.539   1.00 46.08  ? 18 DC  E N1    1 
ATOM   362  C C2    . DC  B 2 7  ? 1.202   -6.195  -0.042  1.00 49.21  ? 18 DC  E C2    1 
ATOM   363  O O2    . DC  B 2 7  ? 0.009   -6.309  0.297   1.00 43.52  ? 18 DC  E O2    1 
ATOM   364  N N3    . DC  B 2 7  ? 1.601   -5.285  -0.958  1.00 50.32  ? 18 DC  E N3    1 
ATOM   365  C C4    . DC  B 2 7  ? 2.887   -5.204  -1.302  1.00 56.46  ? 18 DC  E C4    1 
ATOM   366  N N4    . DC  B 2 7  ? 3.233   -4.285  -2.217  1.00 48.56  ? 18 DC  E N4    1 
ATOM   367  C C5    . DC  B 2 7  ? 3.877   -6.058  -0.727  1.00 44.25  ? 18 DC  E C5    1 
ATOM   368  C C6    . DC  B 2 7  ? 3.467   -6.946  0.187   1.00 48.59  ? 18 DC  E C6    1 
ATOM   369  P P     . DC  B 2 8  ? 1.657   -12.488 -0.014  1.00 53.30  ? 19 DC  E P     1 
ATOM   370  O OP1   . DC  B 2 8  ? 1.473   -13.872 0.475   1.00 57.20  ? 19 DC  E OP1   1 
ATOM   371  O OP2   . DC  B 2 8  ? 2.686   -12.199 -1.046  1.00 50.20  ? 19 DC  E OP2   1 
ATOM   372  O "O5'" . DC  B 2 8  ? 0.257   -11.974 -0.560  1.00 48.37  ? 19 DC  E "O5'" 1 
ATOM   373  C "C5'" . DC  B 2 8  ? -0.908  -12.061 0.243   1.00 47.43  ? 19 DC  E "C5'" 1 
ATOM   374  C "C4'" . DC  B 2 8  ? -2.076  -11.452 -0.491  1.00 55.28  ? 19 DC  E "C4'" 1 
ATOM   375  O "O4'" . DC  B 2 8  ? -1.853  -10.027 -0.591  1.00 56.11  ? 19 DC  E "O4'" 1 
ATOM   376  C "C3'" . DC  B 2 8  ? -2.191  -11.938 -1.930  1.00 61.06  ? 19 DC  E "C3'" 1 
ATOM   377  O "O3'" . DC  B 2 8  ? -3.184  -12.954 -2.033  1.00 67.83  ? 19 DC  E "O3'" 1 
ATOM   378  C "C2'" . DC  B 2 8  ? -2.792  -10.740 -2.646  1.00 57.53  ? 19 DC  E "C2'" 1 
ATOM   379  C "C1'" . DC  B 2 8  ? -2.333  -9.534  -1.835  1.00 56.85  ? 19 DC  E "C1'" 1 
ATOM   380  N N1    . DC  B 2 8  ? -1.240  -8.786  -2.478  1.00 46.50  ? 19 DC  E N1    1 
ATOM   381  C C2    . DC  B 2 8  ? -1.563  -7.767  -3.376  1.00 45.87  ? 19 DC  E C2    1 
ATOM   382  O O2    . DC  B 2 8  ? -2.757  -7.526  -3.602  1.00 47.91  ? 19 DC  E O2    1 
ATOM   383  N N3    . DC  B 2 8  ? -0.574  -7.075  -3.977  1.00 52.01  ? 19 DC  E N3    1 
ATOM   384  C C4    . DC  B 2 8  ? 0.699   -7.364  -3.712  1.00 53.90  ? 19 DC  E C4    1 
ATOM   385  N N4    . DC  B 2 8  ? 1.639   -6.647  -4.332  1.00 52.15  ? 19 DC  E N4    1 
ATOM   386  C C5    . DC  B 2 8  ? 1.064   -8.402  -2.800  1.00 48.02  ? 19 DC  E C5    1 
ATOM   387  C C6    . DC  B 2 8  ? 0.069   -9.080  -2.209  1.00 51.88  ? 19 DC  E C6    1 
ATOM   388  P P     . DC  B 2 9  ? -3.102  -14.019 -3.235  1.00 65.97  ? 20 DC  E P     1 
ATOM   389  O OP1   . DC  B 2 9  ? -4.059  -15.104 -2.914  1.00 73.11  ? 20 DC  E OP1   1 
ATOM   390  O OP2   . DC  B 2 9  ? -1.676  -14.358 -3.472  1.00 60.31  ? 20 DC  E OP2   1 
ATOM   391  O "O5'" . DC  B 2 9  ? -3.661  -13.205 -4.487  1.00 52.26  ? 20 DC  E "O5'" 1 
ATOM   392  C "C5'" . DC  B 2 9  ? -5.000  -12.727 -4.472  1.00 57.76  ? 20 DC  E "C5'" 1 
ATOM   393  C "C4'" . DC  B 2 9  ? -5.271  -11.804 -5.639  1.00 64.20  ? 20 DC  E "C4'" 1 
ATOM   394  O "O4'" . DC  B 2 9  ? -4.583  -10.545 -5.428  1.00 63.76  ? 20 DC  E "O4'" 1 
ATOM   395  C "C3'" . DC  B 2 9  ? -4.766  -12.314 -6.988  1.00 70.10  ? 20 DC  E "C3'" 1 
ATOM   396  O "O3'" . DC  B 2 9  ? -5.829  -12.868 -7.763  1.00 76.55  ? 20 DC  E "O3'" 1 
ATOM   397  C "C2'" . DC  B 2 9  ? -4.468  -11.033 -7.745  1.00 66.81  ? 20 DC  E "C2'" 1 
ATOM   398  C "C1'" . DC  B 2 9  ? -4.174  -9.999  -6.676  1.00 67.52  ? 20 DC  E "C1'" 1 
ATOM   399  N N1    . DC  B 2 9  ? -2.747  -9.673  -6.619  1.00 58.85  ? 20 DC  E N1    1 
ATOM   400  C C2    . DC  B 2 9  ? -2.320  -8.543  -7.296  1.00 57.68  ? 20 DC  E C2    1 
ATOM   401  O O2    . DC  B 2 9  ? -3.172  -7.832  -7.853  1.00 53.44  ? 20 DC  E O2    1 
ATOM   402  N N3    . DC  B 2 9  ? -1.000  -8.252  -7.337  1.00 53.51  ? 20 DC  E N3    1 
ATOM   403  C C4    . DC  B 2 9  ? -0.126  -9.044  -6.717  1.00 55.46  ? 20 DC  E C4    1 
ATOM   404  N N4    . DC  B 2 9  ? 1.169   -8.729  -6.791  1.00 55.63  ? 20 DC  E N4    1 
ATOM   405  C C5    . DC  B 2 9  ? -0.541  -10.197 -5.990  1.00 56.12  ? 20 DC  E C5    1 
ATOM   406  C C6    . DC  B 2 9  ? -1.851  -10.468 -5.961  1.00 53.12  ? 20 DC  E C6    1 
ATOM   407  P P     . DC  B 2 10 ? -5.487  -13.606 -9.151  1.00 76.28  ? 21 DC  E P     1 
ATOM   408  O OP1   . DC  B 2 10 ? -6.659  -14.456 -9.477  1.00 81.21  ? 21 DC  E OP1   1 
ATOM   409  O OP2   . DC  B 2 10 ? -4.138  -14.226 -9.029  1.00 61.83  ? 21 DC  E OP2   1 
ATOM   410  O "O5'" . DC  B 2 10 ? -5.395  -12.416 -10.209 1.00 70.16  ? 21 DC  E "O5'" 1 
ATOM   411  C "C5'" . DC  B 2 10 ? -6.548  -11.649 -10.553 1.00 62.60  ? 21 DC  E "C5'" 1 
ATOM   412  C "C4'" . DC  B 2 10 ? -6.233  -10.715 -11.701 1.00 74.81  ? 21 DC  E "C4'" 1 
ATOM   413  O "O4'" . DC  B 2 10 ? -5.387  -9.645  -11.221 1.00 81.01  ? 21 DC  E "O4'" 1 
ATOM   414  C "C3'" . DC  B 2 10 ? -5.453  -11.361 -12.841 1.00 79.99  ? 21 DC  E "C3'" 1 
ATOM   415  O "O3'" . DC  B 2 10 ? -6.306  -11.699 -13.924 1.00 82.45  ? 21 DC  E "O3'" 1 
ATOM   416  C "C2'" . DC  B 2 10 ? -4.636  -10.207 -13.395 1.00 78.58  ? 21 DC  E "C2'" 1 
ATOM   417  C "C1'" . DC  B 2 10 ? -4.434  -9.278  -12.213 1.00 77.38  ? 21 DC  E "C1'" 1 
ATOM   418  N N1    . DC  B 2 10 ? -3.095  -9.461  -11.643 1.00 74.70  ? 21 DC  E N1    1 
ATOM   419  C C2    . DC  B 2 10 ? -2.062  -8.639  -12.090 1.00 74.39  ? 21 DC  E C2    1 
ATOM   420  O O2    . DC  B 2 10 ? -2.319  -7.760  -12.931 1.00 74.64  ? 21 DC  E O2    1 
ATOM   421  N N3    . DC  B 2 10 ? -0.814  -8.823  -11.602 1.00 72.20  ? 21 DC  E N3    1 
ATOM   422  C C4    . DC  B 2 10 ? -0.588  -9.778  -10.698 1.00 71.51  ? 21 DC  E C4    1 
ATOM   423  N N4    . DC  B 2 10 ? 0.656   -9.924  -10.241 1.00 68.42  ? 21 DC  E N4    1 
ATOM   424  C C5    . DC  B 2 10 ? -1.626  -10.625 -10.220 1.00 72.89  ? 21 DC  E C5    1 
ATOM   425  C C6    . DC  B 2 10 ? -2.853  -10.432 -10.711 1.00 71.43  ? 21 DC  E C6    1 
ATOM   426  P P     . DA  B 2 11 ? -5.812  -12.793 -14.987 1.00 88.72  ? 22 DA  E P     1 
ATOM   427  O OP1   . DA  B 2 11 ? -6.968  -13.068 -15.874 1.00 97.42  ? 22 DA  E OP1   1 
ATOM   428  O OP2   . DA  B 2 11 ? -5.158  -13.913 -14.253 1.00 75.76  ? 22 DA  E OP2   1 
ATOM   429  O "O5'" . DA  B 2 11 ? -4.691  -12.037 -15.828 1.00 88.26  ? 22 DA  E "O5'" 1 
ATOM   430  C "C5'" . DA  B 2 11 ? -5.027  -10.936 -16.668 1.00 88.75  ? 22 DA  E "C5'" 1 
ATOM   431  C "C4'" . DA  B 2 11 ? -3.773  -10.326 -17.251 1.00 89.35  ? 22 DA  E "C4'" 1 
ATOM   432  O "O4'" . DA  B 2 11 ? -2.945  -9.821  -16.179 1.00 87.01  ? 22 DA  E "O4'" 1 
ATOM   433  C "C3'" . DA  B 2 11 ? -2.901  -11.365 -17.943 1.00 89.22  ? 22 DA  E "C3'" 1 
ATOM   434  O "O3'" . DA  B 2 11 ? -3.359  -11.618 -19.276 1.00 97.06  ? 22 DA  E "O3'" 1 
ATOM   435  C "C2'" . DA  B 2 11 ? -1.500  -10.799 -17.804 1.00 83.34  ? 22 DA  E "C2'" 1 
ATOM   436  C "C1'" . DA  B 2 11 ? -1.570  -9.956  -16.529 1.00 81.83  ? 22 DA  E "C1'" 1 
ATOM   437  N N9    . DA  B 2 11 ? -0.857  -10.537 -15.392 1.00 79.41  ? 22 DA  E N9    1 
ATOM   438  C C8    . DA  B 2 11 ? -1.336  -11.372 -14.412 1.00 81.74  ? 22 DA  E C8    1 
ATOM   439  N N7    . DA  B 2 11 ? -0.420  -11.763 -13.557 1.00 79.78  ? 22 DA  E N7    1 
ATOM   440  C C5    . DA  B 2 11 ? 0.736   -11.132 -13.998 1.00 78.07  ? 22 DA  E C5    1 
ATOM   441  C C6    . DA  B 2 11 ? 2.062   -11.141 -13.524 1.00 78.62  ? 22 DA  E C6    1 
ATOM   442  N N6    . DA  B 2 11 ? 2.466   -11.837 -12.461 1.00 81.57  ? 22 DA  E N6    1 
ATOM   443  N N1    . DA  B 2 11 ? 2.972   -10.400 -14.192 1.00 77.88  ? 22 DA  E N1    1 
ATOM   444  C C2    . DA  B 2 11 ? 2.570   -9.702  -15.261 1.00 77.44  ? 22 DA  E C2    1 
ATOM   445  N N3    . DA  B 2 11 ? 1.357   -9.616  -15.803 1.00 81.77  ? 22 DA  E N3    1 
ATOM   446  C C4    . DA  B 2 11 ? 0.477   -10.363 -15.117 1.00 80.64  ? 22 DA  E C4    1 
ATOM   447  N N     . ALA C 3 1  ? -4.773  8.035   7.193   1.00 89.54  ? 2  ALA A N     1 
ATOM   448  C CA    . ALA C 3 1  ? -4.704  6.567   7.461   1.00 91.66  ? 2  ALA A CA    1 
ATOM   449  C C     . ALA C 3 1  ? -6.098  5.954   7.613   1.00 91.52  ? 2  ALA A C     1 
ATOM   450  O O     . ALA C 3 1  ? -6.299  5.038   8.414   1.00 97.86  ? 2  ALA A O     1 
ATOM   451  C CB    . ALA C 3 1  ? -3.874  6.306   8.718   1.00 88.00  ? 2  ALA A CB    1 
ATOM   452  N N     . LYS C 3 2  ? -7.057  6.465   6.847   1.00 83.49  ? 3  LYS A N     1 
ATOM   453  C CA    . LYS C 3 2  ? -8.423  5.962   6.895   1.00 78.79  ? 3  LYS A CA    1 
ATOM   454  C C     . LYS C 3 2  ? -8.485  4.551   6.312   1.00 75.90  ? 3  LYS A C     1 
ATOM   455  O O     . LYS C 3 2  ? -7.953  4.296   5.229   1.00 75.44  ? 3  LYS A O     1 
ATOM   456  C CB    . LYS C 3 2  ? -9.349  6.879   6.097   1.00 83.01  ? 3  LYS A CB    1 
ATOM   457  C CG    . LYS C 3 2  ? -10.821 6.533   6.222   1.00 80.98  ? 3  LYS A CG    1 
ATOM   458  C CD    . LYS C 3 2  ? -11.657 7.298   5.207   1.00 80.54  ? 3  LYS A CD    1 
ATOM   459  C CE    . LYS C 3 2  ? -13.146 7.146   5.488   1.00 75.78  ? 3  LYS A CE    1 
ATOM   460  N NZ    . LYS C 3 2  ? -13.546 5.717   5.635   1.00 78.71  ? 3  LYS A NZ    1 
ATOM   461  N N     . LEU C 3 3  ? -9.131  3.640   7.031   1.00 66.77  ? 4  LEU A N     1 
ATOM   462  C CA    . LEU C 3 3  ? -9.263  2.260   6.573   1.00 65.57  ? 4  LEU A CA    1 
ATOM   463  C C     . LEU C 3 3  ? -10.514 2.124   5.722   1.00 66.59  ? 4  LEU A C     1 
ATOM   464  O O     . LEU C 3 3  ? -11.371 3.007   5.727   1.00 64.74  ? 4  LEU A O     1 
ATOM   465  C CB    . LEU C 3 3  ? -9.383  1.308   7.764   1.00 68.64  ? 4  LEU A CB    1 
ATOM   466  C CG    . LEU C 3 3  ? -8.267  1.302   8.809   1.00 75.70  ? 4  LEU A CG    1 
ATOM   467  C CD1   . LEU C 3 3  ? -8.705  0.466   9.995   1.00 73.37  ? 4  LEU A CD1   1 
ATOM   468  C CD2   . LEU C 3 3  ? -6.981  0.757   8.205   1.00 71.59  ? 4  LEU A CD2   1 
ATOM   469  N N     . LEU C 3 4  ? -10.617 1.016   4.995   1.00 68.75  ? 5  LEU A N     1 
ATOM   470  C CA    . LEU C 3 4  ? -11.790 0.764   4.169   1.00 70.03  ? 5  LEU A CA    1 
ATOM   471  C C     . LEU C 3 4  ? -13.016 0.741   5.084   1.00 71.68  ? 5  LEU A C     1 
ATOM   472  O O     . LEU C 3 4  ? -14.048 1.331   4.772   1.00 75.69  ? 5  LEU A O     1 
ATOM   473  C CB    . LEU C 3 4  ? -11.648 -0.571  3.431   1.00 72.54  ? 5  LEU A CB    1 
ATOM   474  C CG    . LEU C 3 4  ? -10.875 -0.552  2.104   1.00 74.18  ? 5  LEU A CG    1 
ATOM   475  C CD1   . LEU C 3 4  ? -9.538  0.133   2.285   1.00 78.02  ? 5  LEU A CD1   1 
ATOM   476  C CD2   . LEU C 3 4  ? -10.691 -1.973  1.597   1.00 73.80  ? 5  LEU A CD2   1 
ATOM   477  N N     . ILE C 3 5  ? -12.888 0.061   6.219   1.00 69.90  ? 6  ILE A N     1 
ATOM   478  C CA    . ILE C 3 5  ? -13.964 -0.021  7.203   1.00 68.84  ? 6  ILE A CA    1 
ATOM   479  C C     . ILE C 3 5  ? -13.430 0.531   8.531   1.00 68.56  ? 6  ILE A C     1 
ATOM   480  O O     . ILE C 3 5  ? -12.932 -0.221  9.371   1.00 70.37  ? 6  ILE A O     1 
ATOM   481  C CB    . ILE C 3 5  ? -14.442 -1.490  7.417   1.00 73.92  ? 6  ILE A CB    1 
ATOM   482  C CG1   . ILE C 3 5  ? -15.120 -2.026  6.151   1.00 74.72  ? 6  ILE A CG1   1 
ATOM   483  C CG2   . ILE C 3 5  ? -15.422 -1.563  8.582   1.00 72.82  ? 6  ILE A CG2   1 
ATOM   484  C CD1   . ILE C 3 5  ? -14.165 -2.352  5.025   1.00 87.23  ? 6  ILE A CD1   1 
ATOM   485  N N     . PRO C 3 6  ? -13.524 1.856   8.734   1.00 64.78  ? 7  PRO A N     1 
ATOM   486  C CA    . PRO C 3 6  ? -13.036 2.468   9.974   1.00 68.19  ? 7  PRO A CA    1 
ATOM   487  C C     . PRO C 3 6  ? -13.644 1.874   11.242  1.00 67.20  ? 7  PRO A C     1 
ATOM   488  O O     . PRO C 3 6  ? -13.085 2.020   12.333  1.00 69.64  ? 7  PRO A O     1 
ATOM   489  C CB    . PRO C 3 6  ? -13.375 3.948   9.786   1.00 63.06  ? 7  PRO A CB    1 
ATOM   490  C CG    . PRO C 3 6  ? -14.570 3.911   8.905   1.00 65.22  ? 7  PRO A CG    1 
ATOM   491  C CD    . PRO C 3 6  ? -14.195 2.858   7.892   1.00 67.20  ? 7  PRO A CD    1 
ATOM   492  N N     . GLN C 3 7  ? -14.783 1.204   11.105  1.00 66.44  ? 8  GLN A N     1 
ATOM   493  C CA    . GLN C 3 7  ? -15.424 0.577   12.257  1.00 73.44  ? 8  GLN A CA    1 
ATOM   494  C C     . GLN C 3 7  ? -14.563 -0.581  12.773  1.00 72.60  ? 8  GLN A C     1 
ATOM   495  O O     . GLN C 3 7  ? -14.766 -1.061  13.888  1.00 74.24  ? 8  GLN A O     1 
ATOM   496  C CB    . GLN C 3 7  ? -16.814 0.039   11.893  1.00 72.86  ? 8  GLN A CB    1 
ATOM   497  C CG    . GLN C 3 7  ? -17.861 1.103   11.575  1.00 86.07  ? 8  GLN A CG    1 
ATOM   498  C CD    . GLN C 3 7  ? -17.652 1.756   10.218  1.00 91.10  ? 8  GLN A CD    1 
ATOM   499  O OE1   . GLN C 3 7  ? -17.624 1.079   9.185   1.00 86.04  ? 8  GLN A OE1   1 
ATOM   500  N NE2   . GLN C 3 7  ? -17.511 3.080   10.213  1.00 90.11  ? 8  GLN A NE2   1 
ATOM   501  N N     . ALA C 3 8  ? -13.602 -1.016  11.955  1.00 68.73  ? 9  ALA A N     1 
ATOM   502  C CA    . ALA C 3 8  ? -12.713 -2.121  12.313  1.00 59.11  ? 9  ALA A CA    1 
ATOM   503  C C     . ALA C 3 8  ? -11.394 -1.646  12.906  1.00 51.52  ? 9  ALA A C     1 
ATOM   504  O O     . ALA C 3 8  ? -10.582 -2.453  13.358  1.00 55.91  ? 9  ALA A O     1 
ATOM   505  C CB    . ALA C 3 8  ? -12.554 -3.067  11.126  1.00 48.61  ? 9  ALA A CB    1 
ATOM   506  N N     . ALA C 3 9  ? -11.192 -0.333  12.909  1.00 54.87  ? 10 ALA A N     1 
ATOM   507  C CA    . ALA C 3 9  ? -9.967  0.259   13.432  1.00 56.83  ? 10 ALA A CA    1 
ATOM   508  C C     . ALA C 3 9  ? -9.404  -0.420  14.669  1.00 55.44  ? 10 ALA A C     1 
ATOM   509  O O     . ALA C 3 9  ? -8.222  -0.764  14.722  1.00 55.92  ? 10 ALA A O     1 
ATOM   510  C CB    . ALA C 3 9  ? -10.159 1.747   13.701  1.00 43.67  ? 10 ALA A CB    1 
ATOM   511  N N     . SER C 3 10 ? -10.255 -0.617  15.666  1.00 50.98  ? 11 SER A N     1 
ATOM   512  C CA    . SER C 3 10 ? -9.825  -1.244  16.906  1.00 51.40  ? 11 SER A CA    1 
ATOM   513  C C     . SER C 3 10 ? -9.363  -2.685  16.683  1.00 47.95  ? 11 SER A C     1 
ATOM   514  O O     . SER C 3 10 ? -8.388  -3.129  17.285  1.00 50.72  ? 11 SER A O     1 
ATOM   515  C CB    . SER C 3 10 ? -10.960 -1.211  17.924  1.00 45.89  ? 11 SER A CB    1 
ATOM   516  O OG    . SER C 3 10 ? -10.481 -1.546  19.212  1.00 65.80  ? 11 SER A OG    1 
ATOM   517  N N     . ALA C 3 11 ? -10.063 -3.411  15.817  1.00 52.09  ? 12 ALA A N     1 
ATOM   518  C CA    . ALA C 3 11 ? -9.707  -4.796  15.535  1.00 49.50  ? 12 ALA A CA    1 
ATOM   519  C C     . ALA C 3 11 ? -8.385  -4.869  14.775  1.00 51.06  ? 12 ALA A C     1 
ATOM   520  O O     . ALA C 3 11 ? -7.538  -5.720  15.052  1.00 47.19  ? 12 ALA A O     1 
ATOM   521  C CB    . ALA C 3 11 ? -10.816 -5.475  14.728  1.00 40.98  ? 12 ALA A CB    1 
ATOM   522  N N     . ILE C 3 12 ? -8.194  -3.975  13.815  1.00 53.81  ? 13 ILE A N     1 
ATOM   523  C CA    . ILE C 3 12 ? -6.955  -4.013  13.061  1.00 48.82  ? 13 ILE A CA    1 
ATOM   524  C C     . ILE C 3 12 ? -5.798  -3.525  13.912  1.00 45.38  ? 13 ILE A C     1 
ATOM   525  O O     . ILE C 3 12 ? -4.668  -3.993  13.769  1.00 45.30  ? 13 ILE A O     1 
ATOM   526  C CB    . ILE C 3 12 ? -7.086  -3.220  11.748  1.00 51.25  ? 13 ILE A CB    1 
ATOM   527  C CG1   . ILE C 3 12 ? -7.431  -1.754  12.024  1.00 67.01  ? 13 ILE A CG1   1 
ATOM   528  C CG2   . ILE C 3 12 ? -8.172  -3.877  10.896  1.00 38.90  ? 13 ILE A CG2   1 
ATOM   529  C CD1   . ILE C 3 12 ? -6.231  -0.869  12.358  1.00 75.52  ? 13 ILE A CD1   1 
ATOM   530  N N     . GLU C 3 13 ? -6.074  -2.610  14.828  1.00 39.56  ? 14 GLU A N     1 
ATOM   531  C CA    . GLU C 3 13 ? -5.010  -2.136  15.696  1.00 47.81  ? 14 GLU A CA    1 
ATOM   532  C C     . GLU C 3 13 ? -4.485  -3.280  16.567  1.00 48.96  ? 14 GLU A C     1 
ATOM   533  O O     . GLU C 3 13 ? -3.268  -3.472  16.690  1.00 47.47  ? 14 GLU A O     1 
ATOM   534  C CB    . GLU C 3 13 ? -5.498  -1.008  16.591  1.00 44.42  ? 14 GLU A CB    1 
ATOM   535  C CG    . GLU C 3 13 ? -4.414  -0.492  17.511  1.00 50.38  ? 14 GLU A CG    1 
ATOM   536  C CD    . GLU C 3 13 ? -4.891  0.664   18.341  1.00 75.46  ? 14 GLU A CD    1 
ATOM   537  O OE1   . GLU C 3 13 ? -4.061  1.241   19.079  1.00 82.05  ? 14 GLU A OE1   1 
ATOM   538  O OE2   . GLU C 3 13 ? -6.098  0.995   18.254  1.00 83.25  ? 14 GLU A OE2   1 
ATOM   539  N N     . GLN C 3 14 ? -5.399  -4.032  17.179  1.00 43.41  ? 15 GLN A N     1 
ATOM   540  C CA    . GLN C 3 14 ? -5.001  -5.160  18.023  1.00 39.19  ? 15 GLN A CA    1 
ATOM   541  C C     . GLN C 3 14 ? -4.252  -6.177  17.158  1.00 43.93  ? 15 GLN A C     1 
ATOM   542  O O     . GLN C 3 14 ? -3.327  -6.837  17.623  1.00 36.90  ? 15 GLN A O     1 
ATOM   543  C CB    . GLN C 3 14 ? -6.232  -5.827  18.657  1.00 51.75  ? 15 GLN A CB    1 
ATOM   544  C CG    . GLN C 3 14 ? -6.654  -5.248  20.013  1.00 67.06  ? 15 GLN A CG    1 
ATOM   545  C CD    . GLN C 3 14 ? -6.453  -3.739  20.112  1.00 80.40  ? 15 GLN A CD    1 
ATOM   546  O OE1   . GLN C 3 14 ? -5.345  -3.264  20.406  1.00 72.59  ? 15 GLN A OE1   1 
ATOM   547  N NE2   . GLN C 3 14 ? -7.520  -2.974  19.851  1.00 76.44  ? 15 GLN A NE2   1 
ATOM   548  N N     . MET C 3 15 ? -4.659  -6.309  15.898  1.00 38.01  ? 16 MET A N     1 
ATOM   549  C CA    . MET C 3 15 ? -3.978  -7.238  15.002  1.00 41.98  ? 16 MET A CA    1 
ATOM   550  C C     . MET C 3 15 ? -2.546  -6.738  14.768  1.00 46.49  ? 16 MET A C     1 
ATOM   551  O O     . MET C 3 15 ? -1.586  -7.516  14.796  1.00 45.31  ? 16 MET A O     1 
ATOM   552  C CB    . MET C 3 15 ? -4.732  -7.332  13.673  1.00 37.43  ? 16 MET A CB    1 
ATOM   553  C CG    . MET C 3 15 ? -4.100  -8.263  12.646  1.00 47.58  ? 16 MET A CG    1 
ATOM   554  S SD    . MET C 3 15 ? -5.105  -8.399  11.154  1.00 58.11  ? 16 MET A SD    1 
ATOM   555  C CE    . MET C 3 15 ? -6.229  -9.711  11.591  1.00 54.01  ? 16 MET A CE    1 
ATOM   556  N N     . LYS C 3 16 ? -2.413  -5.429  14.555  1.00 43.28  ? 17 LYS A N     1 
ATOM   557  C CA    . LYS C 3 16 ? -1.119  -4.796  14.304  1.00 48.85  ? 17 LYS A CA    1 
ATOM   558  C C     . LYS C 3 16 ? -0.148  -5.018  15.461  1.00 48.23  ? 17 LYS A C     1 
ATOM   559  O O     . LYS C 3 16 ? 1.007   -5.428  15.265  1.00 41.96  ? 17 LYS A O     1 
ATOM   560  C CB    . LYS C 3 16 ? -1.297  -3.284  14.085  1.00 44.88  ? 17 LYS A CB    1 
ATOM   561  C CG    . LYS C 3 16 ? 0.009   -2.549  13.788  1.00 49.56  ? 17 LYS A CG    1 
ATOM   562  C CD    . LYS C 3 16 ? -0.169  -1.039  13.765  1.00 45.37  ? 17 LYS A CD    1 
ATOM   563  C CE    . LYS C 3 16 ? -0.433  -0.491  15.161  1.00 52.41  ? 17 LYS A CE    1 
ATOM   564  N NZ    . LYS C 3 16 ? -0.654  0.985   15.147  1.00 43.47  ? 17 LYS A NZ    1 
ATOM   565  N N     . LEU C 3 17 ? -0.624  -4.729  16.668  1.00 43.31  ? 18 LEU A N     1 
ATOM   566  C CA    . LEU C 3 17 ? 0.189   -4.882  17.873  1.00 46.39  ? 18 LEU A CA    1 
ATOM   567  C C     . LEU C 3 17 ? 0.566   -6.335  18.130  1.00 42.76  ? 18 LEU A C     1 
ATOM   568  O O     . LEU C 3 17 ? 1.679   -6.628  18.563  1.00 36.31  ? 18 LEU A O     1 
ATOM   569  C CB    . LEU C 3 17 ? -0.563  -4.340  19.087  1.00 45.67  ? 18 LEU A CB    1 
ATOM   570  C CG    . LEU C 3 17 ? -0.857  -2.840  19.074  1.00 52.90  ? 18 LEU A CG    1 
ATOM   571  C CD1   . LEU C 3 17 ? -1.690  -2.469  20.296  1.00 41.89  ? 18 LEU A CD1   1 
ATOM   572  C CD2   . LEU C 3 17 ? 0.460   -2.075  19.064  1.00 43.80  ? 18 LEU A CD2   1 
ATOM   573  N N     . GLU C 3 18 ? -0.360  -7.246  17.852  1.00 44.51  ? 19 GLU A N     1 
ATOM   574  C CA    . GLU C 3 18 ? -0.097  -8.658  18.079  1.00 42.63  ? 19 GLU A CA    1 
ATOM   575  C C     . GLU C 3 18 ? 0.897   -9.197  17.063  1.00 44.99  ? 19 GLU A C     1 
ATOM   576  O O     . GLU C 3 18 ? 1.707   -10.066 17.381  1.00 41.09  ? 19 GLU A O     1 
ATOM   577  C CB    . GLU C 3 18 ? -1.388  -9.478  18.014  1.00 44.07  ? 19 GLU A CB    1 
ATOM   578  C CG    . GLU C 3 18 ? -1.132  -10.990 18.138  1.00 60.06  ? 19 GLU A CG    1 
ATOM   579  C CD    . GLU C 3 18 ? -0.409  -11.367 19.434  1.00 65.91  ? 19 GLU A CD    1 
ATOM   580  O OE1   . GLU C 3 18 ? 0.394   -12.331 19.407  1.00 63.64  ? 19 GLU A OE1   1 
ATOM   581  O OE2   . GLU C 3 18 ? -0.649  -10.708 20.478  1.00 61.56  ? 19 GLU A OE2   1 
ATOM   582  N N     . ILE C 3 19 ? 0.819   -8.699  15.833  1.00 40.72  ? 20 ILE A N     1 
ATOM   583  C CA    . ILE C 3 19 ? 1.744   -9.132  14.789  1.00 41.96  ? 20 ILE A CA    1 
ATOM   584  C C     . ILE C 3 19 ? 3.124   -8.551  15.073  1.00 39.68  ? 20 ILE A C     1 
ATOM   585  O O     . ILE C 3 19 ? 4.143   -9.187  14.828  1.00 42.86  ? 20 ILE A O     1 
ATOM   586  C CB    . ILE C 3 19 ? 1.290   -8.661  13.403  1.00 45.00  ? 20 ILE A CB    1 
ATOM   587  C CG1   . ILE C 3 19 ? 0.032   -9.422  12.987  1.00 41.61  ? 20 ILE A CG1   1 
ATOM   588  C CG2   . ILE C 3 19 ? 2.407   -8.862  12.400  1.00 42.47  ? 20 ILE A CG2   1 
ATOM   589  C CD1   . ILE C 3 19 ? -0.580  -8.932  11.685  1.00 44.80  ? 20 ILE A CD1   1 
ATOM   590  N N     . ALA C 3 20 ? 3.153   -7.335  15.599  1.00 41.63  ? 21 ALA A N     1 
ATOM   591  C CA    . ALA C 3 20 ? 4.422   -6.710  15.909  1.00 46.56  ? 21 ALA A CA    1 
ATOM   592  C C     . ALA C 3 20 ? 5.160   -7.579  16.929  1.00 50.10  ? 21 ALA A C     1 
ATOM   593  O O     . ALA C 3 20 ? 6.364   -7.825  16.795  1.00 46.86  ? 21 ALA A O     1 
ATOM   594  C CB    . ALA C 3 20 ? 4.201   -5.302  16.464  1.00 48.04  ? 21 ALA A CB    1 
ATOM   595  N N     . SER C 3 21 ? 4.441   -8.043  17.947  1.00 46.02  ? 22 SER A N     1 
ATOM   596  C CA    . SER C 3 21 ? 5.048   -8.891  18.974  1.00 51.71  ? 22 SER A CA    1 
ATOM   597  C C     . SER C 3 21 ? 5.530   -10.210 18.371  1.00 55.56  ? 22 SER A C     1 
ATOM   598  O O     . SER C 3 21 ? 6.674   -10.622 18.586  1.00 57.99  ? 22 SER A O     1 
ATOM   599  C CB    . SER C 3 21 ? 4.044   -9.191  20.090  1.00 54.77  ? 22 SER A CB    1 
ATOM   600  O OG    . SER C 3 21 ? 3.521   -7.993  20.632  1.00 75.55  ? 22 SER A OG    1 
ATOM   601  N N     . GLU C 3 22 ? 4.658   -10.871 17.615  1.00 45.63  ? 23 GLU A N     1 
ATOM   602  C CA    . GLU C 3 22 ? 5.020   -12.142 16.996  1.00 53.05  ? 23 GLU A CA    1 
ATOM   603  C C     . GLU C 3 22 ? 6.232   -11.990 16.072  1.00 51.58  ? 23 GLU A C     1 
ATOM   604  O O     . GLU C 3 22 ? 7.016   -12.925 15.895  1.00 57.82  ? 23 GLU A O     1 
ATOM   605  C CB    . GLU C 3 22 ? 3.820   -12.700 16.218  1.00 46.78  ? 23 GLU A CB    1 
ATOM   606  C CG    . GLU C 3 22 ? 2.609   -12.964 17.112  1.00 61.56  ? 23 GLU A CG    1 
ATOM   607  C CD    . GLU C 3 22 ? 1.369   -13.439 16.362  1.00 67.16  ? 23 GLU A CD    1 
ATOM   608  O OE1   . GLU C 3 22 ? 0.286   -13.488 16.993  1.00 65.55  ? 23 GLU A OE1   1 
ATOM   609  O OE2   . GLU C 3 22 ? 1.470   -13.768 15.157  1.00 58.47  ? 23 GLU A OE2   1 
ATOM   610  N N     . PHE C 3 23 ? 6.387   -10.803 15.494  1.00 52.83  ? 24 PHE A N     1 
ATOM   611  C CA    . PHE C 3 23 ? 7.491   -10.527 14.585  1.00 48.57  ? 24 PHE A CA    1 
ATOM   612  C C     . PHE C 3 23 ? 8.740   -10.030 15.312  1.00 48.06  ? 24 PHE A C     1 
ATOM   613  O O     . PHE C 3 23 ? 9.846   -10.062 14.769  1.00 51.65  ? 24 PHE A O     1 
ATOM   614  C CB    . PHE C 3 23 ? 7.053   -9.489  13.546  1.00 43.36  ? 24 PHE A CB    1 
ATOM   615  C CG    . PHE C 3 23 ? 6.424   -10.078 12.317  1.00 46.66  ? 24 PHE A CG    1 
ATOM   616  C CD1   . PHE C 3 23 ? 5.763   -11.304 12.361  1.00 44.38  ? 24 PHE A CD1   1 
ATOM   617  C CD2   . PHE C 3 23 ? 6.491   -9.399  11.107  1.00 44.89  ? 24 PHE A CD2   1 
ATOM   618  C CE1   . PHE C 3 23 ? 5.167   -11.834 11.211  1.00 39.49  ? 24 PHE A CE1   1 
ATOM   619  C CE2   . PHE C 3 23 ? 5.901   -9.917  9.960   1.00 45.20  ? 24 PHE A CE2   1 
ATOM   620  C CZ    . PHE C 3 23 ? 5.246   -11.141 10.011  1.00 47.44  ? 24 PHE A CZ    1 
ATOM   621  N N     . GLY C 3 24 ? 8.564   -9.577  16.542  1.00 49.42  ? 25 GLY A N     1 
ATOM   622  C CA    . GLY C 3 24 ? 9.698   -9.076  17.292  1.00 55.31  ? 25 GLY A CA    1 
ATOM   623  C C     . GLY C 3 24 ? 10.057  -7.652  16.901  1.00 59.91  ? 25 GLY A C     1 
ATOM   624  O O     . GLY C 3 24 ? 11.090  -7.133  17.313  1.00 58.64  ? 25 GLY A O     1 
ATOM   625  N N     . VAL C 3 25 ? 9.218   -7.001  16.104  1.00 56.66  ? 26 VAL A N     1 
ATOM   626  C CA    . VAL C 3 25 ? 9.527   -5.635  15.716  1.00 52.36  ? 26 VAL A CA    1 
ATOM   627  C C     . VAL C 3 25 ? 8.838   -4.652  16.650  1.00 53.68  ? 26 VAL A C     1 
ATOM   628  O O     . VAL C 3 25 ? 7.721   -4.888  17.107  1.00 53.04  ? 26 VAL A O     1 
ATOM   629  C CB    . VAL C 3 25 ? 9.097   -5.333  14.254  1.00 52.78  ? 26 VAL A CB    1 
ATOM   630  C CG1   . VAL C 3 25 ? 9.358   -6.547  13.371  1.00 38.08  ? 26 VAL A CG1   1 
ATOM   631  C CG2   . VAL C 3 25 ? 7.647   -4.936  14.198  1.00 61.37  ? 26 VAL A CG2   1 
ATOM   632  N N     . GLN C 3 26 ? 9.520   -3.555  16.948  1.00 56.80  ? 27 GLN A N     1 
ATOM   633  C CA    . GLN C 3 26 ? 8.958   -2.529  17.805  1.00 50.47  ? 27 GLN A CA    1 
ATOM   634  C C     . GLN C 3 26 ? 8.598   -1.339  16.922  1.00 49.08  ? 27 GLN A C     1 
ATOM   635  O O     . GLN C 3 26 ? 9.471   -0.570  16.507  1.00 45.77  ? 27 GLN A O     1 
ATOM   636  C CB    . GLN C 3 26 ? 9.968   -2.105  18.862  1.00 53.43  ? 27 GLN A CB    1 
ATOM   637  C CG    . GLN C 3 26 ? 9.393   -1.136  19.881  1.00 71.64  ? 27 GLN A CG    1 
ATOM   638  C CD    . GLN C 3 26 ? 10.448  -0.599  20.822  1.00 77.76  ? 27 GLN A CD    1 
ATOM   639  O OE1   . GLN C 3 26 ? 11.081  -1.356  21.562  1.00 84.30  ? 27 GLN A OE1   1 
ATOM   640  N NE2   . GLN C 3 26 ? 10.652  0.714   20.794  1.00 78.65  ? 27 GLN A NE2   1 
ATOM   641  N N     . LEU C 3 27 ? 7.310   -1.207  16.626  1.00 45.77  ? 28 LEU A N     1 
ATOM   642  C CA    . LEU C 3 27 ? 6.805   -0.124  15.785  1.00 50.01  ? 28 LEU A CA    1 
ATOM   643  C C     . LEU C 3 27 ? 7.274   1.254   16.263  1.00 50.51  ? 28 LEU A C     1 
ATOM   644  O O     . LEU C 3 27 ? 7.166   1.581   17.442  1.00 51.91  ? 28 LEU A O     1 
ATOM   645  C CB    . LEU C 3 27 ? 5.272   -0.179  15.751  1.00 44.77  ? 28 LEU A CB    1 
ATOM   646  C CG    . LEU C 3 27 ? 4.575   -0.888  14.581  1.00 48.14  ? 28 LEU A CG    1 
ATOM   647  C CD1   . LEU C 3 27 ? 5.508   -1.867  13.880  1.00 42.63  ? 28 LEU A CD1   1 
ATOM   648  C CD2   . LEU C 3 27 ? 3.335   -1.584  15.109  1.00 41.29  ? 28 LEU A CD2   1 
ATOM   649  N N     . GLY C 3 28 ? 7.805   2.058   15.348  1.00 45.69  ? 29 GLY A N     1 
ATOM   650  C CA    . GLY C 3 28 ? 8.261   3.378   15.736  1.00 44.83  ? 29 GLY A CA    1 
ATOM   651  C C     . GLY C 3 28 ? 9.096   4.120   14.711  1.00 47.68  ? 29 GLY A C     1 
ATOM   652  O O     . GLY C 3 28 ? 9.605   3.545   13.743  1.00 46.00  ? 29 GLY A O     1 
ATOM   653  N N     . ALA C 3 29 ? 9.241   5.419   14.941  1.00 39.01  ? 30 ALA A N     1 
ATOM   654  C CA    . ALA C 3 29 ? 10.008  6.269   14.056  1.00 42.70  ? 30 ALA A CA    1 
ATOM   655  C C     . ALA C 3 29 ? 11.441  5.775   13.891  1.00 34.70  ? 30 ALA A C     1 
ATOM   656  O O     . ALA C 3 29 ? 11.993  5.822   12.797  1.00 44.07  ? 30 ALA A O     1 
ATOM   657  C CB    . ALA C 3 29 ? 10.010  7.710   14.587  1.00 30.57  ? 30 ALA A CB    1 
ATOM   658  N N     . GLU C 3 30 ? 12.045  5.289   14.971  1.00 49.08  ? 31 GLU A N     1 
ATOM   659  C CA    . GLU C 3 30 ? 13.437  4.845   14.900  1.00 48.89  ? 31 GLU A CA    1 
ATOM   660  C C     . GLU C 3 30 ? 13.657  3.418   14.413  1.00 50.24  ? 31 GLU A C     1 
ATOM   661  O O     . GLU C 3 30 ? 14.776  2.910   14.417  1.00 57.11  ? 31 GLU A O     1 
ATOM   662  C CB    . GLU C 3 30 ? 14.115  5.047   16.253  1.00 51.74  ? 31 GLU A CB    1 
ATOM   663  C CG    . GLU C 3 30 ? 14.305  6.510   16.629  1.00 51.23  ? 31 GLU A CG    1 
ATOM   664  C CD    . GLU C 3 30 ? 15.166  7.279   15.622  1.00 61.98  ? 31 GLU A CD    1 
ATOM   665  O OE1   . GLU C 3 30 ? 16.214  6.750   15.192  1.00 57.65  ? 31 GLU A OE1   1 
ATOM   666  O OE2   . GLU C 3 30 ? 14.803  8.422   15.267  1.00 63.33  ? 31 GLU A OE2   1 
ATOM   667  N N     . THR C 3 31 ? 12.590  2.776   13.976  1.00 42.74  ? 32 THR A N     1 
ATOM   668  C CA    . THR C 3 31 ? 12.689  1.425   13.472  1.00 39.28  ? 32 THR A CA    1 
ATOM   669  C C     . THR C 3 31 ? 12.889  1.492   11.953  1.00 45.37  ? 32 THR A C     1 
ATOM   670  O O     . THR C 3 31 ? 12.422  2.429   11.301  1.00 40.65  ? 32 THR A O     1 
ATOM   671  C CB    . THR C 3 31 ? 11.409  0.673   13.836  1.00 45.31  ? 32 THR A CB    1 
ATOM   672  O OG1   . THR C 3 31 ? 11.379  0.485   15.254  1.00 44.04  ? 32 THR A OG1   1 
ATOM   673  C CG2   . THR C 3 31 ? 11.324  -0.658  13.132  1.00 31.43  ? 32 THR A CG2   1 
ATOM   674  N N     . THR C 3 32 ? 13.580  0.512   11.379  1.00 42.10  ? 33 THR A N     1 
ATOM   675  C CA    . THR C 3 32 ? 13.803  0.551   9.947   1.00 40.96  ? 33 THR A CA    1 
ATOM   676  C C     . THR C 3 32 ? 12.462  0.486   9.236   1.00 47.49  ? 33 THR A C     1 
ATOM   677  O O     . THR C 3 32 ? 11.496  -0.090  9.751   1.00 44.96  ? 33 THR A O     1 
ATOM   678  C CB    . THR C 3 32 ? 14.666  -0.624  9.453   1.00 48.21  ? 33 THR A CB    1 
ATOM   679  O OG1   . THR C 3 32 ? 13.896  -1.825  9.495   1.00 43.11  ? 33 THR A OG1   1 
ATOM   680  C CG2   . THR C 3 32 ? 15.912  -0.781  10.321  1.00 49.53  ? 33 THR A CG2   1 
ATOM   681  N N     . SER C 3 33 ? 12.406  1.080   8.051   1.00 40.30  ? 34 SER A N     1 
ATOM   682  C CA    . SER C 3 33 ? 11.180  1.079   7.274   1.00 45.31  ? 34 SER A CA    1 
ATOM   683  C C     . SER C 3 33 ? 10.789  -0.350  6.915   1.00 41.89  ? 34 SER A C     1 
ATOM   684  O O     . SER C 3 33 ? 9.604   -0.649  6.770   1.00 39.88  ? 34 SER A O     1 
ATOM   685  C CB    . SER C 3 33 ? 11.354  1.920   5.998   1.00 37.21  ? 34 SER A CB    1 
ATOM   686  O OG    . SER C 3 33 ? 12.205  1.250   5.083   1.00 71.94  ? 34 SER A OG    1 
ATOM   687  N N     . ARG C 3 34 ? 11.783  -1.229  6.766   1.00 43.51  ? 35 ARG A N     1 
ATOM   688  C CA    . ARG C 3 34 ? 11.509  -2.630  6.428   1.00 46.72  ? 35 ARG A CA    1 
ATOM   689  C C     . ARG C 3 34 ? 10.792  -3.341  7.571   1.00 43.85  ? 35 ARG A C     1 
ATOM   690  O O     . ARG C 3 34 ? 9.792   -4.014  7.354   1.00 39.69  ? 35 ARG A O     1 
ATOM   691  C CB    . ARG C 3 34 ? 12.794  -3.399  6.098   1.00 45.81  ? 35 ARG A CB    1 
ATOM   692  C CG    . ARG C 3 34 ? 12.578  -4.916  6.006   1.00 42.37  ? 35 ARG A CG    1 
ATOM   693  C CD    . ARG C 3 34 ? 13.750  -5.641  5.345   1.00 39.00  ? 35 ARG A CD    1 
ATOM   694  N NE    . ARG C 3 34 ? 13.777  -5.455  3.886   1.00 48.32  ? 35 ARG A NE    1 
ATOM   695  C CZ    . ARG C 3 34 ? 14.868  -5.119  3.202   1.00 42.89  ? 35 ARG A CZ    1 
ATOM   696  N NH1   . ARG C 3 34 ? 16.013  -4.927  3.844   1.00 38.25  ? 35 ARG A NH1   1 
ATOM   697  N NH2   . ARG C 3 34 ? 14.821  -4.979  1.885   1.00 35.74  ? 35 ARG A NH2   1 
ATOM   698  N N     . ALA C 3 35 ? 11.313  -3.195  8.783   1.00 35.28  ? 36 ALA A N     1 
ATOM   699  C CA    . ALA C 3 35 ? 10.698  -3.815  9.930   1.00 38.14  ? 36 ALA A CA    1 
ATOM   700  C C     . ALA C 3 35 ? 9.271   -3.291  10.113  1.00 43.00  ? 36 ALA A C     1 
ATOM   701  O O     . ALA C 3 35 ? 8.333   -4.081  10.243  1.00 39.68  ? 36 ALA A O     1 
ATOM   702  C CB    . ALA C 3 35 ? 11.532  -3.550  11.176  1.00 36.60  ? 36 ALA A CB    1 
ATOM   703  N N     . ASN C 3 36 ? 9.096   -1.968  10.126  1.00 39.53  ? 37 ASN A N     1 
ATOM   704  C CA    . ASN C 3 36 ? 7.752   -1.383  10.286  1.00 36.31  ? 37 ASN A CA    1 
ATOM   705  C C     . ASN C 3 36 ? 6.860   -1.902  9.166   1.00 37.78  ? 37 ASN A C     1 
ATOM   706  O O     . ASN C 3 36 ? 5.736   -2.331  9.404   1.00 34.60  ? 37 ASN A O     1 
ATOM   707  C CB    . ASN C 3 36 ? 7.791   0.151   10.185  1.00 36.27  ? 37 ASN A CB    1 
ATOM   708  C CG    . ASN C 3 36 ? 8.388   0.818   11.410  1.00 37.17  ? 37 ASN A CG    1 
ATOM   709  O OD1   . ASN C 3 36 ? 7.938   0.604   12.538  1.00 43.06  ? 37 ASN A OD1   1 
ATOM   710  N ND2   . ASN C 3 36 ? 9.398   1.647   11.192  1.00 31.85  ? 37 ASN A ND2   1 
ATOM   711  N N     . GLY C 3 37 ? 7.384   -1.863  7.941   1.00 32.81  ? 38 GLY A N     1 
ATOM   712  C CA    . GLY C 3 37 ? 6.625   -2.305  6.791   1.00 36.55  ? 38 GLY A CA    1 
ATOM   713  C C     . GLY C 3 37 ? 6.143   -3.735  6.852   1.00 40.04  ? 38 GLY A C     1 
ATOM   714  O O     . GLY C 3 37 ? 5.031   -4.032  6.417   1.00 36.93  ? 38 GLY A O     1 
ATOM   715  N N     . SER C 3 38 ? 6.967   -4.629  7.393   1.00 43.30  ? 39 SER A N     1 
ATOM   716  C CA    . SER C 3 38 ? 6.584   -6.042  7.470   1.00 40.15  ? 39 SER A CA    1 
ATOM   717  C C     . SER C 3 38 ? 5.279   -6.261  8.251   1.00 33.10  ? 39 SER A C     1 
ATOM   718  O O     . SER C 3 38 ? 4.467   -7.100  7.873   1.00 35.33  ? 39 SER A O     1 
ATOM   719  C CB    . SER C 3 38 ? 7.707   -6.862  8.095   1.00 25.06  ? 39 SER A CB    1 
ATOM   720  O OG    . SER C 3 38 ? 7.916   -6.505  9.444   1.00 37.00  ? 39 SER A OG    1 
ATOM   721  N N     . VAL C 3 39 ? 5.077   -5.515  9.333   1.00 39.62  ? 40 VAL A N     1 
ATOM   722  C CA    . VAL C 3 39 ? 3.845   -5.663  10.109  1.00 39.36  ? 40 VAL A CA    1 
ATOM   723  C C     . VAL C 3 39 ? 2.638   -5.336  9.233   1.00 38.87  ? 40 VAL A C     1 
ATOM   724  O O     . VAL C 3 39 ? 1.615   -6.023  9.287   1.00 39.56  ? 40 VAL A O     1 
ATOM   725  C CB    . VAL C 3 39 ? 3.858   -4.748  11.349  1.00 41.22  ? 40 VAL A CB    1 
ATOM   726  C CG1   . VAL C 3 39 ? 2.520   -4.812  12.081  1.00 44.46  ? 40 VAL A CG1   1 
ATOM   727  C CG2   . VAL C 3 39 ? 4.966   -5.182  12.281  1.00 34.29  ? 40 VAL A CG2   1 
ATOM   728  N N     . GLY C 3 40 ? 2.768   -4.297  8.411   1.00 36.57  ? 41 GLY A N     1 
ATOM   729  C CA    . GLY C 3 40 ? 1.674   -3.906  7.540   1.00 33.87  ? 41 GLY A CA    1 
ATOM   730  C C     . GLY C 3 40 ? 1.416   -4.943  6.473   1.00 43.19  ? 41 GLY A C     1 
ATOM   731  O O     . GLY C 3 40 ? 0.283   -5.120  6.027   1.00 36.94  ? 41 GLY A O     1 
ATOM   732  N N     . GLY C 3 41 ? 2.475   -5.632  6.054   1.00 40.71  ? 42 GLY A N     1 
ATOM   733  C CA    . GLY C 3 41 ? 2.327   -6.659  5.036   1.00 39.66  ? 42 GLY A CA    1 
ATOM   734  C C     . GLY C 3 41 ? 1.593   -7.881  5.561   1.00 41.22  ? 42 GLY A C     1 
ATOM   735  O O     . GLY C 3 41 ? 0.879   -8.548  4.811   1.00 40.01  ? 42 GLY A O     1 
ATOM   736  N N     . GLU C 3 42 ? 1.783   -8.189  6.842   1.00 38.51  ? 43 GLU A N     1 
ATOM   737  C CA    . GLU C 3 42 ? 1.117   -9.332  7.456   1.00 40.79  ? 43 GLU A CA    1 
ATOM   738  C C     . GLU C 3 42 ? -0.357  -9.057  7.623   1.00 40.15  ? 43 GLU A C     1 
ATOM   739  O O     . GLU C 3 42 ? -1.183  -9.946  7.416   1.00 48.76  ? 43 GLU A O     1 
ATOM   740  C CB    . GLU C 3 42 ? 1.712   -9.640  8.825   1.00 40.16  ? 43 GLU A CB    1 
ATOM   741  C CG    . GLU C 3 42 ? 2.619   -10.840 8.831   1.00 62.52  ? 43 GLU A CG    1 
ATOM   742  C CD    . GLU C 3 42 ? 1.903   -12.141 8.523   1.00 59.78  ? 43 GLU A CD    1 
ATOM   743  O OE1   . GLU C 3 42 ? 1.049   -12.565 9.325   1.00 60.32  ? 43 GLU A OE1   1 
ATOM   744  O OE2   . GLU C 3 42 ? 2.205   -12.739 7.474   1.00 54.37  ? 43 GLU A OE2   1 
ATOM   745  N N     . ILE C 3 43 ? -0.687  -7.826  8.010   1.00 43.09  ? 44 ILE A N     1 
ATOM   746  C CA    . ILE C 3 43 ? -2.085  -7.461  8.193   1.00 38.28  ? 44 ILE A CA    1 
ATOM   747  C C     . ILE C 3 43 ? -2.851  -7.735  6.905   1.00 40.44  ? 44 ILE A C     1 
ATOM   748  O O     . ILE C 3 43 ? -3.900  -8.398  6.914   1.00 45.77  ? 44 ILE A O     1 
ATOM   749  C CB    . ILE C 3 43 ? -2.237  -5.975  8.582   1.00 43.45  ? 44 ILE A CB    1 
ATOM   750  C CG1   . ILE C 3 43 ? -1.638  -5.747  9.973   1.00 39.06  ? 44 ILE A CG1   1 
ATOM   751  C CG2   . ILE C 3 43 ? -3.730  -5.584  8.586   1.00 37.75  ? 44 ILE A CG2   1 
ATOM   752  C CD1   . ILE C 3 43 ? -1.426  -4.276  10.328  1.00 42.18  ? 44 ILE A CD1   1 
ATOM   753  N N     . THR C 3 44 ? -2.317  -7.246  5.791   1.00 37.73  ? 45 THR A N     1 
ATOM   754  C CA    . THR C 3 44 ? -2.966  -7.437  4.498   1.00 43.45  ? 45 THR A CA    1 
ATOM   755  C C     . THR C 3 44 ? -3.054  -8.915  4.123   1.00 50.39  ? 45 THR A C     1 
ATOM   756  O O     . THR C 3 44 ? -4.080  -9.375  3.623   1.00 50.48  ? 45 THR A O     1 
ATOM   757  C CB    . THR C 3 44 ? -2.219  -6.669  3.382   1.00 38.42  ? 45 THR A CB    1 
ATOM   758  O OG1   . THR C 3 44 ? -2.337  -5.261  3.614   1.00 41.78  ? 45 THR A OG1   1 
ATOM   759  C CG2   . THR C 3 44 ? -2.820  -6.984  2.013   1.00 41.77  ? 45 THR A CG2   1 
ATOM   760  N N     . LYS C 3 45 ? -1.974  -9.652  4.372   1.00 44.44  ? 46 LYS A N     1 
ATOM   761  C CA    . LYS C 3 45 ? -1.935  -11.069 4.054   1.00 46.06  ? 46 LYS A CA    1 
ATOM   762  C C     . LYS C 3 45 ? -3.010  -11.819 4.835   1.00 48.50  ? 46 LYS A C     1 
ATOM   763  O O     . LYS C 3 45 ? -3.834  -12.524 4.253   1.00 47.19  ? 46 LYS A O     1 
ATOM   764  C CB    . LYS C 3 45 ? -0.551  -11.637 4.376   1.00 42.03  ? 46 LYS A CB    1 
ATOM   765  C CG    . LYS C 3 45 ? -0.389  -13.105 4.046   1.00 51.45  ? 46 LYS A CG    1 
ATOM   766  C CD    . LYS C 3 45 ? 1.046   -13.562 4.285   1.00 52.55  ? 46 LYS A CD    1 
ATOM   767  C CE    . LYS C 3 45 ? 1.215   -15.033 3.938   1.00 55.43  ? 46 LYS A CE    1 
ATOM   768  N NZ    . LYS C 3 45 ? 2.612   -15.502 4.173   1.00 59.10  ? 46 LYS A NZ    1 
ATOM   769  N N     . ARG C 3 46 ? -3.006  -11.661 6.154   1.00 49.73  ? 47 ARG A N     1 
ATOM   770  C CA    . ARG C 3 46 ? -3.995  -12.334 6.981   1.00 47.84  ? 47 ARG A CA    1 
ATOM   771  C C     . ARG C 3 46 ? -5.412  -11.913 6.635   1.00 51.55  ? 47 ARG A C     1 
ATOM   772  O O     . ARG C 3 46 ? -6.310  -12.751 6.587   1.00 51.29  ? 47 ARG A O     1 
ATOM   773  C CB    . ARG C 3 46 ? -3.726  -12.078 8.457   1.00 40.06  ? 47 ARG A CB    1 
ATOM   774  C CG    . ARG C 3 46 ? -2.459  -12.726 8.938   1.00 41.28  ? 47 ARG A CG    1 
ATOM   775  C CD    . ARG C 3 46 ? -2.326  -12.581 10.428  1.00 41.10  ? 47 ARG A CD    1 
ATOM   776  N NE    . ARG C 3 46 ? -1.027  -13.047 10.879  1.00 44.61  ? 47 ARG A NE    1 
ATOM   777  C CZ    . ARG C 3 46 ? -0.639  -13.044 12.146  1.00 55.52  ? 47 ARG A CZ    1 
ATOM   778  N NH1   . ARG C 3 46 ? -1.463  -12.602 13.090  1.00 51.81  ? 47 ARG A NH1   1 
ATOM   779  N NH2   . ARG C 3 46 ? 0.582   -13.461 12.464  1.00 46.51  ? 47 ARG A NH2   1 
ATOM   780  N N     . LEU C 3 47 ? -5.628  -10.627 6.386   1.00 51.39  ? 48 LEU A N     1 
ATOM   781  C CA    . LEU C 3 47 ? -6.972  -10.188 6.034   1.00 54.20  ? 48 LEU A CA    1 
ATOM   782  C C     . LEU C 3 47 ? -7.434  -10.825 4.728   1.00 59.14  ? 48 LEU A C     1 
ATOM   783  O O     . LEU C 3 47 ? -8.570  -11.288 4.620   1.00 59.94  ? 48 LEU A O     1 
ATOM   784  C CB    . LEU C 3 47 ? -7.031  -8.665  5.928   1.00 48.93  ? 48 LEU A CB    1 
ATOM   785  C CG    . LEU C 3 47 ? -6.931  -7.977  7.288   1.00 47.52  ? 48 LEU A CG    1 
ATOM   786  C CD1   . LEU C 3 47 ? -6.925  -6.473  7.108   1.00 44.61  ? 48 LEU A CD1   1 
ATOM   787  C CD2   . LEU C 3 47 ? -8.114  -8.414  8.157   1.00 47.59  ? 48 LEU A CD2   1 
ATOM   788  N N     . VAL C 3 48 ? -6.547  -10.848 3.739   1.00 60.65  ? 49 VAL A N     1 
ATOM   789  C CA    . VAL C 3 48 ? -6.855  -11.436 2.438   1.00 59.90  ? 49 VAL A CA    1 
ATOM   790  C C     . VAL C 3 48 ? -7.157  -12.925 2.582   1.00 64.12  ? 49 VAL A C     1 
ATOM   791  O O     . VAL C 3 48 ? -8.094  -13.445 1.975   1.00 65.28  ? 49 VAL A O     1 
ATOM   792  C CB    . VAL C 3 48 ? -5.667  -11.271 1.453   1.00 61.03  ? 49 VAL A CB    1 
ATOM   793  C CG1   . VAL C 3 48 ? -5.902  -12.107 0.206   1.00 54.58  ? 49 VAL A CG1   1 
ATOM   794  C CG2   . VAL C 3 48 ? -5.498  -9.807  1.076   1.00 56.10  ? 49 VAL A CG2   1 
ATOM   795  N N     . ARG C 3 49 ? -6.346  -13.606 3.382   1.00 62.83  ? 50 ARG A N     1 
ATOM   796  C CA    . ARG C 3 49 ? -6.509  -15.033 3.609   1.00 67.90  ? 50 ARG A CA    1 
ATOM   797  C C     . ARG C 3 49 ? -7.851  -15.320 4.275   1.00 72.95  ? 50 ARG A C     1 
ATOM   798  O O     . ARG C 3 49 ? -8.612  -16.172 3.814   1.00 73.21  ? 50 ARG A O     1 
ATOM   799  C CB    . ARG C 3 49 ? -5.360  -15.547 4.480   1.00 70.16  ? 50 ARG A CB    1 
ATOM   800  C CG    . ARG C 3 49 ? -5.520  -16.966 4.998   1.00 67.39  ? 50 ARG A CG    1 
ATOM   801  C CD    . ARG C 3 49 ? -4.277  -17.380 5.782   1.00 74.74  ? 50 ARG A CD    1 
ATOM   802  N NE    . ARG C 3 49 ? -3.132  -17.655 4.915   1.00 80.07  ? 50 ARG A NE    1 
ATOM   803  C CZ    . ARG C 3 49 ? -1.865  -17.656 5.325   1.00 85.68  ? 50 ARG A CZ    1 
ATOM   804  N NH1   . ARG C 3 49 ? -1.580  -17.387 6.592   1.00 83.72  ? 50 ARG A NH1   1 
ATOM   805  N NH2   . ARG C 3 49 ? -0.883  -17.942 4.474   1.00 83.04  ? 50 ARG A NH2   1 
ATOM   806  N N     . LEU C 3 50 ? -8.137  -14.601 5.357   1.00 70.89  ? 51 LEU A N     1 
ATOM   807  C CA    . LEU C 3 50 ? -9.392  -14.777 6.076   1.00 67.57  ? 51 LEU A CA    1 
ATOM   808  C C     . LEU C 3 50 ? -10.572 -14.535 5.143   1.00 64.75  ? 51 LEU A C     1 
ATOM   809  O O     . LEU C 3 50 ? -11.590 -15.215 5.234   1.00 71.06  ? 51 LEU A O     1 
ATOM   810  C CB    . LEU C 3 50 ? -9.463  -13.821 7.272   1.00 57.50  ? 51 LEU A CB    1 
ATOM   811  C CG    . LEU C 3 50 ? -8.403  -14.045 8.358   1.00 62.42  ? 51 LEU A CG    1 
ATOM   812  C CD1   . LEU C 3 50 ? -8.476  -12.933 9.395   1.00 53.85  ? 51 LEU A CD1   1 
ATOM   813  C CD2   . LEU C 3 50 ? -8.615  -15.407 9.006   1.00 54.40  ? 51 LEU A CD2   1 
ATOM   814  N N     . ALA C 3 51 ? -10.432 -13.572 4.239   1.00 65.46  ? 52 ALA A N     1 
ATOM   815  C CA    . ALA C 3 51 ? -11.505 -13.267 3.302   1.00 72.25  ? 52 ALA A CA    1 
ATOM   816  C C     . ALA C 3 51 ? -11.751 -14.457 2.374   1.00 74.88  ? 52 ALA A C     1 
ATOM   817  O O     . ALA C 3 51 ? -12.887 -14.905 2.209   1.00 70.92  ? 52 ALA A O     1 
ATOM   818  C CB    . ALA C 3 51 ? -11.161 -12.025 2.491   1.00 65.58  ? 52 ALA A CB    1 
ATOM   819  N N     . GLN C 3 52 ? -10.680 -14.968 1.775   1.00 76.03  ? 53 GLN A N     1 
ATOM   820  C CA    . GLN C 3 52 ? -10.784 -16.108 0.872   1.00 78.26  ? 53 GLN A CA    1 
ATOM   821  C C     . GLN C 3 52 ? -11.391 -17.308 1.589   1.00 82.51  ? 53 GLN A C     1 
ATOM   822  O O     . GLN C 3 52 ? -12.236 -18.011 1.035   1.00 87.72  ? 53 GLN A O     1 
ATOM   823  C CB    . GLN C 3 52 ? -9.405  -16.479 0.328   1.00 76.02  ? 53 GLN A CB    1 
ATOM   824  C CG    . GLN C 3 52 ? -8.728  -15.353 -0.424  1.00 73.04  ? 53 GLN A CG    1 
ATOM   825  C CD    . GLN C 3 52 ? -7.363  -15.733 -0.945  1.00 74.80  ? 53 GLN A CD    1 
ATOM   826  O OE1   . GLN C 3 52 ? -6.634  -14.888 -1.466  1.00 84.67  ? 53 GLN A OE1   1 
ATOM   827  N NE2   . GLN C 3 52 ? -7.006  -17.008 -0.817  1.00 66.32  ? 53 GLN A NE2   1 
ATOM   828  N N     . GLN C 3 53 ? -10.953 -17.539 2.820   1.00 82.11  ? 54 GLN A N     1 
ATOM   829  C CA    . GLN C 3 53 ? -11.464 -18.650 3.608   1.00 80.58  ? 54 GLN A CA    1 
ATOM   830  C C     . GLN C 3 53 ? -12.964 -18.508 3.837   1.00 83.65  ? 54 GLN A C     1 
ATOM   831  O O     . GLN C 3 53 ? -13.746 -19.346 3.388   1.00 84.95  ? 54 GLN A O     1 
ATOM   832  C CB    . GLN C 3 53 ? -10.740 -18.723 4.949   1.00 79.25  ? 54 GLN A CB    1 
ATOM   833  C CG    . GLN C 3 53 ? -9.330  -19.269 4.852   1.00 72.23  ? 54 GLN A CG    1 
ATOM   834  C CD    . GLN C 3 53 ? -8.629  -19.292 6.194   1.00 73.41  ? 54 GLN A CD    1 
ATOM   835  O OE1   . GLN C 3 53 ? -7.582  -19.924 6.350   1.00 69.19  ? 54 GLN A OE1   1 
ATOM   836  N NE2   . GLN C 3 53 ? -9.200  -18.596 7.172   1.00 77.53  ? 54 GLN A NE2   1 
ATOM   837  N N     . ASN C 3 54 ? -13.362 -17.447 4.534   1.00 84.54  ? 55 ASN A N     1 
ATOM   838  C CA    . ASN C 3 54 ? -14.774 -17.203 4.813   1.00 90.75  ? 55 ASN A CA    1 
ATOM   839  C C     . ASN C 3 54 ? -15.468 -16.646 3.582   1.00 91.89  ? 55 ASN A C     1 
ATOM   840  O O     . ASN C 3 54 ? -16.061 -15.566 3.621   1.00 91.50  ? 55 ASN A O     1 
ATOM   841  C CB    . ASN C 3 54 ? -14.926 -16.225 5.982   1.00 91.36  ? 55 ASN A CB    1 
ATOM   842  C CG    . ASN C 3 54 ? -14.397 -16.792 7.288   1.00 98.00  ? 55 ASN A CG    1 
ATOM   843  O OD1   . ASN C 3 54 ? -13.233 -17.198 7.377   1.00 98.17  ? 55 ASN A OD1   1 
ATOM   844  N ND2   . ASN C 3 54 ? -15.251 -16.821 8.314   1.00 94.13  ? 55 ASN A ND2   1 
ATOM   845  N N     . MET C 3 55 ? -15.388 -17.397 2.490   1.00 95.60  ? 56 MET A N     1 
ATOM   846  C CA    . MET C 3 55 ? -15.997 -17.005 1.226   1.00 101.04 ? 56 MET A CA    1 
ATOM   847  C C     . MET C 3 55 ? -15.910 -18.146 0.213   1.00 103.73 ? 56 MET A C     1 
ATOM   848  O O     . MET C 3 55 ? -16.898 -18.494 -0.436  1.00 103.60 ? 56 MET A O     1 
ATOM   849  C CB    . MET C 3 55 ? -15.289 -15.771 0.667   1.00 104.64 ? 56 MET A CB    1 
ATOM   850  C CG    . MET C 3 55 ? -15.773 -15.342 -0.703  1.00 105.40 ? 56 MET A CG    1 
ATOM   851  S SD    . MET C 3 55 ? -14.709 -14.067 -1.392  1.00 112.39 ? 56 MET A SD    1 
ATOM   852  C CE    . MET C 3 55 ? -13.303 -15.070 -1.906  1.00 99.77  ? 56 MET A CE    1 
ATOM   853  N N     . GLY C 3 56 ? -14.717 -18.720 0.082   1.00 104.97 ? 57 GLY A N     1 
ATOM   854  C CA    . GLY C 3 56 ? -14.519 -19.813 -0.853  1.00 105.59 ? 57 GLY A CA    1 
ATOM   855  C C     . GLY C 3 56 ? -13.699 -20.937 -0.251  1.00 106.23 ? 57 GLY A C     1 
ATOM   856  O O     . GLY C 3 56 ? -12.595 -21.218 -0.770  1.00 106.02 ? 57 GLY A O     1 
ATOM   857  N N     . ALA D 3 1  ? 3.156   4.731   -4.915  1.00 86.40  ? 2  ALA B N     1 
ATOM   858  C CA    . ALA D 3 1  ? 4.178   5.794   -5.138  1.00 83.72  ? 2  ALA B CA    1 
ATOM   859  C C     . ALA D 3 1  ? 3.735   6.735   -6.256  1.00 84.07  ? 2  ALA B C     1 
ATOM   860  O O     . ALA D 3 1  ? 4.268   7.839   -6.396  1.00 90.17  ? 2  ALA B O     1 
ATOM   861  C CB    . ALA D 3 1  ? 5.527   5.160   -5.486  1.00 77.40  ? 2  ALA B CB    1 
ATOM   862  N N     . LYS D 3 2  ? 2.755   6.293   -7.043  1.00 71.19  ? 3  LYS B N     1 
ATOM   863  C CA    . LYS D 3 2  ? 2.232   7.088   -8.152  1.00 67.40  ? 3  LYS B CA    1 
ATOM   864  C C     . LYS D 3 2  ? 1.960   8.531   -7.715  1.00 64.01  ? 3  LYS B C     1 
ATOM   865  O O     . LYS D 3 2  ? 0.989   8.811   -7.014  1.00 62.63  ? 3  LYS B O     1 
ATOM   866  C CB    . LYS D 3 2  ? 0.946   6.435   -8.700  1.00 68.04  ? 3  LYS B CB    1 
ATOM   867  C CG    . LYS D 3 2  ? 0.282   7.159   -9.878  1.00 74.05  ? 3  LYS B CG    1 
ATOM   868  C CD    . LYS D 3 2  ? -0.621  8.302   -9.420  1.00 72.50  ? 3  LYS B CD    1 
ATOM   869  C CE    . LYS D 3 2  ? -1.201  9.084   -10.594 1.00 72.86  ? 3  LYS B CE    1 
ATOM   870  N NZ    . LYS D 3 2  ? -1.922  10.319  -10.148 1.00 55.11  ? 3  LYS B NZ    1 
ATOM   871  N N     . LEU D 3 3  ? 2.840   9.435   -8.134  1.00 59.07  ? 4  LEU B N     1 
ATOM   872  C CA    . LEU D 3 3  ? 2.738   10.857  -7.820  1.00 56.46  ? 4  LEU B CA    1 
ATOM   873  C C     . LEU D 3 3  ? 1.461   11.431  -8.411  1.00 55.51  ? 4  LEU B C     1 
ATOM   874  O O     . LEU D 3 3  ? 0.845   10.814  -9.279  1.00 54.71  ? 4  LEU B O     1 
ATOM   875  C CB    . LEU D 3 3  ? 3.923   11.606  -8.426  1.00 45.30  ? 4  LEU B CB    1 
ATOM   876  C CG    . LEU D 3 3  ? 5.336   11.145  -8.070  1.00 52.29  ? 4  LEU B CG    1 
ATOM   877  C CD1   . LEU D 3 3  ? 6.333   11.696  -9.090  1.00 46.19  ? 4  LEU B CD1   1 
ATOM   878  C CD2   . LEU D 3 3  ? 5.686   11.611  -6.667  1.00 47.74  ? 4  LEU B CD2   1 
ATOM   879  N N     . LEU D 3 4  ? 1.067   12.613  -7.942  1.00 51.42  ? 5  LEU B N     1 
ATOM   880  C CA    . LEU D 3 4  ? -0.118  13.271  -8.480  1.00 48.02  ? 5  LEU B CA    1 
ATOM   881  C C     . LEU D 3 4  ? 0.083   13.436  -9.987  1.00 48.35  ? 5  LEU B C     1 
ATOM   882  O O     . LEU D 3 4  ? -0.848  13.227  -10.764 1.00 45.18  ? 5  LEU B O     1 
ATOM   883  C CB    . LEU D 3 4  ? -0.316  14.644  -7.830  1.00 50.25  ? 5  LEU B CB    1 
ATOM   884  C CG    . LEU D 3 4  ? -1.159  14.708  -6.550  1.00 53.01  ? 5  LEU B CG    1 
ATOM   885  C CD1   . LEU D 3 4  ? -0.582  13.776  -5.513  1.00 61.93  ? 5  LEU B CD1   1 
ATOM   886  C CD2   . LEU D 3 4  ? -1.174  16.137  -6.028  1.00 47.67  ? 5  LEU B CD2   1 
ATOM   887  N N     . ILE D 3 5  ? 1.298   13.822  -10.385 1.00 43.75  ? 6  ILE B N     1 
ATOM   888  C CA    . ILE D 3 5  ? 1.641   13.984  -11.799 1.00 51.19  ? 6  ILE B CA    1 
ATOM   889  C C     . ILE D 3 5  ? 2.839   13.085  -12.132 1.00 50.86  ? 6  ILE B C     1 
ATOM   890  O O     . ILE D 3 5  ? 3.994   13.449  -11.893 1.00 49.09  ? 6  ILE B O     1 
ATOM   891  C CB    . ILE D 3 5  ? 1.980   15.463  -12.158 1.00 56.06  ? 6  ILE B CB    1 
ATOM   892  C CG1   . ILE D 3 5  ? 0.692   16.256  -12.427 1.00 54.79  ? 6  ILE B CG1   1 
ATOM   893  C CG2   . ILE D 3 5  ? 2.820   15.517  -13.434 1.00 49.27  ? 6  ILE B CG2   1 
ATOM   894  C CD1   . ILE D 3 5  ? -0.242  16.362  -11.273 1.00 60.19  ? 6  ILE B CD1   1 
ATOM   895  N N     . PRO D 3 6  ? 2.574   11.893  -12.695 1.00 53.50  ? 7  PRO B N     1 
ATOM   896  C CA    . PRO D 3 6  ? 3.646   10.950  -13.045 1.00 57.57  ? 7  PRO B CA    1 
ATOM   897  C C     . PRO D 3 6  ? 4.764   11.550  -13.903 1.00 56.25  ? 7  PRO B C     1 
ATOM   898  O O     . PRO D 3 6  ? 5.933   11.194  -13.739 1.00 60.23  ? 7  PRO B O     1 
ATOM   899  C CB    . PRO D 3 6  ? 2.897   9.821   -13.758 1.00 55.73  ? 7  PRO B CB    1 
ATOM   900  C CG    . PRO D 3 6  ? 1.536   9.868   -13.123 1.00 57.49  ? 7  PRO B CG    1 
ATOM   901  C CD    . PRO D 3 6  ? 1.258   11.353  -13.081 1.00 45.15  ? 7  PRO B CD    1 
ATOM   902  N N     . GLN D 3 7  ? 4.407   12.462  -14.805 1.00 51.75  ? 8  GLN B N     1 
ATOM   903  C CA    . GLN D 3 7  ? 5.398   13.106  -15.666 1.00 56.78  ? 8  GLN B CA    1 
ATOM   904  C C     . GLN D 3 7  ? 6.463   13.839  -14.857 1.00 55.29  ? 8  GLN B C     1 
ATOM   905  O O     . GLN D 3 7  ? 7.537   14.153  -15.377 1.00 54.75  ? 8  GLN B O     1 
ATOM   906  C CB    . GLN D 3 7  ? 4.734   14.112  -16.623 1.00 63.40  ? 8  GLN B CB    1 
ATOM   907  C CG    . GLN D 3 7  ? 3.768   13.519  -17.650 1.00 69.73  ? 8  GLN B CG    1 
ATOM   908  C CD    . GLN D 3 7  ? 2.544   12.876  -17.016 1.00 80.84  ? 8  GLN B CD    1 
ATOM   909  O OE1   . GLN D 3 7  ? 1.831   13.501  -16.225 1.00 75.49  ? 8  GLN B OE1   1 
ATOM   910  N NE2   . GLN D 3 7  ? 2.292   11.620  -17.368 1.00 89.74  ? 8  GLN B NE2   1 
ATOM   911  N N     . ALA D 3 8  ? 6.174   14.123  -13.591 1.00 52.07  ? 9  ALA B N     1 
ATOM   912  C CA    . ALA D 3 8  ? 7.134   14.832  -12.746 1.00 46.00  ? 9  ALA B CA    1 
ATOM   913  C C     . ALA D 3 8  ? 8.127   13.872  -12.116 1.00 42.40  ? 9  ALA B C     1 
ATOM   914  O O     . ALA D 3 8  ? 9.090   14.299  -11.472 1.00 43.68  ? 9  ALA B O     1 
ATOM   915  C CB    . ALA D 3 8  ? 6.405   15.616  -11.655 1.00 48.08  ? 9  ALA B CB    1 
ATOM   916  N N     . ALA D 3 9  ? 7.889   12.577  -12.315 1.00 46.75  ? 10 ALA B N     1 
ATOM   917  C CA    . ALA D 3 9  ? 8.744   11.525  -11.765 1.00 46.56  ? 10 ALA B CA    1 
ATOM   918  C C     . ALA D 3 9  ? 10.224  11.886  -11.786 1.00 48.28  ? 10 ALA B C     1 
ATOM   919  O O     . ALA D 3 9  ? 10.890  11.903  -10.750 1.00 56.37  ? 10 ALA B O     1 
ATOM   920  C CB    . ALA D 3 9  ? 8.516   10.231  -12.532 1.00 51.04  ? 10 ALA B CB    1 
ATOM   921  N N     . SER D 3 10 ? 10.730  12.189  -12.975 1.00 47.48  ? 11 SER B N     1 
ATOM   922  C CA    . SER D 3 10 ? 12.132  12.536  -13.131 1.00 43.31  ? 11 SER B CA    1 
ATOM   923  C C     . SER D 3 10 ? 12.562  13.730  -12.287 1.00 45.14  ? 11 SER B C     1 
ATOM   924  O O     . SER D 3 10 ? 13.615  13.693  -11.650 1.00 44.65  ? 11 SER B O     1 
ATOM   925  C CB    . SER D 3 10 ? 12.428  12.807  -14.607 1.00 52.93  ? 11 SER B CB    1 
ATOM   926  O OG    . SER D 3 10 ? 13.762  13.237  -14.779 1.00 62.80  ? 11 SER B OG    1 
ATOM   927  N N     . ALA D 3 11 ? 11.757  14.793  -12.276 1.00 50.78  ? 12 ALA B N     1 
ATOM   928  C CA    . ALA D 3 11 ? 12.107  15.986  -11.500 1.00 46.87  ? 12 ALA B CA    1 
ATOM   929  C C     . ALA D 3 11 ? 12.084  15.746  -9.988  1.00 46.24  ? 12 ALA B C     1 
ATOM   930  O O     . ALA D 3 11 ? 13.002  16.153  -9.274  1.00 49.96  ? 12 ALA B O     1 
ATOM   931  C CB    . ALA D 3 11 ? 11.178  17.148  -11.859 1.00 46.42  ? 12 ALA B CB    1 
ATOM   932  N N     . ILE D 3 12 ? 11.041  15.089  -9.492  1.00 51.13  ? 13 ILE B N     1 
ATOM   933  C CA    . ILE D 3 12 ? 10.970  14.832  -8.061  1.00 46.27  ? 13 ILE B CA    1 
ATOM   934  C C     . ILE D 3 12 ? 12.122  13.898  -7.689  1.00 42.68  ? 13 ILE B C     1 
ATOM   935  O O     . ILE D 3 12 ? 12.721  14.017  -6.619  1.00 39.50  ? 13 ILE B O     1 
ATOM   936  C CB    . ILE D 3 12 ? 9.603   14.219  -7.672  1.00 52.83  ? 13 ILE B CB    1 
ATOM   937  C CG1   . ILE D 3 12 ? 9.378   12.900  -8.403  1.00 70.50  ? 13 ILE B CG1   1 
ATOM   938  C CG2   . ILE D 3 12 ? 8.482   15.200  -8.017  1.00 48.29  ? 13 ILE B CG2   1 
ATOM   939  C CD1   . ILE D 3 12 ? 9.950   11.681  -7.683  1.00 84.94  ? 13 ILE B CD1   1 
ATOM   940  N N     . GLU D 3 13 ? 12.441  12.984  -8.601  1.00 48.65  ? 14 GLU B N     1 
ATOM   941  C CA    . GLU D 3 13 ? 13.530  12.039  -8.398  1.00 48.33  ? 14 GLU B CA    1 
ATOM   942  C C     . GLU D 3 13 ? 14.835  12.785  -8.105  1.00 46.28  ? 14 GLU B C     1 
ATOM   943  O O     . GLU D 3 13 ? 15.549  12.451  -7.162  1.00 55.44  ? 14 GLU B O     1 
ATOM   944  C CB    . GLU D 3 13 ? 13.690  11.175  -9.649  1.00 52.99  ? 14 GLU B CB    1 
ATOM   945  C CG    . GLU D 3 13 ? 14.887  10.238  -9.644  1.00 57.80  ? 14 GLU B CG    1 
ATOM   946  C CD    . GLU D 3 13 ? 14.782  9.165   -8.588  1.00 73.30  ? 14 GLU B CD    1 
ATOM   947  O OE1   . GLU D 3 13 ? 13.690  8.573   -8.438  1.00 83.64  ? 14 GLU B OE1   1 
ATOM   948  O OE2   . GLU D 3 13 ? 15.796  8.898   -7.911  1.00 83.84  ? 14 GLU B OE2   1 
ATOM   949  N N     . GLN D 3 14 ? 15.143  13.804  -8.909  1.00 46.47  ? 15 GLN B N     1 
ATOM   950  C CA    . GLN D 3 14 ? 16.375  14.557  -8.706  1.00 45.53  ? 15 GLN B CA    1 
ATOM   951  C C     . GLN D 3 14 ? 16.333  15.356  -7.404  1.00 43.92  ? 15 GLN B C     1 
ATOM   952  O O     . GLN D 3 14 ? 17.312  15.392  -6.647  1.00 43.25  ? 15 GLN B O     1 
ATOM   953  C CB    . GLN D 3 14 ? 16.637  15.490  -9.891  1.00 53.46  ? 15 GLN B CB    1 
ATOM   954  C CG    . GLN D 3 14 ? 16.519  14.818  -11.264 1.00 76.05  ? 15 GLN B CG    1 
ATOM   955  C CD    . GLN D 3 14 ? 17.162  13.424  -11.323 1.00 82.22  ? 15 GLN B CD    1 
ATOM   956  O OE1   . GLN D 3 14 ? 18.308  13.224  -10.894 1.00 78.60  ? 15 GLN B OE1   1 
ATOM   957  N NE2   . GLN D 3 14 ? 16.421  12.457  -11.872 1.00 70.29  ? 15 GLN B NE2   1 
ATOM   958  N N     . MET D 3 15 ? 15.199  15.996  -7.140  1.00 42.05  ? 16 MET B N     1 
ATOM   959  C CA    . MET D 3 15 ? 15.043  16.769  -5.912  1.00 35.61  ? 16 MET B CA    1 
ATOM   960  C C     . MET D 3 15 ? 15.255  15.842  -4.719  1.00 38.26  ? 16 MET B C     1 
ATOM   961  O O     . MET D 3 15 ? 15.932  16.197  -3.746  1.00 40.48  ? 16 MET B O     1 
ATOM   962  C CB    . MET D 3 15 ? 13.632  17.377  -5.842  1.00 34.62  ? 16 MET B CB    1 
ATOM   963  C CG    . MET D 3 15 ? 13.388  18.226  -4.596  1.00 38.37  ? 16 MET B CG    1 
ATOM   964  S SD    . MET D 3 15 ? 11.653  18.827  -4.485  1.00 51.63  ? 16 MET B SD    1 
ATOM   965  C CE    . MET D 3 15 ? 11.782  20.380  -5.433  1.00 39.75  ? 16 MET B CE    1 
ATOM   966  N N     . LYS D 3 16 ? 14.672  14.645  -4.797  1.00 42.98  ? 17 LYS B N     1 
ATOM   967  C CA    . LYS D 3 16 ? 14.788  13.663  -3.718  1.00 41.58  ? 17 LYS B CA    1 
ATOM   968  C C     . LYS D 3 16 ? 16.243  13.344  -3.442  1.00 36.96  ? 17 LYS B C     1 
ATOM   969  O O     . LYS D 3 16 ? 16.702  13.381  -2.291  1.00 34.96  ? 17 LYS B O     1 
ATOM   970  C CB    . LYS D 3 16 ? 14.052  12.368  -4.083  1.00 42.34  ? 17 LYS B CB    1 
ATOM   971  C CG    . LYS D 3 16 ? 14.148  11.285  -3.007  1.00 37.37  ? 17 LYS B CG    1 
ATOM   972  C CD    . LYS D 3 16 ? 13.463  10.007  -3.456  1.00 40.23  ? 17 LYS B CD    1 
ATOM   973  C CE    . LYS D 3 16 ? 14.242  9.324   -4.567  1.00 47.32  ? 17 LYS B CE    1 
ATOM   974  N NZ    . LYS D 3 16 ? 13.603  8.046   -5.012  1.00 45.22  ? 17 LYS B NZ    1 
ATOM   975  N N     . LEU D 3 17 ? 16.980  13.026  -4.505  1.00 45.36  ? 18 LEU B N     1 
ATOM   976  C CA    . LEU D 3 17 ? 18.396  12.698  -4.348  1.00 48.29  ? 18 LEU B CA    1 
ATOM   977  C C     . LEU D 3 17 ? 19.166  13.885  -3.776  1.00 45.15  ? 18 LEU B C     1 
ATOM   978  O O     . LEU D 3 17 ? 19.956  13.735  -2.840  1.00 46.37  ? 18 LEU B O     1 
ATOM   979  C CB    . LEU D 3 17 ? 18.993  12.272  -5.696  1.00 49.93  ? 18 LEU B CB    1 
ATOM   980  C CG    . LEU D 3 17 ? 18.334  11.017  -6.284  1.00 59.37  ? 18 LEU B CG    1 
ATOM   981  C CD1   . LEU D 3 17 ? 18.944  10.670  -7.628  1.00 46.32  ? 18 LEU B CD1   1 
ATOM   982  C CD2   . LEU D 3 17 ? 18.504  9.867   -5.302  1.00 51.20  ? 18 LEU B CD2   1 
ATOM   983  N N     . GLU D 3 18 ? 18.928  15.073  -4.318  1.00 44.63  ? 19 GLU B N     1 
ATOM   984  C CA    . GLU D 3 18 ? 19.641  16.245  -3.828  1.00 38.44  ? 19 GLU B CA    1 
ATOM   985  C C     . GLU D 3 18 ? 19.332  16.499  -2.352  1.00 42.71  ? 19 GLU B C     1 
ATOM   986  O O     . GLU D 3 18 ? 20.214  16.903  -1.587  1.00 47.95  ? 19 GLU B O     1 
ATOM   987  C CB    . GLU D 3 18 ? 19.285  17.466  -4.693  1.00 49.84  ? 19 GLU B CB    1 
ATOM   988  C CG    . GLU D 3 18 ? 18.394  18.485  -4.012  1.00 61.22  ? 19 GLU B CG    1 
ATOM   989  C CD    . GLU D 3 18 ? 19.160  19.385  -3.074  1.00 58.58  ? 19 GLU B CD    1 
ATOM   990  O OE1   . GLU D 3 18 ? 18.552  19.846  -2.086  1.00 61.41  ? 19 GLU B OE1   1 
ATOM   991  O OE2   . GLU D 3 18 ? 20.363  19.634  -3.327  1.00 54.71  ? 19 GLU B OE2   1 
ATOM   992  N N     . ILE D 3 19 ? 18.087  16.256  -1.941  1.00 41.46  ? 20 ILE B N     1 
ATOM   993  C CA    . ILE D 3 19 ? 17.702  16.474  -0.543  1.00 40.91  ? 20 ILE B CA    1 
ATOM   994  C C     . ILE D 3 19 ? 18.352  15.422  0.340   1.00 38.91  ? 20 ILE B C     1 
ATOM   995  O O     . ILE D 3 19 ? 18.809  15.722  1.441   1.00 41.90  ? 20 ILE B O     1 
ATOM   996  C CB    . ILE D 3 19 ? 16.169  16.401  -0.350  1.00 44.90  ? 20 ILE B CB    1 
ATOM   997  C CG1   . ILE D 3 19 ? 15.495  17.578  -1.064  1.00 40.20  ? 20 ILE B CG1   1 
ATOM   998  C CG2   . ILE D 3 19 ? 15.833  16.385  1.139   1.00 33.82  ? 20 ILE B CG2   1 
ATOM   999  C CD1   . ILE D 3 19 ? 13.968  17.530  -1.055  1.00 42.11  ? 20 ILE B CD1   1 
ATOM   1000 N N     . ALA D 3 20 ? 18.387  14.185  -0.147  1.00 45.82  ? 21 ALA B N     1 
ATOM   1001 C CA    . ALA D 3 20 ? 19.001  13.106  0.613   1.00 41.42  ? 21 ALA B CA    1 
ATOM   1002 C C     . ALA D 3 20 ? 20.460  13.484  0.890   1.00 40.94  ? 21 ALA B C     1 
ATOM   1003 O O     . ALA D 3 20 ? 20.931  13.368  2.024   1.00 42.11  ? 21 ALA B O     1 
ATOM   1004 C CB    . ALA D 3 20 ? 18.911  11.796  -0.173  1.00 42.64  ? 21 ALA B CB    1 
ATOM   1005 N N     . SER D 3 21 ? 21.168  13.957  -0.134  1.00 45.98  ? 22 SER B N     1 
ATOM   1006 C CA    . SER D 3 21 ? 22.570  14.371  0.039   1.00 52.69  ? 22 SER B CA    1 
ATOM   1007 C C     . SER D 3 21 ? 22.741  15.488  1.067   1.00 49.66  ? 22 SER B C     1 
ATOM   1008 O O     . SER D 3 21 ? 23.587  15.380  1.958   1.00 49.26  ? 22 SER B O     1 
ATOM   1009 C CB    . SER D 3 21 ? 23.164  14.811  -1.297  1.00 54.15  ? 22 SER B CB    1 
ATOM   1010 O OG    . SER D 3 21 ? 22.178  15.449  -2.079  1.00 77.78  ? 22 SER B OG    1 
ATOM   1011 N N     . GLU D 3 22 ? 21.945  16.553  0.948   1.00 44.83  ? 23 GLU B N     1 
ATOM   1012 C CA    . GLU D 3 22 ? 22.029  17.665  1.901   1.00 46.33  ? 23 GLU B CA    1 
ATOM   1013 C C     . GLU D 3 22 ? 21.784  17.161  3.315   1.00 43.71  ? 23 GLU B C     1 
ATOM   1014 O O     . GLU D 3 22 ? 22.429  17.597  4.261   1.00 49.84  ? 23 GLU B O     1 
ATOM   1015 C CB    . GLU D 3 22 ? 20.983  18.762  1.599   1.00 39.50  ? 23 GLU B CB    1 
ATOM   1016 C CG    . GLU D 3 22 ? 21.175  19.532  0.298   1.00 45.40  ? 23 GLU B CG    1 
ATOM   1017 C CD    . GLU D 3 22 ? 20.227  20.735  0.145   1.00 54.80  ? 23 GLU B CD    1 
ATOM   1018 O OE1   . GLU D 3 22 ? 20.115  21.258  -0.987  1.00 54.31  ? 23 GLU B OE1   1 
ATOM   1019 O OE2   . GLU D 3 22 ? 19.605  21.170  1.143   1.00 53.05  ? 23 GLU B OE2   1 
ATOM   1020 N N     . PHE D 3 23 ? 20.838  16.243  3.460   1.00 52.73  ? 24 PHE B N     1 
ATOM   1021 C CA    . PHE D 3 23 ? 20.511  15.719  4.778   1.00 52.57  ? 24 PHE B CA    1 
ATOM   1022 C C     . PHE D 3 23 ? 21.499  14.663  5.250   1.00 49.34  ? 24 PHE B C     1 
ATOM   1023 O O     . PHE D 3 23 ? 21.569  14.361  6.436   1.00 49.01  ? 24 PHE B O     1 
ATOM   1024 C CB    . PHE D 3 23 ? 19.096  15.144  4.766   1.00 52.55  ? 24 PHE B CB    1 
ATOM   1025 C CG    . PHE D 3 23 ? 18.016  16.185  4.835   1.00 46.01  ? 24 PHE B CG    1 
ATOM   1026 C CD1   . PHE D 3 23 ? 18.277  17.509  4.494   1.00 44.26  ? 24 PHE B CD1   1 
ATOM   1027 C CD2   . PHE D 3 23 ? 16.733  15.836  5.245   1.00 52.94  ? 24 PHE B CD2   1 
ATOM   1028 C CE1   . PHE D 3 23 ? 17.270  18.474  4.547   1.00 38.88  ? 24 PHE B CE1   1 
ATOM   1029 C CE2   . PHE D 3 23 ? 15.717  16.786  5.305   1.00 38.76  ? 24 PHE B CE2   1 
ATOM   1030 C CZ    . PHE D 3 23 ? 15.994  18.111  4.960   1.00 46.02  ? 24 PHE B CZ    1 
ATOM   1031 N N     . GLY D 3 24 ? 22.264  14.107  4.321   1.00 53.21  ? 25 GLY B N     1 
ATOM   1032 C CA    . GLY D 3 24 ? 23.219  13.086  4.698   1.00 52.58  ? 25 GLY B CA    1 
ATOM   1033 C C     . GLY D 3 24 ? 22.494  11.788  4.989   1.00 58.95  ? 25 GLY B C     1 
ATOM   1034 O O     . GLY D 3 24 ? 22.987  10.953  5.745   1.00 61.28  ? 25 GLY B O     1 
ATOM   1035 N N     . VAL D 3 25 ? 21.315  11.622  4.394   1.00 54.87  ? 26 VAL B N     1 
ATOM   1036 C CA    . VAL D 3 25 ? 20.527  10.410  4.590   1.00 54.67  ? 26 VAL B CA    1 
ATOM   1037 C C     . VAL D 3 25 ? 20.616  9.472   3.398   1.00 49.84  ? 26 VAL B C     1 
ATOM   1038 O O     . VAL D 3 25 ? 20.522  9.899   2.242   1.00 46.90  ? 26 VAL B O     1 
ATOM   1039 C CB    . VAL D 3 25 ? 19.018  10.722  4.830   1.00 49.32  ? 26 VAL B CB    1 
ATOM   1040 C CG1   . VAL D 3 25 ? 18.826  11.415  6.162   1.00 44.37  ? 26 VAL B CG1   1 
ATOM   1041 C CG2   . VAL D 3 25 ? 18.486  11.591  3.713   1.00 60.11  ? 26 VAL B CG2   1 
ATOM   1042 N N     . GLN D 3 26 ? 20.811  8.189   3.681   1.00 48.33  ? 27 GLN B N     1 
ATOM   1043 C CA    . GLN D 3 26 ? 20.865  7.185   2.625   1.00 51.70  ? 27 GLN B CA    1 
ATOM   1044 C C     . GLN D 3 26 ? 19.485  6.524   2.594   1.00 50.81  ? 27 GLN B C     1 
ATOM   1045 O O     . GLN D 3 26 ? 19.091  5.861   3.549   1.00 51.90  ? 27 GLN B O     1 
ATOM   1046 C CB    . GLN D 3 26 ? 21.927  6.130   2.937   1.00 55.62  ? 27 GLN B CB    1 
ATOM   1047 C CG    . GLN D 3 26 ? 22.107  5.101   1.829   1.00 69.60  ? 27 GLN B CG    1 
ATOM   1048 C CD    . GLN D 3 26 ? 22.975  5.613   0.683   1.00 78.71  ? 27 GLN B CD    1 
ATOM   1049 O OE1   . GLN D 3 26 ? 24.176  5.832   0.852   1.00 85.80  ? 27 GLN B OE1   1 
ATOM   1050 N NE2   . GLN D 3 26 ? 22.369  5.810   -0.483  1.00 68.21  ? 27 GLN B NE2   1 
ATOM   1051 N N     . LEU D 3 27 ? 18.752  6.720   1.505   1.00 46.82  ? 28 LEU B N     1 
ATOM   1052 C CA    . LEU D 3 27 ? 17.421  6.150   1.351   1.00 46.28  ? 28 LEU B CA    1 
ATOM   1053 C C     . LEU D 3 27 ? 17.461  4.626   1.214   1.00 51.64  ? 28 LEU B C     1 
ATOM   1054 O O     . LEU D 3 27 ? 18.228  4.100   0.414   1.00 51.07  ? 28 LEU B O     1 
ATOM   1055 C CB    . LEU D 3 27 ? 16.748  6.752   0.115   1.00 43.35  ? 28 LEU B CB    1 
ATOM   1056 C CG    . LEU D 3 27 ? 15.857  7.994   0.286   1.00 51.96  ? 28 LEU B CG    1 
ATOM   1057 C CD1   . LEU D 3 27 ? 16.293  8.832   1.467   1.00 52.03  ? 28 LEU B CD1   1 
ATOM   1058 C CD2   . LEU D 3 27 ? 15.888  8.798   -0.999  1.00 45.70  ? 28 LEU B CD2   1 
ATOM   1059 N N     . GLY D 3 28 ? 16.641  3.918   1.990   1.00 46.37  ? 29 GLY B N     1 
ATOM   1060 C CA    . GLY D 3 28 ? 16.630  2.465   1.887   1.00 44.98  ? 29 GLY B CA    1 
ATOM   1061 C C     . GLY D 3 28 ? 15.787  1.726   2.906   1.00 40.62  ? 29 GLY B C     1 
ATOM   1062 O O     . GLY D 3 28 ? 15.401  2.278   3.949   1.00 40.24  ? 29 GLY B O     1 
ATOM   1063 N N     . ALA D 3 29 ? 15.502  0.463   2.605   1.00 42.23  ? 30 ALA B N     1 
ATOM   1064 C CA    . ALA D 3 29 ? 14.704  -0.395  3.491   1.00 41.52  ? 30 ALA B CA    1 
ATOM   1065 C C     . ALA D 3 29 ? 15.271  -0.483  4.903   1.00 41.04  ? 30 ALA B C     1 
ATOM   1066 O O     . ALA D 3 29 ? 14.518  -0.509  5.878   1.00 41.95  ? 30 ALA B O     1 
ATOM   1067 C CB    . ALA D 3 29 ? 14.586  -1.807  2.891   1.00 43.68  ? 30 ALA B CB    1 
ATOM   1068 N N     . GLU D 3 30 ? 16.596  -0.522  5.015   1.00 44.08  ? 31 GLU B N     1 
ATOM   1069 C CA    . GLU D 3 30 ? 17.229  -0.617  6.330   1.00 46.97  ? 31 GLU B CA    1 
ATOM   1070 C C     . GLU D 3 30 ? 17.447  0.735   7.003   1.00 44.79  ? 31 GLU B C     1 
ATOM   1071 O O     . GLU D 3 30 ? 18.039  0.815   8.080   1.00 44.15  ? 31 GLU B O     1 
ATOM   1072 C CB    . GLU D 3 30 ? 18.562  -1.364  6.229   1.00 51.29  ? 31 GLU B CB    1 
ATOM   1073 C CG    . GLU D 3 30 ? 18.433  -2.839  5.862   1.00 51.44  ? 31 GLU B CG    1 
ATOM   1074 C CD    . GLU D 3 30 ? 17.436  -3.583  6.748   1.00 57.66  ? 31 GLU B CD    1 
ATOM   1075 O OE1   . GLU D 3 30 ? 17.473  -3.416  7.984   1.00 56.14  ? 31 GLU B OE1   1 
ATOM   1076 O OE2   . GLU D 3 30 ? 16.615  -4.348  6.199   1.00 62.67  ? 31 GLU B OE2   1 
ATOM   1077 N N     . THR D 3 31 ? 16.980  1.801   6.369   1.00 38.86  ? 32 THR B N     1 
ATOM   1078 C CA    . THR D 3 31 ? 17.109  3.127   6.960   1.00 45.38  ? 32 THR B CA    1 
ATOM   1079 C C     . THR D 3 31 ? 15.876  3.349   7.834   1.00 38.24  ? 32 THR B C     1 
ATOM   1080 O O     . THR D 3 31 ? 14.796  2.841   7.527   1.00 41.53  ? 32 THR B O     1 
ATOM   1081 C CB    . THR D 3 31 ? 17.157  4.210   5.871   1.00 46.81  ? 32 THR B CB    1 
ATOM   1082 O OG1   . THR D 3 31 ? 18.355  4.052   5.105   1.00 52.93  ? 32 THR B OG1   1 
ATOM   1083 C CG2   . THR D 3 31 ? 17.122  5.597   6.483   1.00 41.21  ? 32 THR B CG2   1 
ATOM   1084 N N     . THR D 3 32 ? 16.033  4.086   8.927   1.00 41.52  ? 33 THR B N     1 
ATOM   1085 C CA    . THR D 3 32 ? 14.904  4.354   9.813   1.00 39.35  ? 33 THR B CA    1 
ATOM   1086 C C     . THR D 3 32 ? 13.769  5.049   9.056   1.00 43.22  ? 33 THR B C     1 
ATOM   1087 O O     . THR D 3 32 ? 14.005  5.752   8.074   1.00 39.65  ? 33 THR B O     1 
ATOM   1088 C CB    . THR D 3 32 ? 15.292  5.270   10.974  1.00 39.49  ? 33 THR B CB    1 
ATOM   1089 O OG1   . THR D 3 32 ? 15.803  6.506   10.457  1.00 48.52  ? 33 THR B OG1   1 
ATOM   1090 C CG2   . THR D 3 32 ? 16.334  4.601   11.859  1.00 35.73  ? 33 THR B CG2   1 
ATOM   1091 N N     . SER D 3 33 ? 12.541  4.850   9.527   1.00 46.91  ? 34 SER B N     1 
ATOM   1092 C CA    . SER D 3 33 ? 11.373  5.465   8.908   1.00 39.56  ? 34 SER B CA    1 
ATOM   1093 C C     . SER D 3 33 ? 11.440  6.980   9.068   1.00 33.58  ? 34 SER B C     1 
ATOM   1094 O O     . SER D 3 33 ? 10.937  7.730   8.229   1.00 34.98  ? 34 SER B O     1 
ATOM   1095 C CB    . SER D 3 33 ? 10.088  4.923   9.538   1.00 33.66  ? 34 SER B CB    1 
ATOM   1096 O OG    . SER D 3 33 ? 9.710   3.703   8.931   1.00 46.04  ? 34 SER B OG    1 
ATOM   1097 N N     . ARG D 3 34 ? 12.068  7.422   10.148  1.00 33.63  ? 35 ARG B N     1 
ATOM   1098 C CA    . ARG D 3 34 ? 12.219  8.850   10.406  1.00 43.33  ? 35 ARG B CA    1 
ATOM   1099 C C     . ARG D 3 34 ? 13.188  9.479   9.401   1.00 43.58  ? 35 ARG B C     1 
ATOM   1100 O O     . ARG D 3 34 ? 12.890  10.513  8.801   1.00 42.41  ? 35 ARG B O     1 
ATOM   1101 C CB    . ARG D 3 34 ? 12.714  9.076   11.831  1.00 34.99  ? 35 ARG B CB    1 
ATOM   1102 C CG    . ARG D 3 34 ? 13.172  10.494  12.114  1.00 48.86  ? 35 ARG B CG    1 
ATOM   1103 C CD    . ARG D 3 34 ? 13.325  10.712  13.609  1.00 41.85  ? 35 ARG B CD    1 
ATOM   1104 N NE    . ARG D 3 34 ? 12.028  10.883  14.250  1.00 46.84  ? 35 ARG B NE    1 
ATOM   1105 C CZ    . ARG D 3 34 ? 11.767  10.553  15.509  1.00 45.95  ? 35 ARG B CZ    1 
ATOM   1106 N NH1   . ARG D 3 34 ? 12.720  10.018  16.267  1.00 49.04  ? 35 ARG B NH1   1 
ATOM   1107 N NH2   . ARG D 3 34 ? 10.559  10.774  16.010  1.00 46.88  ? 35 ARG B NH2   1 
ATOM   1108 N N     . ALA D 3 35 ? 14.344  8.853   9.208   1.00 44.57  ? 36 ALA B N     1 
ATOM   1109 C CA    . ALA D 3 35 ? 15.323  9.375   8.258   1.00 45.05  ? 36 ALA B CA    1 
ATOM   1110 C C     . ALA D 3 35 ? 14.755  9.367   6.839   1.00 42.91  ? 36 ALA B C     1 
ATOM   1111 O O     . ALA D 3 35 ? 14.897  10.342  6.096   1.00 44.28  ? 36 ALA B O     1 
ATOM   1112 C CB    . ALA D 3 35 ? 16.602  8.561   8.323   1.00 41.87  ? 36 ALA B CB    1 
ATOM   1113 N N     . ASN D 3 36 ? 14.113  8.267   6.461   1.00 40.99  ? 37 ASN B N     1 
ATOM   1114 C CA    . ASN D 3 36 ? 13.512  8.161   5.138   1.00 37.39  ? 37 ASN B CA    1 
ATOM   1115 C C     . ASN D 3 36 ? 12.402  9.198   5.007   1.00 37.93  ? 37 ASN B C     1 
ATOM   1116 O O     . ASN D 3 36 ? 12.300  9.882   3.996   1.00 39.06  ? 37 ASN B O     1 
ATOM   1117 C CB    . ASN D 3 36 ? 12.909  6.770   4.920   1.00 34.56  ? 37 ASN B CB    1 
ATOM   1118 C CG    . ASN D 3 36 ? 13.951  5.725   4.533   1.00 50.73  ? 37 ASN B CG    1 
ATOM   1119 O OD1   . ASN D 3 36 ? 14.746  5.939   3.619   1.00 39.35  ? 37 ASN B OD1   1 
ATOM   1120 N ND2   . ASN D 3 36 ? 13.936  4.582   5.218   1.00 31.72  ? 37 ASN B ND2   1 
ATOM   1121 N N     . GLY D 3 37 ? 11.568  9.299   6.038   1.00 36.65  ? 38 GLY B N     1 
ATOM   1122 C CA    . GLY D 3 37 ? 10.466  10.241  6.011   1.00 41.30  ? 38 GLY B CA    1 
ATOM   1123 C C     . GLY D 3 37 ? 10.903  11.690  5.954   1.00 40.32  ? 38 GLY B C     1 
ATOM   1124 O O     . GLY D 3 37 ? 10.253  12.484  5.289   1.00 42.67  ? 38 GLY B O     1 
ATOM   1125 N N     . SER D 3 38 ? 11.996  12.033  6.637   1.00 37.16  ? 39 SER B N     1 
ATOM   1126 C CA    . SER D 3 38 ? 12.488  13.413  6.658   1.00 39.81  ? 39 SER B CA    1 
ATOM   1127 C C     . SER D 3 38 ? 12.618  13.966  5.252   1.00 42.42  ? 39 SER B C     1 
ATOM   1128 O O     . SER D 3 38 ? 12.285  15.119  4.990   1.00 40.96  ? 39 SER B O     1 
ATOM   1129 C CB    . SER D 3 38 ? 13.845  13.504  7.359   1.00 32.57  ? 39 SER B CB    1 
ATOM   1130 O OG    . SER D 3 38 ? 14.876  12.920  6.569   1.00 40.26  ? 39 SER B OG    1 
ATOM   1131 N N     . VAL D 3 39 ? 13.096  13.133  4.342   1.00 40.98  ? 40 VAL B N     1 
ATOM   1132 C CA    . VAL D 3 39 ? 13.262  13.551  2.962   1.00 36.04  ? 40 VAL B CA    1 
ATOM   1133 C C     . VAL D 3 39 ? 11.928  13.863  2.288   1.00 32.56  ? 40 VAL B C     1 
ATOM   1134 O O     . VAL D 3 39 ? 11.812  14.833  1.542   1.00 40.26  ? 40 VAL B O     1 
ATOM   1135 C CB    . VAL D 3 39 ? 13.973  12.462  2.153   1.00 29.48  ? 40 VAL B CB    1 
ATOM   1136 C CG1   . VAL D 3 39 ? 13.956  12.815  0.680   1.00 29.13  ? 40 VAL B CG1   1 
ATOM   1137 C CG2   . VAL D 3 39 ? 15.398  12.294  2.657   1.00 36.36  ? 40 VAL B CG2   1 
ATOM   1138 N N     . GLY D 3 40 ? 10.925  13.027  2.521   1.00 35.31  ? 41 GLY B N     1 
ATOM   1139 C CA    . GLY D 3 40 ? 9.626   13.271  1.912   1.00 29.93  ? 41 GLY B CA    1 
ATOM   1140 C C     . GLY D 3 40 ? 9.038   14.579  2.427   1.00 33.69  ? 41 GLY B C     1 
ATOM   1141 O O     . GLY D 3 40 ? 8.303   15.263  1.714   1.00 36.56  ? 41 GLY B O     1 
ATOM   1142 N N     . GLY D 3 41 ? 9.378   14.919  3.669   1.00 34.53  ? 42 GLY B N     1 
ATOM   1143 C CA    . GLY D 3 41 ? 8.887   16.138  4.295   1.00 40.26  ? 42 GLY B CA    1 
ATOM   1144 C C     . GLY D 3 41 ? 9.416   17.377  3.606   1.00 42.95  ? 42 GLY B C     1 
ATOM   1145 O O     . GLY D 3 41 ? 8.671   18.328  3.378   1.00 40.58  ? 42 GLY B O     1 
ATOM   1146 N N     . GLU D 3 42 ? 10.708  17.373  3.284   1.00 39.10  ? 43 GLU B N     1 
ATOM   1147 C CA    . GLU D 3 42 ? 11.328  18.496  2.588   1.00 46.60  ? 43 GLU B CA    1 
ATOM   1148 C C     . GLU D 3 42 ? 10.728  18.636  1.207   1.00 44.48  ? 43 GLU B C     1 
ATOM   1149 O O     . GLU D 3 42 ? 10.417  19.748  0.759   1.00 48.42  ? 43 GLU B O     1 
ATOM   1150 C CB    . GLU D 3 42 ? 12.831  18.282  2.431   1.00 54.14  ? 43 GLU B CB    1 
ATOM   1151 C CG    . GLU D 3 42 ? 13.669  19.133  3.349   1.00 58.20  ? 43 GLU B CG    1 
ATOM   1152 C CD    . GLU D 3 42 ? 13.427  20.610  3.176   1.00 46.72  ? 43 GLU B CD    1 
ATOM   1153 O OE1   . GLU D 3 42 ? 13.733  21.151  2.088   1.00 52.90  ? 43 GLU B OE1   1 
ATOM   1154 O OE2   . GLU D 3 42 ? 12.926  21.232  4.137   1.00 52.20  ? 43 GLU B OE2   1 
ATOM   1155 N N     . ILE D 3 43 ? 10.579  17.501  0.527   1.00 39.89  ? 44 ILE B N     1 
ATOM   1156 C CA    . ILE D 3 43 ? 10.019  17.499  -0.824  1.00 36.85  ? 44 ILE B CA    1 
ATOM   1157 C C     . ILE D 3 43 ? 8.669   18.187  -0.850  1.00 37.51  ? 44 ILE B C     1 
ATOM   1158 O O     . ILE D 3 43 ? 8.409   19.033  -1.709  1.00 34.99  ? 44 ILE B O     1 
ATOM   1159 C CB    . ILE D 3 43 ? 9.838   16.087  -1.363  1.00 32.34  ? 44 ILE B CB    1 
ATOM   1160 C CG1   . ILE D 3 43 ? 11.208  15.457  -1.636  1.00 36.70  ? 44 ILE B CG1   1 
ATOM   1161 C CG2   . ILE D 3 43 ? 8.971   16.121  -2.641  1.00 35.76  ? 44 ILE B CG2   1 
ATOM   1162 C CD1   . ILE D 3 43 ? 11.121  13.968  -2.011  1.00 37.06  ? 44 ILE B CD1   1 
ATOM   1163 N N     . THR D 3 44 ? 7.797   17.825  0.080   1.00 35.31  ? 45 THR B N     1 
ATOM   1164 C CA    . THR D 3 44 ? 6.491   18.461  0.093   1.00 37.05  ? 45 THR B CA    1 
ATOM   1165 C C     . THR D 3 44 ? 6.631   19.942  0.384   1.00 33.05  ? 45 THR B C     1 
ATOM   1166 O O     . THR D 3 44 ? 5.945   20.765  -0.218  1.00 38.61  ? 45 THR B O     1 
ATOM   1167 C CB    . THR D 3 44 ? 5.549   17.804  1.114   1.00 33.98  ? 45 THR B CB    1 
ATOM   1168 O OG1   . THR D 3 44 ? 5.215   16.494  0.649   1.00 31.92  ? 45 THR B OG1   1 
ATOM   1169 C CG2   . THR D 3 44 ? 4.239   18.606  1.253   1.00 28.12  ? 45 THR B CG2   1 
ATOM   1170 N N     . LYS D 3 45 ? 7.540   20.271  1.292   1.00 35.89  ? 46 LYS B N     1 
ATOM   1171 C CA    . LYS D 3 45 ? 7.787   21.651  1.677   1.00 35.02  ? 46 LYS B CA    1 
ATOM   1172 C C     . LYS D 3 45 ? 8.242   22.499  0.500   1.00 46.52  ? 46 LYS B C     1 
ATOM   1173 O O     . LYS D 3 45 ? 7.706   23.585  0.266   1.00 38.83  ? 46 LYS B O     1 
ATOM   1174 C CB    . LYS D 3 45 ? 8.848   21.709  2.766   1.00 35.84  ? 46 LYS B CB    1 
ATOM   1175 C CG    . LYS D 3 45 ? 9.212   23.111  3.220   1.00 46.27  ? 46 LYS B CG    1 
ATOM   1176 C CD    . LYS D 3 45 ? 10.296  23.049  4.288   1.00 51.41  ? 46 LYS B CD    1 
ATOM   1177 C CE    . LYS D 3 45 ? 10.712  24.417  4.759   1.00 64.73  ? 46 LYS B CE    1 
ATOM   1178 N NZ    . LYS D 3 45 ? 11.740  24.308  5.829   1.00 75.69  ? 46 LYS B NZ    1 
ATOM   1179 N N     . ARG D 3 46 ? 9.237   22.016  -0.237  1.00 38.63  ? 47 ARG B N     1 
ATOM   1180 C CA    . ARG D 3 46 ? 9.717   22.787  -1.372  1.00 46.63  ? 47 ARG B CA    1 
ATOM   1181 C C     . ARG D 3 46 ? 8.643   22.899  -2.453  1.00 45.31  ? 47 ARG B C     1 
ATOM   1182 O O     . ARG D 3 46 ? 8.454   23.964  -3.027  1.00 52.11  ? 47 ARG B O     1 
ATOM   1183 C CB    . ARG D 3 46 ? 10.997  22.167  -1.941  1.00 37.39  ? 47 ARG B CB    1 
ATOM   1184 C CG    . ARG D 3 46 ? 12.157  22.236  -0.973  1.00 36.30  ? 47 ARG B CG    1 
ATOM   1185 C CD    . ARG D 3 46 ? 13.419  21.633  -1.559  1.00 40.81  ? 47 ARG B CD    1 
ATOM   1186 N NE    . ARG D 3 46 ? 14.488  21.596  -0.567  1.00 43.93  ? 47 ARG B NE    1 
ATOM   1187 C CZ    . ARG D 3 46 ? 15.743  21.245  -0.831  1.00 39.98  ? 47 ARG B CZ    1 
ATOM   1188 N NH1   . ARG D 3 46 ? 16.085  20.901  -2.062  1.00 41.39  ? 47 ARG B NH1   1 
ATOM   1189 N NH2   . ARG D 3 46 ? 16.652  21.229  0.137   1.00 35.88  ? 47 ARG B NH2   1 
ATOM   1190 N N     . LEU D 3 47 ? 7.929   21.808  -2.713  1.00 41.89  ? 48 LEU B N     1 
ATOM   1191 C CA    . LEU D 3 47 ? 6.895   21.825  -3.726  1.00 38.81  ? 48 LEU B CA    1 
ATOM   1192 C C     . LEU D 3 47 ? 5.804   22.835  -3.407  1.00 41.02  ? 48 LEU B C     1 
ATOM   1193 O O     . LEU D 3 47 ? 5.333   23.543  -4.293  1.00 43.60  ? 48 LEU B O     1 
ATOM   1194 C CB    . LEU D 3 47 ? 6.277   20.443  -3.885  1.00 37.98  ? 48 LEU B CB    1 
ATOM   1195 C CG    . LEU D 3 47 ? 7.106   19.394  -4.618  1.00 48.90  ? 48 LEU B CG    1 
ATOM   1196 C CD1   . LEU D 3 47 ? 6.322   18.087  -4.639  1.00 36.18  ? 48 LEU B CD1   1 
ATOM   1197 C CD2   . LEU D 3 47 ? 7.409   19.859  -6.043  1.00 45.45  ? 48 LEU B CD2   1 
ATOM   1198 N N     . VAL D 3 48 ? 5.392   22.889  -2.146  1.00 44.55  ? 49 VAL B N     1 
ATOM   1199 C CA    . VAL D 3 48 ? 4.367   23.832  -1.723  1.00 40.66  ? 49 VAL B CA    1 
ATOM   1200 C C     . VAL D 3 48 ? 4.876   25.270  -1.843  1.00 44.55  ? 49 VAL B C     1 
ATOM   1201 O O     . VAL D 3 48 ? 4.105   26.191  -2.122  1.00 43.15  ? 49 VAL B O     1 
ATOM   1202 C CB    . VAL D 3 48 ? 3.954   23.582  -0.263  1.00 43.30  ? 49 VAL B CB    1 
ATOM   1203 C CG1   . VAL D 3 48 ? 3.250   24.816  0.301   1.00 36.08  ? 49 VAL B CG1   1 
ATOM   1204 C CG2   . VAL D 3 48 ? 3.029   22.367  -0.194  1.00 40.97  ? 49 VAL B CG2   1 
ATOM   1205 N N     . ARG D 3 49 ? 6.173   25.453  -1.610  1.00 42.01  ? 50 ARG B N     1 
ATOM   1206 C CA    . ARG D 3 49 ? 6.784   26.765  -1.696  1.00 46.33  ? 50 ARG B CA    1 
ATOM   1207 C C     . ARG D 3 49 ? 6.749   27.222  -3.146  1.00 54.19  ? 50 ARG B C     1 
ATOM   1208 O O     . ARG D 3 49 ? 6.321   28.337  -3.450  1.00 55.31  ? 50 ARG B O     1 
ATOM   1209 C CB    . ARG D 3 49 ? 8.231   26.715  -1.207  1.00 54.12  ? 50 ARG B CB    1 
ATOM   1210 C CG    . ARG D 3 49 ? 8.994   28.031  -1.352  1.00 49.94  ? 50 ARG B CG    1 
ATOM   1211 C CD    . ARG D 3 49 ? 10.439  27.874  -0.933  1.00 38.27  ? 50 ARG B CD    1 
ATOM   1212 N NE    . ARG D 3 49 ? 10.554  27.510  0.474   1.00 56.78  ? 50 ARG B NE    1 
ATOM   1213 C CZ    . ARG D 3 49 ? 11.458  26.663  0.961   1.00 56.44  ? 50 ARG B CZ    1 
ATOM   1214 N NH1   . ARG D 3 49 ? 12.334  26.077  0.154   1.00 66.53  ? 50 ARG B NH1   1 
ATOM   1215 N NH2   . ARG D 3 49 ? 11.488  26.402  2.259   1.00 60.34  ? 50 ARG B NH2   1 
ATOM   1216 N N     . LEU D 3 50 ? 7.195   26.351  -4.043  1.00 50.31  ? 51 LEU B N     1 
ATOM   1217 C CA    . LEU D 3 50 ? 7.202   26.672  -5.457  1.00 53.34  ? 51 LEU B CA    1 
ATOM   1218 C C     . LEU D 3 50 ? 5.808   27.017  -5.943  1.00 50.47  ? 51 LEU B C     1 
ATOM   1219 O O     . LEU D 3 50 ? 5.628   27.964  -6.702  1.00 56.61  ? 51 LEU B O     1 
ATOM   1220 C CB    . LEU D 3 50 ? 7.736   25.497  -6.270  1.00 50.71  ? 51 LEU B CB    1 
ATOM   1221 C CG    . LEU D 3 50 ? 9.105   24.990  -5.821  1.00 69.12  ? 51 LEU B CG    1 
ATOM   1222 C CD1   . LEU D 3 50 ? 9.540   23.858  -6.745  1.00 70.50  ? 51 LEU B CD1   1 
ATOM   1223 C CD2   . LEU D 3 50 ? 10.121  26.132  -5.844  1.00 69.09  ? 51 LEU B CD2   1 
ATOM   1224 N N     . ALA D 3 51 ? 4.815   26.253  -5.508  1.00 43.89  ? 52 ALA B N     1 
ATOM   1225 C CA    . ALA D 3 51 ? 3.457   26.519  -5.953  1.00 44.48  ? 52 ALA B CA    1 
ATOM   1226 C C     . ALA D 3 51 ? 2.938   27.873  -5.455  1.00 49.99  ? 52 ALA B C     1 
ATOM   1227 O O     . ALA D 3 51 ? 2.226   28.560  -6.183  1.00 49.93  ? 52 ALA B O     1 
ATOM   1228 C CB    . ALA D 3 51 ? 2.529   25.401  -5.514  1.00 42.20  ? 52 ALA B CB    1 
ATOM   1229 N N     . GLN D 3 52 ? 3.299   28.255  -4.230  1.00 38.83  ? 53 GLN B N     1 
ATOM   1230 C CA    . GLN D 3 52 ? 2.848   29.522  -3.668  1.00 51.66  ? 53 GLN B CA    1 
ATOM   1231 C C     . GLN D 3 52 ? 3.523   30.695  -4.369  1.00 56.76  ? 53 GLN B C     1 
ATOM   1232 O O     . GLN D 3 52 ? 2.951   31.775  -4.488  1.00 61.86  ? 53 GLN B O     1 
ATOM   1233 C CB    . GLN D 3 52 ? 3.130   29.582  -2.159  1.00 41.63  ? 53 GLN B CB    1 
ATOM   1234 C CG    . GLN D 3 52 ? 2.192   28.719  -1.336  1.00 45.33  ? 53 GLN B CG    1 
ATOM   1235 C CD    . GLN D 3 52 ? 2.491   28.744  0.148   1.00 40.53  ? 53 GLN B CD    1 
ATOM   1236 O OE1   . GLN D 3 52 ? 1.872   28.013  0.922   1.00 48.09  ? 53 GLN B OE1   1 
ATOM   1237 N NE2   . GLN D 3 52 ? 3.437   29.587  0.559   1.00 42.28  ? 53 GLN B NE2   1 
ATOM   1238 N N     . GLN D 3 53 ? 4.743   30.481  -4.837  1.00 65.92  ? 54 GLN B N     1 
ATOM   1239 C CA    . GLN D 3 53 ? 5.463   31.536  -5.528  1.00 65.10  ? 54 GLN B CA    1 
ATOM   1240 C C     . GLN D 3 53 ? 4.901   31.748  -6.931  1.00 67.88  ? 54 GLN B C     1 
ATOM   1241 O O     . GLN D 3 53 ? 4.501   32.857  -7.282  1.00 72.06  ? 54 GLN B O     1 
ATOM   1242 C CB    . GLN D 3 53 ? 6.953   31.198  -5.597  1.00 58.83  ? 54 GLN B CB    1 
ATOM   1243 C CG    . GLN D 3 53 ? 7.707   31.496  -4.310  1.00 56.49  ? 54 GLN B CG    1 
ATOM   1244 C CD    . GLN D 3 53 ? 9.093   30.880  -4.294  1.00 58.17  ? 54 GLN B CD    1 
ATOM   1245 O OE1   . GLN D 3 53 ? 9.956   31.284  -3.513  1.00 62.77  ? 54 GLN B OE1   1 
ATOM   1246 N NE2   . GLN D 3 53 ? 9.309   29.886  -5.150  1.00 61.63  ? 54 GLN B NE2   1 
ATOM   1247 N N     . ASN D 3 54 ? 4.850   30.684  -7.723  1.00 66.19  ? 55 ASN B N     1 
ATOM   1248 C CA    . ASN D 3 54 ? 4.341   30.781  -9.085  1.00 73.71  ? 55 ASN B CA    1 
ATOM   1249 C C     . ASN D 3 54 ? 2.824   30.872  -9.077  1.00 75.18  ? 55 ASN B C     1 
ATOM   1250 O O     . ASN D 3 54 ? 2.145   30.368  -9.971  1.00 74.90  ? 55 ASN B O     1 
ATOM   1251 C CB    . ASN D 3 54 ? 4.790   29.567  -9.901  1.00 74.77  ? 55 ASN B CB    1 
ATOM   1252 C CG    . ASN D 3 54 ? 6.276   29.305  -9.773  1.00 80.36  ? 55 ASN B CG    1 
ATOM   1253 O OD1   . ASN D 3 54 ? 7.096   30.195  -10.004 1.00 87.78  ? 55 ASN B OD1   1 
ATOM   1254 N ND2   . ASN D 3 54 ? 6.631   28.080  -9.399  1.00 76.25  ? 55 ASN B ND2   1 
ATOM   1255 N N     . MET D 3 55 ? 2.297   31.528  -8.056  1.00 79.10  ? 56 MET B N     1 
ATOM   1256 C CA    . MET D 3 55 ? 0.862   31.683  -7.915  1.00 81.04  ? 56 MET B CA    1 
ATOM   1257 C C     . MET D 3 55 ? 0.591   33.107  -7.472  1.00 81.79  ? 56 MET B C     1 
ATOM   1258 O O     . MET D 3 55 ? -0.553  33.559  -7.461  1.00 78.86  ? 56 MET B O     1 
ATOM   1259 C CB    . MET D 3 55 ? 0.349   30.691  -6.877  1.00 86.21  ? 56 MET B CB    1 
ATOM   1260 C CG    . MET D 3 55 ? -1.145  30.688  -6.683  1.00 87.67  ? 56 MET B CG    1 
ATOM   1261 S SD    . MET D 3 55 ? -1.599  29.360  -5.562  1.00 95.70  ? 56 MET B SD    1 
ATOM   1262 C CE    . MET D 3 55 ? -0.925  29.992  -4.028  1.00 75.72  ? 56 MET B CE    1 
ATOM   1263 N N     . GLY D 3 56 ? 1.665   33.808  -7.116  1.00 82.00  ? 57 GLY B N     1 
ATOM   1264 C CA    . GLY D 3 56 ? 1.556   35.188  -6.681  1.00 85.05  ? 57 GLY B CA    1 
ATOM   1265 C C     . GLY D 3 56 ? 1.559   35.302  -5.171  1.00 89.24  ? 57 GLY B C     1 
ATOM   1266 O O     . GLY D 3 56 ? 2.531   35.858  -4.616  1.00 87.21  ? 57 GLY B O     1 
ATOM   1267 N N     . ALA E 3 1  ? 0.203   -17.479 -10.039 1.00 94.99  ? 2  ALA C N     1 
ATOM   1268 C CA    . ALA E 3 1  ? -0.947  -16.739 -9.441  1.00 99.58  ? 2  ALA C CA    1 
ATOM   1269 C C     . ALA E 3 1  ? -1.595  -17.541 -8.312  1.00 102.25 ? 2  ALA C C     1 
ATOM   1270 O O     . ALA E 3 1  ? -2.796  -17.414 -8.056  1.00 105.07 ? 2  ALA C O     1 
ATOM   1271 C CB    . ALA E 3 1  ? -1.980  -16.423 -10.522 1.00 95.09  ? 2  ALA C CB    1 
ATOM   1272 N N     . LYS E 3 2  ? -0.791  -18.365 -7.639  1.00 102.67 ? 3  LYS C N     1 
ATOM   1273 C CA    . LYS E 3 2  ? -1.271  -19.193 -6.537  1.00 98.26  ? 3  LYS C CA    1 
ATOM   1274 C C     . LYS E 3 2  ? -1.868  -18.315 -5.441  1.00 95.97  ? 3  LYS C C     1 
ATOM   1275 O O     . LYS E 3 2  ? -1.449  -17.172 -5.256  1.00 95.84  ? 3  LYS C O     1 
ATOM   1276 C CB    . LYS E 3 2  ? -0.121  -20.029 -5.968  1.00 95.43  ? 3  LYS C CB    1 
ATOM   1277 C CG    . LYS E 3 2  ? -0.575  -21.133 -5.035  1.00 94.63  ? 3  LYS C CG    1 
ATOM   1278 C CD    . LYS E 3 2  ? 0.592   -21.977 -4.561  1.00 96.58  ? 3  LYS C CD    1 
ATOM   1279 C CE    . LYS E 3 2  ? 0.108   -23.126 -3.683  1.00 103.04 ? 3  LYS C CE    1 
ATOM   1280 N NZ    . LYS E 3 2  ? -0.689  -22.639 -2.514  1.00 100.51 ? 3  LYS C NZ    1 
ATOM   1281 N N     . LEU E 3 3  ? -2.844  -18.850 -4.716  1.00 92.89  ? 4  LEU C N     1 
ATOM   1282 C CA    . LEU E 3 3  ? -3.504  -18.094 -3.655  1.00 93.60  ? 4  LEU C CA    1 
ATOM   1283 C C     . LEU E 3 3  ? -3.172  -18.660 -2.277  1.00 92.64  ? 4  LEU C C     1 
ATOM   1284 O O     . LEU E 3 3  ? -2.528  -19.709 -2.161  1.00 85.73  ? 4  LEU C O     1 
ATOM   1285 C CB    . LEU E 3 3  ? -5.021  -18.124 -3.867  1.00 90.24  ? 4  LEU C CB    1 
ATOM   1286 C CG    . LEU E 3 3  ? -5.538  -17.877 -5.291  1.00 91.53  ? 4  LEU C CG    1 
ATOM   1287 C CD1   . LEU E 3 3  ? -7.024  -18.161 -5.332  1.00 92.82  ? 4  LEU C CD1   1 
ATOM   1288 C CD2   . LEU E 3 3  ? -5.246  -16.450 -5.733  1.00 89.09  ? 4  LEU C CD2   1 
ATOM   1289 N N     . LEU E 3 4  ? -3.597  -17.955 -1.232  1.00 92.06  ? 5  LEU C N     1 
ATOM   1290 C CA    . LEU E 3 4  ? -3.363  -18.427 0.125   1.00 93.58  ? 5  LEU C CA    1 
ATOM   1291 C C     . LEU E 3 4  ? -4.231  -19.675 0.271   1.00 91.56  ? 5  LEU C C     1 
ATOM   1292 O O     . LEU E 3 4  ? -3.792  -20.699 0.797   1.00 94.70  ? 5  LEU C O     1 
ATOM   1293 C CB    . LEU E 3 4  ? -3.781  -17.373 1.167   1.00 94.07  ? 5  LEU C CB    1 
ATOM   1294 C CG    . LEU E 3 4  ? -3.061  -16.018 1.257   1.00 89.51  ? 5  LEU C CG    1 
ATOM   1295 C CD1   . LEU E 3 4  ? -1.555  -16.223 1.355   1.00 83.06  ? 5  LEU C CD1   1 
ATOM   1296 C CD2   . LEU E 3 4  ? -3.407  -15.173 0.048   1.00 88.85  ? 5  LEU C CD2   1 
ATOM   1297 N N     . ILE E 3 5  ? -5.463  -19.579 -0.220  1.00 85.77  ? 6  ILE C N     1 
ATOM   1298 C CA    . ILE E 3 5  ? -6.407  -20.686 -0.176  1.00 86.42  ? 6  ILE C CA    1 
ATOM   1299 C C     . ILE E 3 5  ? -6.825  -21.038 -1.602  1.00 87.56  ? 6  ILE C C     1 
ATOM   1300 O O     . ILE E 3 5  ? -7.674  -20.367 -2.192  1.00 87.26  ? 6  ILE C O     1 
ATOM   1301 C CB    . ILE E 3 5  ? -7.677  -20.321 0.636   1.00 89.46  ? 6  ILE C CB    1 
ATOM   1302 C CG1   . ILE E 3 5  ? -7.303  -19.985 2.082   1.00 80.32  ? 6  ILE C CG1   1 
ATOM   1303 C CG2   . ILE E 3 5  ? -8.671  -21.477 0.597   1.00 88.75  ? 6  ILE C CG2   1 
ATOM   1304 C CD1   . ILE E 3 5  ? -6.756  -18.591 2.267   1.00 87.82  ? 6  ILE C CD1   1 
ATOM   1305 N N     . PRO E 3 6  ? -6.235  -22.100 -2.177  1.00 88.92  ? 7  PRO C N     1 
ATOM   1306 C CA    . PRO E 3 6  ? -6.575  -22.508 -3.544  1.00 89.42  ? 7  PRO C CA    1 
ATOM   1307 C C     . PRO E 3 6  ? -8.059  -22.807 -3.734  1.00 89.10  ? 7  PRO C C     1 
ATOM   1308 O O     . PRO E 3 6  ? -8.612  -22.605 -4.816  1.00 88.65  ? 7  PRO C O     1 
ATOM   1309 C CB    . PRO E 3 6  ? -5.690  -23.735 -3.765  1.00 85.94  ? 7  PRO C CB    1 
ATOM   1310 C CG    . PRO E 3 6  ? -5.570  -24.312 -2.395  1.00 89.20  ? 7  PRO C CG    1 
ATOM   1311 C CD    . PRO E 3 6  ? -5.331  -23.082 -1.552  1.00 90.72  ? 7  PRO C CD    1 
ATOM   1312 N N     . GLN E 3 7  ? -8.703  -23.282 -2.674  1.00 95.63  ? 8  GLN C N     1 
ATOM   1313 C CA    . GLN E 3 7  ? -10.127 -23.604 -2.721  1.00 98.94  ? 8  GLN C CA    1 
ATOM   1314 C C     . GLN E 3 7  ? -10.968 -22.381 -3.094  1.00 98.04  ? 8  GLN C C     1 
ATOM   1315 O O     . GLN E 3 7  ? -12.133 -22.507 -3.478  1.00 98.49  ? 8  GLN C O     1 
ATOM   1316 C CB    . GLN E 3 7  ? -10.591 -24.157 -1.368  1.00 99.56  ? 8  GLN C CB    1 
ATOM   1317 C CG    . GLN E 3 7  ? -10.027 -25.536 -1.010  1.00 101.46 ? 8  GLN C CG    1 
ATOM   1318 C CD    . GLN E 3 7  ? -8.515  -25.539 -0.820  1.00 104.26 ? 8  GLN C CD    1 
ATOM   1319 O OE1   . GLN E 3 7  ? -7.986  -24.860 0.064   1.00 103.68 ? 8  GLN C OE1   1 
ATOM   1320 N NE2   . GLN E 3 7  ? -7.813  -26.310 -1.652  1.00 99.84  ? 8  GLN C NE2   1 
ATOM   1321 N N     . ALA E 3 8  ? -10.369 -21.198 -2.984  1.00 96.50  ? 9  ALA C N     1 
ATOM   1322 C CA    . ALA E 3 8  ? -11.063 -19.957 -3.305  1.00 94.18  ? 9  ALA C CA    1 
ATOM   1323 C C     . ALA E 3 8  ? -10.937 -19.605 -4.786  1.00 91.99  ? 9  ALA C C     1 
ATOM   1324 O O     . ALA E 3 8  ? -11.497 -18.605 -5.241  1.00 88.97  ? 9  ALA C O     1 
ATOM   1325 C CB    . ALA E 3 8  ? -10.516 -18.817 -2.446  1.00 92.08  ? 9  ALA C CB    1 
ATOM   1326 N N     . ALA E 3 9  ? -10.200 -20.425 -5.531  1.00 90.83  ? 10 ALA C N     1 
ATOM   1327 C CA    . ALA E 3 9  ? -9.996  -20.194 -6.961  1.00 89.50  ? 10 ALA C CA    1 
ATOM   1328 C C     . ALA E 3 9  ? -11.316 -19.863 -7.648  1.00 90.86  ? 10 ALA C C     1 
ATOM   1329 O O     . ALA E 3 9  ? -11.402 -18.916 -8.434  1.00 87.88  ? 10 ALA C O     1 
ATOM   1330 C CB    . ALA E 3 9  ? -9.369  -21.422 -7.604  1.00 79.27  ? 10 ALA C CB    1 
ATOM   1331 N N     . SER E 3 10 ? -12.342 -20.650 -7.339  1.00 93.95  ? 11 SER C N     1 
ATOM   1332 C CA    . SER E 3 10 ? -13.666 -20.455 -7.912  1.00 92.61  ? 11 SER C CA    1 
ATOM   1333 C C     . SER E 3 10 ? -14.227 -19.087 -7.541  1.00 89.77  ? 11 SER C C     1 
ATOM   1334 O O     . SER E 3 10 ? -14.680 -18.336 -8.402  1.00 94.01  ? 11 SER C O     1 
ATOM   1335 C CB    . SER E 3 10 ? -14.616 -21.548 -7.413  1.00 94.76  ? 11 SER C CB    1 
ATOM   1336 O OG    . SER E 3 10 ? -15.946 -21.307 -7.846  1.00 95.92  ? 11 SER C OG    1 
ATOM   1337 N N     . ALA E 3 11 ? -14.186 -18.775 -6.251  1.00 89.33  ? 12 ALA C N     1 
ATOM   1338 C CA    . ALA E 3 11 ? -14.697 -17.509 -5.739  1.00 89.84  ? 12 ALA C CA    1 
ATOM   1339 C C     . ALA E 3 11 ? -14.129 -16.295 -6.474  1.00 91.72  ? 12 ALA C C     1 
ATOM   1340 O O     . ALA E 3 11 ? -14.853 -15.593 -7.183  1.00 89.01  ? 12 ALA C O     1 
ATOM   1341 C CB    . ALA E 3 11 ? -14.404 -17.401 -4.246  1.00 87.73  ? 12 ALA C CB    1 
ATOM   1342 N N     . ILE E 3 12 ? -12.835 -16.049 -6.296  1.00 95.68  ? 13 ILE C N     1 
ATOM   1343 C CA    . ILE E 3 12 ? -12.183 -14.913 -6.943  1.00 95.79  ? 13 ILE C CA    1 
ATOM   1344 C C     . ILE E 3 12 ? -12.472 -14.903 -8.440  1.00 95.74  ? 13 ILE C C     1 
ATOM   1345 O O     . ILE E 3 12 ? -12.703 -13.849 -9.031  1.00 91.55  ? 13 ILE C O     1 
ATOM   1346 C CB    . ILE E 3 12 ? -10.649 -14.942 -6.737  1.00 93.98  ? 13 ILE C CB    1 
ATOM   1347 C CG1   . ILE E 3 12 ? -10.059 -16.208 -7.365  1.00 96.64  ? 13 ILE C CG1   1 
ATOM   1348 C CG2   . ILE E 3 12 ? -10.325 -14.877 -5.252  1.00 90.33  ? 13 ILE C CG2   1 
ATOM   1349 C CD1   . ILE E 3 12 ? -8.557  -16.155 -7.584  1.00 92.96  ? 13 ILE C CD1   1 
ATOM   1350 N N     . GLU E 3 13 ? -12.462 -16.088 -9.045  1.00 97.05  ? 14 GLU C N     1 
ATOM   1351 C CA    . GLU E 3 13 ? -12.724 -16.226 -10.470 1.00 96.14  ? 14 GLU C CA    1 
ATOM   1352 C C     . GLU E 3 13 ? -14.006 -15.499 -10.844 1.00 94.94  ? 14 GLU C C     1 
ATOM   1353 O O     . GLU E 3 13 ? -14.078 -14.840 -11.882 1.00 96.25  ? 14 GLU C O     1 
ATOM   1354 C CB    . GLU E 3 13 ? -12.840 -17.708 -10.843 1.00 96.97  ? 14 GLU C CB    1 
ATOM   1355 C CG    . GLU E 3 13 ? -13.195 -17.967 -12.302 1.00 103.31 ? 14 GLU C CG    1 
ATOM   1356 C CD    . GLU E 3 13 ? -12.234 -17.300 -13.274 1.00 105.99 ? 14 GLU C CD    1 
ATOM   1357 O OE1   . GLU E 3 13 ? -12.287 -16.058 -13.408 1.00 102.90 ? 14 GLU C OE1   1 
ATOM   1358 O OE2   . GLU E 3 13 ? -11.421 -18.021 -13.898 1.00 104.71 ? 14 GLU C OE2   1 
ATOM   1359 N N     . GLN E 3 14 ? -15.017 -15.610 -9.989  1.00 92.27  ? 15 GLN C N     1 
ATOM   1360 C CA    . GLN E 3 14 ? -16.289 -14.958 -10.250 1.00 92.79  ? 15 GLN C CA    1 
ATOM   1361 C C     . GLN E 3 14 ? -16.135 -13.455 -10.089 1.00 94.20  ? 15 GLN C C     1 
ATOM   1362 O O     . GLN E 3 14 ? -16.532 -12.682 -10.963 1.00 94.33  ? 15 GLN C O     1 
ATOM   1363 C CB    . GLN E 3 14 ? -17.359 -15.469 -9.286  1.00 94.68  ? 15 GLN C CB    1 
ATOM   1364 C CG    . GLN E 3 14 ? -17.359 -16.977 -9.107  1.00 102.75 ? 15 GLN C CG    1 
ATOM   1365 C CD    . GLN E 3 14 ? -17.312 -17.727 -10.428 1.00 110.05 ? 15 GLN C CD    1 
ATOM   1366 O OE1   . GLN E 3 14 ? -18.181 -17.558 -11.287 1.00 112.61 ? 15 GLN C OE1   1 
ATOM   1367 N NE2   . GLN E 3 14 ? -16.288 -18.562 -10.597 1.00 109.14 ? 15 GLN C NE2   1 
ATOM   1368 N N     . MET E 3 15 ? -15.548 -13.051 -8.966  1.00 95.19  ? 16 MET C N     1 
ATOM   1369 C CA    . MET E 3 15 ? -15.347 -11.637 -8.671  1.00 94.60  ? 16 MET C CA    1 
ATOM   1370 C C     . MET E 3 15 ? -14.452 -10.980 -9.718  1.00 94.79  ? 16 MET C C     1 
ATOM   1371 O O     . MET E 3 15 ? -14.598 -9.792  -10.024 1.00 92.56  ? 16 MET C O     1 
ATOM   1372 C CB    . MET E 3 15 ? -14.734 -11.474 -7.277  1.00 93.85  ? 16 MET C CB    1 
ATOM   1373 C CG    . MET E 3 15 ? -14.606 -10.028 -6.824  1.00 96.83  ? 16 MET C CG    1 
ATOM   1374 S SD    . MET E 3 15 ? -14.006 -9.870  -5.123  1.00 97.69  ? 16 MET C SD    1 
ATOM   1375 C CE    . MET E 3 15 ? -15.545 -9.540  -4.257  1.00 94.15  ? 16 MET C CE    1 
ATOM   1376 N N     . LYS E 3 16 ? -13.530 -11.761 -10.270 1.00 93.74  ? 17 LYS C N     1 
ATOM   1377 C CA    . LYS E 3 16 ? -12.616 -11.254 -11.285 1.00 94.38  ? 17 LYS C CA    1 
ATOM   1378 C C     . LYS E 3 16 ? -13.384 -10.791 -12.525 1.00 96.21  ? 17 LYS C C     1 
ATOM   1379 O O     . LYS E 3 16 ? -13.312 -9.620  -12.907 1.00 96.94  ? 17 LYS C O     1 
ATOM   1380 C CB    . LYS E 3 16 ? -11.597 -12.336 -11.664 1.00 91.36  ? 17 LYS C CB    1 
ATOM   1381 C CG    . LYS E 3 16 ? -10.546 -11.877 -12.665 1.00 88.19  ? 17 LYS C CG    1 
ATOM   1382 C CD    . LYS E 3 16 ? -9.421  -12.893 -12.810 1.00 84.99  ? 17 LYS C CD    1 
ATOM   1383 C CE    . LYS E 3 16 ? -9.912  -14.222 -13.358 1.00 87.03  ? 17 LYS C CE    1 
ATOM   1384 N NZ    . LYS E 3 16 ? -8.797  -15.205 -13.495 1.00 87.56  ? 17 LYS C NZ    1 
ATOM   1385 N N     . LEU E 3 17 ? -14.121 -11.709 -13.147 1.00 94.91  ? 18 LEU C N     1 
ATOM   1386 C CA    . LEU E 3 17 ? -14.903 -11.386 -14.340 1.00 94.06  ? 18 LEU C CA    1 
ATOM   1387 C C     . LEU E 3 17 ? -15.876 -10.251 -14.044 1.00 94.55  ? 18 LEU C C     1 
ATOM   1388 O O     . LEU E 3 17 ? -16.166 -9.414  -14.905 1.00 97.08  ? 18 LEU C O     1 
ATOM   1389 C CB    . LEU E 3 17 ? -15.675 -12.619 -14.815 1.00 92.25  ? 18 LEU C CB    1 
ATOM   1390 C CG    . LEU E 3 17 ? -14.831 -13.806 -15.298 1.00 94.74  ? 18 LEU C CG    1 
ATOM   1391 C CD1   . LEU E 3 17 ? -15.726 -15.017 -15.522 1.00 96.70  ? 18 LEU C CD1   1 
ATOM   1392 C CD2   . LEU E 3 17 ? -14.098 -13.431 -16.580 1.00 88.85  ? 18 LEU C CD2   1 
ATOM   1393 N N     . GLU E 3 18 ? -16.378 -10.233 -12.816 1.00 93.05  ? 19 GLU C N     1 
ATOM   1394 C CA    . GLU E 3 18 ? -17.310 -9.210  -12.372 1.00 92.48  ? 19 GLU C CA    1 
ATOM   1395 C C     . GLU E 3 18 ? -16.690 -7.825  -12.502 1.00 91.76  ? 19 GLU C C     1 
ATOM   1396 O O     . GLU E 3 18 ? -17.224 -6.960  -13.194 1.00 94.15  ? 19 GLU C O     1 
ATOM   1397 C CB    . GLU E 3 18 ? -17.699 -9.470  -10.912 1.00 94.20  ? 19 GLU C CB    1 
ATOM   1398 C CG    . GLU E 3 18 ? -18.328 -8.281  -10.198 1.00 96.98  ? 19 GLU C CG    1 
ATOM   1399 C CD    . GLU E 3 18 ? -19.654 -7.866  -10.796 1.00 100.04 ? 19 GLU C CD    1 
ATOM   1400 O OE1   . GLU E 3 18 ? -19.681 -7.482  -11.987 1.00 97.39  ? 19 GLU C OE1   1 
ATOM   1401 O OE2   . GLU E 3 18 ? -20.673 -7.927  -10.072 1.00 104.32 ? 19 GLU C OE2   1 
ATOM   1402 N N     . ILE E 3 19 ? -15.559 -7.625  -11.832 1.00 93.62  ? 20 ILE C N     1 
ATOM   1403 C CA    . ILE E 3 19 ? -14.861 -6.343  -11.856 1.00 89.85  ? 20 ILE C CA    1 
ATOM   1404 C C     . ILE E 3 19 ? -14.388 -5.970  -13.260 1.00 86.76  ? 20 ILE C C     1 
ATOM   1405 O O     . ILE E 3 19 ? -14.410 -4.798  -13.638 1.00 79.66  ? 20 ILE C O     1 
ATOM   1406 C CB    . ILE E 3 19 ? -13.640 -6.361  -10.909 1.00 92.06  ? 20 ILE C CB    1 
ATOM   1407 C CG1   . ILE E 3 19 ? -14.072 -6.831  -9.516  1.00 91.04  ? 20 ILE C CG1   1 
ATOM   1408 C CG2   . ILE E 3 19 ? -13.020 -4.966  -10.829 1.00 87.37  ? 20 ILE C CG2   1 
ATOM   1409 C CD1   . ILE E 3 19 ? -12.925 -7.050  -8.547  1.00 86.54  ? 20 ILE C CD1   1 
ATOM   1410 N N     . ALA E 3 20 ? -13.960 -6.972  -14.024 1.00 84.50  ? 21 ALA C N     1 
ATOM   1411 C CA    . ALA E 3 20 ? -13.479 -6.750  -15.385 1.00 85.06  ? 21 ALA C CA    1 
ATOM   1412 C C     . ALA E 3 20 ? -14.466 -5.899  -16.177 1.00 88.70  ? 21 ALA C C     1 
ATOM   1413 O O     . ALA E 3 20 ? -14.145 -4.789  -16.605 1.00 91.45  ? 21 ALA C O     1 
ATOM   1414 C CB    . ALA E 3 20 ? -13.262 -8.082  -16.086 1.00 77.27  ? 21 ALA C CB    1 
ATOM   1415 N N     . SER E 3 21 ? -15.671 -6.426  -16.364 1.00 89.26  ? 22 SER C N     1 
ATOM   1416 C CA    . SER E 3 21 ? -16.698 -5.710  -17.101 1.00 89.39  ? 22 SER C CA    1 
ATOM   1417 C C     . SER E 3 21 ? -17.043 -4.373  -16.447 1.00 89.58  ? 22 SER C C     1 
ATOM   1418 O O     . SER E 3 21 ? -17.329 -3.397  -17.138 1.00 91.17  ? 22 SER C O     1 
ATOM   1419 C CB    . SER E 3 21 ? -17.953 -6.578  -17.230 1.00 91.49  ? 22 SER C CB    1 
ATOM   1420 O OG    . SER E 3 21 ? -18.329 -7.119  -15.978 1.00 98.60  ? 22 SER C OG    1 
ATOM   1421 N N     . GLU E 3 22 ? -17.009 -4.320  -15.120 1.00 88.38  ? 23 GLU C N     1 
ATOM   1422 C CA    . GLU E 3 22 ? -17.322 -3.080  -14.418 1.00 88.98  ? 23 GLU C CA    1 
ATOM   1423 C C     . GLU E 3 22 ? -16.419 -1.940  -14.881 1.00 89.76  ? 23 GLU C C     1 
ATOM   1424 O O     . GLU E 3 22 ? -16.896 -0.847  -15.183 1.00 85.55  ? 23 GLU C O     1 
ATOM   1425 C CB    . GLU E 3 22 ? -17.187 -3.275  -12.908 1.00 93.72  ? 23 GLU C CB    1 
ATOM   1426 C CG    . GLU E 3 22 ? -18.233 -4.204  -12.320 1.00 94.85  ? 23 GLU C CG    1 
ATOM   1427 C CD    . GLU E 3 22 ? -18.118 -4.334  -10.817 1.00 99.03  ? 23 GLU C CD    1 
ATOM   1428 O OE1   . GLU E 3 22 ? -17.095 -4.874  -10.348 1.00 101.42 ? 23 GLU C OE1   1 
ATOM   1429 O OE2   . GLU E 3 22 ? -19.049 -3.894  -10.105 1.00 93.89  ? 23 GLU C OE2   1 
ATOM   1430 N N     . PHE E 3 23 ? -15.114 -2.196  -14.931 1.00 93.29  ? 24 PHE C N     1 
ATOM   1431 C CA    . PHE E 3 23 ? -14.156 -1.189  -15.376 1.00 94.32  ? 24 PHE C CA    1 
ATOM   1432 C C     . PHE E 3 23 ? -14.022 -1.233  -16.896 1.00 95.78  ? 24 PHE C C     1 
ATOM   1433 O O     . PHE E 3 23 ? -13.411 -0.353  -17.503 1.00 92.14  ? 24 PHE C O     1 
ATOM   1434 C CB    . PHE E 3 23 ? -12.782 -1.423  -14.736 1.00 96.59  ? 24 PHE C CB    1 
ATOM   1435 C CG    . PHE E 3 23 ? -12.699 -1.009  -13.290 1.00 98.40  ? 24 PHE C CG    1 
ATOM   1436 C CD1   . PHE E 3 23 ? -13.386 -1.714  -12.306 1.00 95.77  ? 24 PHE C CD1   1 
ATOM   1437 C CD2   . PHE E 3 23 ? -11.937 0.097   -12.916 1.00 97.22  ? 24 PHE C CD2   1 
ATOM   1438 C CE1   . PHE E 3 23 ? -13.310 -1.328  -10.966 1.00 92.59  ? 24 PHE C CE1   1 
ATOM   1439 C CE2   . PHE E 3 23 ? -11.853 0.491   -11.582 1.00 92.56  ? 24 PHE C CE2   1 
ATOM   1440 C CZ    . PHE E 3 23 ? -12.544 -0.222  -10.605 1.00 91.87  ? 24 PHE C CZ    1 
ATOM   1441 N N     . GLY E 3 24 ? -14.602 -2.266  -17.502 1.00 93.56  ? 25 GLY C N     1 
ATOM   1442 C CA    . GLY E 3 24 ? -14.537 -2.408  -18.944 1.00 91.70  ? 25 GLY C CA    1 
ATOM   1443 C C     . GLY E 3 24 ? -13.134 -2.750  -19.401 1.00 90.24  ? 25 GLY C C     1 
ATOM   1444 O O     . GLY E 3 24 ? -12.549 -2.046  -20.225 1.00 86.32  ? 25 GLY C O     1 
ATOM   1445 N N     . VAL E 3 25 ? -12.595 -3.837  -18.859 1.00 86.62  ? 26 VAL C N     1 
ATOM   1446 C CA    . VAL E 3 25 ? -11.252 -4.277  -19.204 1.00 87.66  ? 26 VAL C CA    1 
ATOM   1447 C C     . VAL E 3 25 ? -11.228 -5.732  -19.664 1.00 89.46  ? 26 VAL C C     1 
ATOM   1448 O O     . VAL E 3 25 ? -11.962 -6.579  -19.147 1.00 85.67  ? 26 VAL C O     1 
ATOM   1449 C CB    . VAL E 3 25 ? -10.295 -4.119  -18.002 1.00 83.77  ? 26 VAL C CB    1 
ATOM   1450 C CG1   . VAL E 3 25 ? -10.841 -4.868  -16.803 1.00 93.84  ? 26 VAL C CG1   1 
ATOM   1451 C CG2   . VAL E 3 25 ? -8.914  -4.631  -18.365 1.00 86.95  ? 26 VAL C CG2   1 
ATOM   1452 N N     . GLN E 3 26 ? -10.374 -6.014  -20.640 1.00 91.56  ? 27 GLN C N     1 
ATOM   1453 C CA    . GLN E 3 26 ? -10.242 -7.358  -21.182 1.00 94.91  ? 27 GLN C CA    1 
ATOM   1454 C C     . GLN E 3 26 ? -8.941  -7.979  -20.691 1.00 96.21  ? 27 GLN C C     1 
ATOM   1455 O O     . GLN E 3 26 ? -7.869  -7.706  -21.233 1.00 96.18  ? 27 GLN C O     1 
ATOM   1456 C CB    . GLN E 3 26 ? -10.251 -7.303  -22.711 1.00 96.62  ? 27 GLN C CB    1 
ATOM   1457 C CG    . GLN E 3 26 ? -10.213 -8.660  -23.397 1.00 99.32  ? 27 GLN C CG    1 
ATOM   1458 C CD    . GLN E 3 26 ? -10.083 -8.543  -24.908 1.00 104.35 ? 27 GLN C CD    1 
ATOM   1459 O OE1   . GLN E 3 26 ? -9.080  -8.042  -25.421 1.00 100.13 ? 27 GLN C OE1   1 
ATOM   1460 N NE2   . GLN E 3 26 ? -11.102 -9.005  -25.628 1.00 102.98 ? 27 GLN C NE2   1 
ATOM   1461 N N     . LEU E 3 27 ? -9.035  -8.810  -19.658 1.00 97.70  ? 28 LEU C N     1 
ATOM   1462 C CA    . LEU E 3 27 ? -7.852  -9.457  -19.104 1.00 97.24  ? 28 LEU C CA    1 
ATOM   1463 C C     . LEU E 3 27 ? -7.142  -10.323 -20.135 1.00 96.69  ? 28 LEU C C     1 
ATOM   1464 O O     . LEU E 3 27 ? -7.498  -11.484 -20.343 1.00 94.31  ? 28 LEU C O     1 
ATOM   1465 C CB    . LEU E 3 27 ? -8.224  -10.311 -17.891 1.00 96.41  ? 28 LEU C CB    1 
ATOM   1466 C CG    . LEU E 3 27 ? -8.664  -9.562  -16.633 1.00 93.39  ? 28 LEU C CG    1 
ATOM   1467 C CD1   . LEU E 3 27 ? -8.936  -10.567 -15.530 1.00 92.24  ? 28 LEU C CD1   1 
ATOM   1468 C CD2   . LEU E 3 27 ? -7.581  -8.581  -16.204 1.00 91.65  ? 28 LEU C CD2   1 
ATOM   1469 N N     . GLY E 3 28 ? -6.132  -9.744  -20.776 1.00 93.76  ? 29 GLY C N     1 
ATOM   1470 C CA    . GLY E 3 28 ? -5.372  -10.469 -21.774 1.00 89.90  ? 29 GLY C CA    1 
ATOM   1471 C C     . GLY E 3 28 ? -3.990  -9.878  -21.957 1.00 88.23  ? 29 GLY C C     1 
ATOM   1472 O O     . GLY E 3 28 ? -3.796  -8.673  -21.792 1.00 84.30  ? 29 GLY C O     1 
ATOM   1473 N N     . ALA E 3 29 ? -3.030  -10.731 -22.299 1.00 88.87  ? 30 ALA C N     1 
ATOM   1474 C CA    . ALA E 3 29 ? -1.655  -10.300 -22.514 1.00 89.84  ? 30 ALA C CA    1 
ATOM   1475 C C     . ALA E 3 29 ? -1.571  -9.204  -23.572 1.00 90.53  ? 30 ALA C C     1 
ATOM   1476 O O     . ALA E 3 29 ? -0.558  -8.512  -23.680 1.00 92.34  ? 30 ALA C O     1 
ATOM   1477 C CB    . ALA E 3 29 ? -0.797  -11.488 -22.925 1.00 91.28  ? 30 ALA C CB    1 
ATOM   1478 N N     . GLU E 3 30 ? -2.636  -9.046  -24.351 1.00 90.07  ? 31 GLU C N     1 
ATOM   1479 C CA    . GLU E 3 30 ? -2.665  -8.027  -25.392 1.00 92.78  ? 31 GLU C CA    1 
ATOM   1480 C C     . GLU E 3 30 ? -3.164  -6.707  -24.821 1.00 92.40  ? 31 GLU C C     1 
ATOM   1481 O O     . GLU E 3 30 ? -3.333  -5.730  -25.553 1.00 92.47  ? 31 GLU C O     1 
ATOM   1482 C CB    . GLU E 3 30 ? -3.573  -8.463  -26.543 1.00 93.62  ? 31 GLU C CB    1 
ATOM   1483 C CG    . GLU E 3 30 ? -3.332  -9.885  -27.023 1.00 97.32  ? 31 GLU C CG    1 
ATOM   1484 C CD    . GLU E 3 30 ? -4.194  -10.253 -28.221 1.00 101.90 ? 31 GLU C CD    1 
ATOM   1485 O OE1   . GLU E 3 30 ? -3.960  -9.696  -29.315 1.00 98.94  ? 31 GLU C OE1   1 
ATOM   1486 O OE2   . GLU E 3 30 ? -5.110  -11.094 -28.065 1.00 100.06 ? 31 GLU C OE2   1 
ATOM   1487 N N     . THR E 3 31 ? -3.397  -6.679  -23.512 1.00 91.39  ? 32 THR C N     1 
ATOM   1488 C CA    . THR E 3 31 ? -3.881  -5.470  -22.851 1.00 88.73  ? 32 THR C CA    1 
ATOM   1489 C C     . THR E 3 31 ? -2.777  -4.817  -22.019 1.00 86.05  ? 32 THR C C     1 
ATOM   1490 O O     . THR E 3 31 ? -1.781  -5.462  -21.682 1.00 79.64  ? 32 THR C O     1 
ATOM   1491 C CB    . THR E 3 31 ? -5.073  -5.782  -21.936 1.00 90.51  ? 32 THR C CB    1 
ATOM   1492 O OG1   . THR E 3 31 ? -5.923  -6.743  -22.574 1.00 94.35  ? 32 THR C OG1   1 
ATOM   1493 C CG2   . THR E 3 31 ? -5.876  -4.517  -21.671 1.00 85.56  ? 32 THR C CG2   1 
ATOM   1494 N N     . THR E 3 32 ? -2.957  -3.540  -21.690 1.00 81.32  ? 33 THR C N     1 
ATOM   1495 C CA    . THR E 3 32 ? -1.961  -2.808  -20.909 1.00 86.60  ? 33 THR C CA    1 
ATOM   1496 C C     . THR E 3 32 ? -1.840  -3.333  -19.480 1.00 87.69  ? 33 THR C C     1 
ATOM   1497 O O     . THR E 3 32 ? -2.649  -4.150  -19.033 1.00 87.21  ? 33 THR C O     1 
ATOM   1498 C CB    . THR E 3 32 ? -2.284  -1.291  -20.848 1.00 88.48  ? 33 THR C CB    1 
ATOM   1499 O OG1   . THR E 3 32 ? -3.503  -1.082  -20.126 1.00 85.03  ? 33 THR C OG1   1 
ATOM   1500 C CG2   . THR E 3 32 ? -2.430  -0.719  -22.254 1.00 87.15  ? 33 THR C CG2   1 
ATOM   1501 N N     . SER E 3 33 ? -0.817  -2.870  -18.771 1.00 86.49  ? 34 SER C N     1 
ATOM   1502 C CA    . SER E 3 33 ? -0.602  -3.286  -17.393 1.00 85.49  ? 34 SER C CA    1 
ATOM   1503 C C     . SER E 3 33 ? -1.591  -2.554  -16.496 1.00 83.87  ? 34 SER C C     1 
ATOM   1504 O O     . SER E 3 33 ? -2.206  -3.155  -15.615 1.00 86.12  ? 34 SER C O     1 
ATOM   1505 C CB    . SER E 3 33 ? 0.831   -2.971  -16.956 1.00 86.74  ? 34 SER C CB    1 
ATOM   1506 O OG    . SER E 3 33 ? 1.768   -3.705  -17.726 1.00 93.28  ? 34 SER C OG    1 
ATOM   1507 N N     . ARG E 3 34 ? -1.749  -1.255  -16.729 1.00 75.63  ? 35 ARG C N     1 
ATOM   1508 C CA    . ARG E 3 34 ? -2.674  -0.453  -15.938 1.00 81.40  ? 35 ARG C CA    1 
ATOM   1509 C C     . ARG E 3 34 ? -4.101  -0.983  -16.082 1.00 84.07  ? 35 ARG C C     1 
ATOM   1510 O O     . ARG E 3 34 ? -4.986  -0.619  -15.309 1.00 88.51  ? 35 ARG C O     1 
ATOM   1511 C CB    . ARG E 3 34 ? -2.609  1.017   -16.373 1.00 77.86  ? 35 ARG C CB    1 
ATOM   1512 C CG    . ARG E 3 34 ? -3.530  1.947   -15.595 1.00 78.84  ? 35 ARG C CG    1 
ATOM   1513 C CD    . ARG E 3 34 ? -3.194  3.402   -15.874 1.00 86.66  ? 35 ARG C CD    1 
ATOM   1514 N NE    . ARG E 3 34 ? -3.975  4.324   -15.053 1.00 89.85  ? 35 ARG C NE    1 
ATOM   1515 C CZ    . ARG E 3 34 ? -3.705  5.623   -14.923 1.00 95.48  ? 35 ARG C CZ    1 
ATOM   1516 N NH1   . ARG E 3 34 ? -2.669  6.155   -15.561 1.00 91.69  ? 35 ARG C NH1   1 
ATOM   1517 N NH2   . ARG E 3 34 ? -4.468  6.390   -14.151 1.00 88.40  ? 35 ARG C NH2   1 
ATOM   1518 N N     . ALA E 3 35 ? -4.314  -1.849  -17.069 1.00 84.30  ? 36 ALA C N     1 
ATOM   1519 C CA    . ALA E 3 35 ? -5.630  -2.432  -17.309 1.00 81.81  ? 36 ALA C CA    1 
ATOM   1520 C C     . ALA E 3 35 ? -5.764  -3.764  -16.584 1.00 77.81  ? 36 ALA C C     1 
ATOM   1521 O O     . ALA E 3 35 ? -6.715  -3.978  -15.835 1.00 78.56  ? 36 ALA C O     1 
ATOM   1522 C CB    . ALA E 3 35 ? -5.852  -2.627  -18.800 1.00 80.92  ? 36 ALA C CB    1 
ATOM   1523 N N     . ASN E 3 36 ? -4.809  -4.658  -16.810 1.00 76.74  ? 37 ASN C N     1 
ATOM   1524 C CA    . ASN E 3 36 ? -4.834  -5.964  -16.166 1.00 82.09  ? 37 ASN C CA    1 
ATOM   1525 C C     . ASN E 3 36 ? -4.597  -5.836  -14.667 1.00 85.08  ? 37 ASN C C     1 
ATOM   1526 O O     . ASN E 3 36 ? -5.028  -6.686  -13.885 1.00 86.66  ? 37 ASN C O     1 
ATOM   1527 C CB    . ASN E 3 36 ? -3.763  -6.875  -16.766 1.00 84.30  ? 37 ASN C CB    1 
ATOM   1528 C CG    . ASN E 3 36 ? -4.062  -7.261  -18.193 1.00 85.67  ? 37 ASN C CG    1 
ATOM   1529 O OD1   . ASN E 3 36 ? -5.113  -7.832  -18.482 1.00 88.36  ? 37 ASN C OD1   1 
ATOM   1530 N ND2   . ASN E 3 36 ? -3.136  -6.959  -19.096 1.00 77.04  ? 37 ASN C ND2   1 
ATOM   1531 N N     . GLY E 3 37 ? -3.905  -4.771  -14.276 1.00 84.57  ? 38 GLY C N     1 
ATOM   1532 C CA    . GLY E 3 37 ? -3.608  -4.553  -12.874 1.00 83.04  ? 38 GLY C CA    1 
ATOM   1533 C C     . GLY E 3 37 ? -4.750  -3.923  -12.102 1.00 82.76  ? 38 GLY C C     1 
ATOM   1534 O O     . GLY E 3 37 ? -4.935  -4.208  -10.917 1.00 83.10  ? 38 GLY C O     1 
ATOM   1535 N N     . SER E 3 38 ? -5.517  -3.067  -12.769 1.00 76.04  ? 39 SER C N     1 
ATOM   1536 C CA    . SER E 3 38 ? -6.640  -2.397  -12.125 1.00 75.92  ? 39 SER C CA    1 
ATOM   1537 C C     . SER E 3 38 ? -7.612  -3.427  -11.564 1.00 77.21  ? 39 SER C C     1 
ATOM   1538 O O     . SER E 3 38 ? -8.266  -3.189  -10.551 1.00 77.42  ? 39 SER C O     1 
ATOM   1539 C CB    . SER E 3 38 ? -7.366  -1.493  -13.126 1.00 78.70  ? 39 SER C CB    1 
ATOM   1540 O OG    . SER E 3 38 ? -7.909  -2.243  -14.202 1.00 83.06  ? 39 SER C OG    1 
ATOM   1541 N N     . VAL E 3 39 ? -7.694  -4.574  -12.233 1.00 75.60  ? 40 VAL C N     1 
ATOM   1542 C CA    . VAL E 3 39 ? -8.580  -5.649  -11.811 1.00 78.60  ? 40 VAL C CA    1 
ATOM   1543 C C     . VAL E 3 39 ? -8.077  -6.262  -10.509 1.00 80.34  ? 40 VAL C C     1 
ATOM   1544 O O     . VAL E 3 39 ? -8.802  -6.304  -9.514  1.00 86.86  ? 40 VAL C O     1 
ATOM   1545 C CB    . VAL E 3 39 ? -8.658  -6.754  -12.888 1.00 80.35  ? 40 VAL C CB    1 
ATOM   1546 C CG1   . VAL E 3 39 ? -9.623  -7.845  -12.453 1.00 76.88  ? 40 VAL C CG1   1 
ATOM   1547 C CG2   . VAL E 3 39 ? -9.092  -6.151  -14.213 1.00 83.63  ? 40 VAL C CG2   1 
ATOM   1548 N N     . GLY E 3 40 ? -6.835  -6.740  -10.521 1.00 76.43  ? 41 GLY C N     1 
ATOM   1549 C CA    . GLY E 3 40 ? -6.260  -7.333  -9.328  1.00 69.19  ? 41 GLY C CA    1 
ATOM   1550 C C     . GLY E 3 40 ? -6.293  -6.354  -8.168  1.00 65.43  ? 41 GLY C C     1 
ATOM   1551 O O     . GLY E 3 40 ? -6.330  -6.756  -7.005  1.00 60.14  ? 41 GLY C O     1 
ATOM   1552 N N     . GLY E 3 41 ? -6.284  -5.063  -8.493  1.00 63.57  ? 42 GLY C N     1 
ATOM   1553 C CA    . GLY E 3 41 ? -6.316  -4.033  -7.474  1.00 66.46  ? 42 GLY C CA    1 
ATOM   1554 C C     . GLY E 3 41 ? -7.656  -3.995  -6.771  1.00 72.23  ? 42 GLY C C     1 
ATOM   1555 O O     . GLY E 3 41 ? -7.725  -3.841  -5.551  1.00 72.35  ? 42 GLY C O     1 
ATOM   1556 N N     . GLU E 3 42 ? -8.730  -4.138  -7.542  1.00 72.17  ? 43 GLU C N     1 
ATOM   1557 C CA    . GLU E 3 42 ? -10.074 -4.125  -6.978  1.00 69.26  ? 43 GLU C CA    1 
ATOM   1558 C C     . GLU E 3 42 ? -10.347 -5.409  -6.216  1.00 62.90  ? 43 GLU C C     1 
ATOM   1559 O O     . GLU E 3 42 ? -11.065 -5.412  -5.216  1.00 63.07  ? 43 GLU C O     1 
ATOM   1560 C CB    . GLU E 3 42 ? -11.109 -3.964  -8.080  1.00 67.15  ? 43 GLU C CB    1 
ATOM   1561 C CG    . GLU E 3 42 ? -11.737 -2.598  -8.118  1.00 72.99  ? 43 GLU C CG    1 
ATOM   1562 C CD    . GLU E 3 42 ? -12.610 -2.329  -6.917  1.00 64.62  ? 43 GLU C CD    1 
ATOM   1563 O OE1   . GLU E 3 42 ? -13.509 -3.152  -6.648  1.00 75.11  ? 43 GLU C OE1   1 
ATOM   1564 O OE2   . GLU E 3 42 ? -12.409 -1.294  -6.250  1.00 65.82  ? 43 GLU C OE2   1 
ATOM   1565 N N     . ILE E 3 43 ? -9.771  -6.501  -6.698  1.00 59.66  ? 44 ILE C N     1 
ATOM   1566 C CA    . ILE E 3 43 ? -9.957  -7.790  -6.058  1.00 65.76  ? 44 ILE C CA    1 
ATOM   1567 C C     . ILE E 3 43 ? -9.399  -7.754  -4.642  1.00 68.67  ? 44 ILE C C     1 
ATOM   1568 O O     . ILE E 3 43 ? -10.055 -8.179  -3.691  1.00 75.45  ? 44 ILE C O     1 
ATOM   1569 C CB    . ILE E 3 43 ? -9.252  -8.910  -6.850  1.00 62.84  ? 44 ILE C CB    1 
ATOM   1570 C CG1   . ILE E 3 43 ? -9.920  -9.073  -8.217  1.00 70.29  ? 44 ILE C CG1   1 
ATOM   1571 C CG2   . ILE E 3 43 ? -9.305  -10.213 -6.073  1.00 53.54  ? 44 ILE C CG2   1 
ATOM   1572 C CD1   . ILE E 3 43 ? -9.245  -10.098 -9.112  1.00 71.76  ? 44 ILE C CD1   1 
ATOM   1573 N N     . THR E 3 44 ? -8.183  -7.240  -4.506  1.00 65.21  ? 45 THR C N     1 
ATOM   1574 C CA    . THR E 3 44 ? -7.543  -7.158  -3.205  1.00 60.48  ? 45 THR C CA    1 
ATOM   1575 C C     . THR E 3 44 ? -8.317  -6.192  -2.319  1.00 56.78  ? 45 THR C C     1 
ATOM   1576 O O     . THR E 3 44 ? -8.594  -6.486  -1.158  1.00 57.45  ? 45 THR C O     1 
ATOM   1577 C CB    . THR E 3 44 ? -6.078  -6.696  -3.352  1.00 56.32  ? 45 THR C CB    1 
ATOM   1578 O OG1   . THR E 3 44 ? -5.331  -7.724  -4.011  1.00 65.04  ? 45 THR C OG1   1 
ATOM   1579 C CG2   . THR E 3 44 ? -5.451  -6.418  -1.994  1.00 53.15  ? 45 THR C CG2   1 
ATOM   1580 N N     . LYS E 3 45 ? -8.674  -5.045  -2.881  1.00 54.05  ? 46 LYS C N     1 
ATOM   1581 C CA    . LYS E 3 45 ? -9.421  -4.034  -2.151  1.00 57.70  ? 46 LYS C CA    1 
ATOM   1582 C C     . LYS E 3 45 ? -10.710 -4.609  -1.561  1.00 64.57  ? 46 LYS C C     1 
ATOM   1583 O O     . LYS E 3 45 ? -11.088 -4.286  -0.434  1.00 71.74  ? 46 LYS C O     1 
ATOM   1584 C CB    . LYS E 3 45 ? -9.771  -2.876  -3.080  1.00 50.68  ? 46 LYS C CB    1 
ATOM   1585 C CG    . LYS E 3 45 ? -10.514 -1.753  -2.395  1.00 60.44  ? 46 LYS C CG    1 
ATOM   1586 C CD    . LYS E 3 45 ? -11.036 -0.760  -3.410  1.00 66.42  ? 46 LYS C CD    1 
ATOM   1587 C CE    . LYS E 3 45 ? -11.757 0.391   -2.742  1.00 68.33  ? 46 LYS C CE    1 
ATOM   1588 N NZ    . LYS E 3 45 ? -12.305 1.345   -3.748  1.00 74.90  ? 46 LYS C NZ    1 
ATOM   1589 N N     . ARG E 3 46 ? -11.387 -5.456  -2.326  1.00 69.87  ? 47 ARG C N     1 
ATOM   1590 C CA    . ARG E 3 46 ? -12.637 -6.041  -1.864  1.00 69.18  ? 47 ARG C CA    1 
ATOM   1591 C C     . ARG E 3 46 ? -12.410 -7.126  -0.829  1.00 69.84  ? 47 ARG C C     1 
ATOM   1592 O O     . ARG E 3 46 ? -13.112 -7.174  0.182   1.00 70.60  ? 47 ARG C O     1 
ATOM   1593 C CB    . ARG E 3 46 ? -13.439 -6.586  -3.048  1.00 70.54  ? 47 ARG C CB    1 
ATOM   1594 C CG    . ARG E 3 46 ? -13.950 -5.487  -3.961  1.00 66.99  ? 47 ARG C CG    1 
ATOM   1595 C CD    . ARG E 3 46 ? -14.734 -6.041  -5.136  1.00 73.77  ? 47 ARG C CD    1 
ATOM   1596 N NE    . ARG E 3 46 ? -15.284 -4.964  -5.957  1.00 72.53  ? 47 ARG C NE    1 
ATOM   1597 C CZ    . ARG E 3 46 ? -16.069 -5.155  -7.012  1.00 78.59  ? 47 ARG C CZ    1 
ATOM   1598 N NH1   . ARG E 3 46 ? -16.400 -6.388  -7.382  1.00 79.58  ? 47 ARG C NH1   1 
ATOM   1599 N NH2   . ARG E 3 46 ? -16.524 -4.109  -7.690  1.00 80.08  ? 47 ARG C NH2   1 
ATOM   1600 N N     . LEU E 3 47 ? -11.432 -7.995  -1.069  1.00 61.86  ? 48 LEU C N     1 
ATOM   1601 C CA    . LEU E 3 47 ? -11.141 -9.047  -0.108  1.00 55.87  ? 48 LEU C CA    1 
ATOM   1602 C C     . LEU E 3 47 ? -10.826 -8.410  1.245   1.00 59.76  ? 48 LEU C C     1 
ATOM   1603 O O     . LEU E 3 47 ? -11.288 -8.879  2.284   1.00 57.88  ? 48 LEU C O     1 
ATOM   1604 C CB    . LEU E 3 47 ? -9.960  -9.902  -0.575  1.00 57.78  ? 48 LEU C CB    1 
ATOM   1605 C CG    . LEU E 3 47 ? -10.248 -10.862 -1.735  1.00 61.09  ? 48 LEU C CG    1 
ATOM   1606 C CD1   . LEU E 3 47 ? -8.981  -11.595 -2.133  1.00 56.22  ? 48 LEU C CD1   1 
ATOM   1607 C CD2   . LEU E 3 47 ? -11.319 -11.862 -1.317  1.00 62.64  ? 48 LEU C CD2   1 
ATOM   1608 N N     . VAL E 3 48 ? -10.052 -7.328  1.229   1.00 58.94  ? 49 VAL C N     1 
ATOM   1609 C CA    . VAL E 3 48 ? -9.692  -6.643  2.461   1.00 57.62  ? 49 VAL C CA    1 
ATOM   1610 C C     . VAL E 3 48 ? -10.935 -6.069  3.120   1.00 59.22  ? 49 VAL C C     1 
ATOM   1611 O O     . VAL E 3 48 ? -11.179 -6.296  4.300   1.00 54.50  ? 49 VAL C O     1 
ATOM   1612 C CB    . VAL E 3 48 ? -8.684  -5.492  2.197   1.00 64.35  ? 49 VAL C CB    1 
ATOM   1613 C CG1   . VAL E 3 48 ? -8.404  -4.720  3.489   1.00 45.95  ? 49 VAL C CG1   1 
ATOM   1614 C CG2   . VAL E 3 48 ? -7.383  -6.060  1.642   1.00 59.80  ? 49 VAL C CG2   1 
ATOM   1615 N N     . ARG E 3 49 ? -11.718 -5.323  2.348   1.00 66.94  ? 50 ARG C N     1 
ATOM   1616 C CA    . ARG E 3 49 ? -12.942 -4.716  2.856   1.00 68.54  ? 50 ARG C CA    1 
ATOM   1617 C C     . ARG E 3 49 ? -13.866 -5.742  3.517   1.00 70.41  ? 50 ARG C C     1 
ATOM   1618 O O     . ARG E 3 49 ? -14.459 -5.472  4.561   1.00 65.04  ? 50 ARG C O     1 
ATOM   1619 C CB    . ARG E 3 49 ? -13.673 -4.001  1.718   1.00 68.53  ? 50 ARG C CB    1 
ATOM   1620 C CG    . ARG E 3 49 ? -15.064 -3.513  2.075   1.00 76.19  ? 50 ARG C CG    1 
ATOM   1621 C CD    . ARG E 3 49 ? -15.436 -2.267  1.279   1.00 73.37  ? 50 ARG C CD    1 
ATOM   1622 N NE    . ARG E 3 49 ? -15.095 -2.382  -0.137  1.00 87.09  ? 50 ARG C NE    1 
ATOM   1623 C CZ    . ARG E 3 49 ? -15.562 -3.321  -0.958  1.00 91.96  ? 50 ARG C CZ    1 
ATOM   1624 N NH1   . ARG E 3 49 ? -16.402 -4.248  -0.512  1.00 87.02  ? 50 ARG C NH1   1 
ATOM   1625 N NH2   . ARG E 3 49 ? -15.190 -3.330  -2.235  1.00 91.15  ? 50 ARG C NH2   1 
ATOM   1626 N N     . LEU E 3 50 ? -13.981 -6.921  2.913   1.00 66.92  ? 51 LEU C N     1 
ATOM   1627 C CA    . LEU E 3 50 ? -14.830 -7.964  3.465   1.00 72.10  ? 51 LEU C CA    1 
ATOM   1628 C C     . LEU E 3 50 ? -14.240 -8.463  4.783   1.00 71.50  ? 51 LEU C C     1 
ATOM   1629 O O     . LEU E 3 50 ? -14.945 -8.585  5.785   1.00 71.18  ? 51 LEU C O     1 
ATOM   1630 C CB    . LEU E 3 50 ? -14.970 -9.130  2.476   1.00 72.09  ? 51 LEU C CB    1 
ATOM   1631 C CG    . LEU E 3 50 ? -15.644 -8.830  1.125   1.00 84.45  ? 51 LEU C CG    1 
ATOM   1632 C CD1   . LEU E 3 50 ? -15.594 -10.068 0.240   1.00 82.19  ? 51 LEU C CD1   1 
ATOM   1633 C CD2   . LEU E 3 50 ? -17.090 -8.384  1.336   1.00 82.80  ? 51 LEU C CD2   1 
ATOM   1634 N N     . ALA E 3 51 ? -12.944 -8.745  4.782   1.00 68.74  ? 52 ALA C N     1 
ATOM   1635 C CA    . ALA E 3 51 ? -12.285 -9.227  5.987   1.00 62.73  ? 52 ALA C CA    1 
ATOM   1636 C C     . ALA E 3 51 ? -12.421 -8.207  7.118   1.00 62.16  ? 52 ALA C C     1 
ATOM   1637 O O     . ALA E 3 51 ? -12.613 -8.581  8.275   1.00 52.11  ? 52 ALA C O     1 
ATOM   1638 C CB    . ALA E 3 51 ? -10.812 -9.517  5.704   1.00 56.61  ? 52 ALA C CB    1 
ATOM   1639 N N     . GLN E 3 52 ? -12.322 -6.920  6.790   1.00 60.96  ? 53 GLN C N     1 
ATOM   1640 C CA    . GLN E 3 52 ? -12.455 -5.882  7.810   1.00 68.96  ? 53 GLN C CA    1 
ATOM   1641 C C     . GLN E 3 52 ? -13.888 -5.817  8.317   1.00 70.03  ? 53 GLN C C     1 
ATOM   1642 O O     . GLN E 3 52 ? -14.153 -5.330  9.417   1.00 75.44  ? 53 GLN C O     1 
ATOM   1643 C CB    . GLN E 3 52 ? -12.044 -4.512  7.259   1.00 64.29  ? 53 GLN C CB    1 
ATOM   1644 C CG    . GLN E 3 52 ? -10.544 -4.315  7.137   1.00 59.37  ? 53 GLN C CG    1 
ATOM   1645 C CD    . GLN E 3 52 ? -10.172 -2.892  6.757   1.00 67.07  ? 53 GLN C CD    1 
ATOM   1646 O OE1   . GLN E 3 52 ? -8.991  -2.556  6.634   1.00 72.85  ? 53 GLN C OE1   1 
ATOM   1647 N NE2   . GLN E 3 52 ? -11.177 -2.047  6.570   1.00 50.37  ? 53 GLN C NE2   1 
ATOM   1648 N N     . GLN E 3 53 ? -14.815 -6.309  7.504   1.00 69.47  ? 54 GLN C N     1 
ATOM   1649 C CA    . GLN E 3 53 ? -16.219 -6.318  7.875   1.00 69.64  ? 54 GLN C CA    1 
ATOM   1650 C C     . GLN E 3 53 ? -16.495 -7.425  8.883   1.00 69.98  ? 54 GLN C C     1 
ATOM   1651 O O     . GLN E 3 53 ? -17.212 -7.213  9.857   1.00 65.40  ? 54 GLN C O     1 
ATOM   1652 C CB    . GLN E 3 53 ? -17.086 -6.504  6.633   1.00 67.84  ? 54 GLN C CB    1 
ATOM   1653 C CG    . GLN E 3 53 ? -17.208 -5.252  5.788   1.00 74.01  ? 54 GLN C CG    1 
ATOM   1654 C CD    . GLN E 3 53 ? -17.814 -5.527  4.425   1.00 79.91  ? 54 GLN C CD    1 
ATOM   1655 O OE1   . GLN E 3 53 ? -18.238 -4.607  3.725   1.00 80.35  ? 54 GLN C OE1   1 
ATOM   1656 N NE2   . GLN E 3 53 ? -17.844 -6.798  4.035   1.00 81.57  ? 54 GLN C NE2   1 
ATOM   1657 N N     . ASN E 3 54 ? -15.913 -8.600  8.658   1.00 70.07  ? 55 ASN C N     1 
ATOM   1658 C CA    . ASN E 3 54 ? -16.108 -9.725  9.561   1.00 72.14  ? 55 ASN C CA    1 
ATOM   1659 C C     . ASN E 3 54 ? -15.154 -9.682  10.756  1.00 77.11  ? 55 ASN C C     1 
ATOM   1660 O O     . ASN E 3 54 ? -14.684 -10.718 11.228  1.00 84.97  ? 55 ASN C O     1 
ATOM   1661 C CB    . ASN E 3 54 ? -15.939 -11.048 8.811   1.00 69.88  ? 55 ASN C CB    1 
ATOM   1662 C CG    . ASN E 3 54 ? -16.759 -11.103 7.536   1.00 83.86  ? 55 ASN C CG    1 
ATOM   1663 O OD1   . ASN E 3 54 ? -17.803 -10.455 7.423   1.00 87.87  ? 55 ASN C OD1   1 
ATOM   1664 N ND2   . ASN E 3 54 ? -16.296 -11.889 6.567   1.00 85.53  ? 55 ASN C ND2   1 
ATOM   1665 N N     . MET E 3 55 ? -14.866 -8.476  11.237  1.00 80.46  ? 56 MET C N     1 
ATOM   1666 C CA    . MET E 3 55 ? -13.989 -8.282  12.392  1.00 80.15  ? 56 MET C CA    1 
ATOM   1667 C C     . MET E 3 55 ? -14.408 -7.033  13.154  1.00 83.63  ? 56 MET C C     1 
ATOM   1668 O O     . MET E 3 55 ? -14.077 -6.870  14.329  1.00 82.05  ? 56 MET C O     1 
ATOM   1669 C CB    . MET E 3 55 ? -12.529 -8.135  11.962  1.00 74.18  ? 56 MET C CB    1 
ATOM   1670 C CG    . MET E 3 55 ? -11.807 -9.445  11.754  1.00 77.73  ? 56 MET C CG    1 
ATOM   1671 S SD    . MET E 3 55 ? -10.061 -9.210  11.404  1.00 77.32  ? 56 MET C SD    1 
ATOM   1672 C CE    . MET E 3 55 ? -9.379  -9.115  13.066  1.00 72.31  ? 56 MET C CE    1 
ATOM   1673 N N     . GLY E 3 56 ? -15.133 -6.151  12.472  1.00 85.36  ? 57 GLY C N     1 
ATOM   1674 C CA    . GLY E 3 56 ? -15.590 -4.925  13.097  1.00 92.10  ? 57 GLY C CA    1 
ATOM   1675 C C     . GLY E 3 56 ? -16.681 -5.176  14.123  1.00 95.48  ? 57 GLY C C     1 
ATOM   1676 O O     . GLY E 3 56 ? -17.840 -4.789  13.856  1.00 97.20  ? 57 GLY C O     1 
HETATM 1677 O O     . HOH F 4 .  ? 1.731   4.721   2.211   1.00 50.23  ? 12 HOH D O     1 
HETATM 1678 O O     . HOH F 4 .  ? 7.298   24.084  7.842   1.00 71.29  ? 13 HOH D O     1 
HETATM 1679 O O     . HOH F 4 .  ? 2.934   2.740   16.070  1.00 66.86  ? 14 HOH D O     1 
HETATM 1680 O O     . HOH F 4 .  ? 1.405   10.895  8.159   1.00 46.38  ? 15 HOH D O     1 
HETATM 1681 O O     . HOH F 4 .  ? 12.843  18.369  10.984  1.00 59.97  ? 16 HOH D O     1 
HETATM 1682 O O     . HOH G 4 .  ? 6.006   -8.877  -2.007  1.00 55.49  ? 23 HOH E O     1 
HETATM 1683 O O     . HOH G 4 .  ? 11.869  -8.040  1.171   1.00 62.00  ? 24 HOH E O     1 
HETATM 1684 O O     . HOH G 4 .  ? -4.163  -13.998 -18.717 1.00 76.25  ? 25 HOH E O     1 
HETATM 1685 O O     . HOH G 4 .  ? 7.160   6.609   -2.076  1.00 40.54  ? 26 HOH E O     1 
HETATM 1686 O O     . HOH H 4 .  ? -12.985 -2.954  15.345  1.00 57.12  ? 65 HOH A O     1 
HETATM 1687 O O     . HOH H 4 .  ? -4.098  -5.021  21.728  1.00 72.52  ? 66 HOH A O     1 
HETATM 1688 O O     . HOH H 4 .  ? -10.943 -18.482 10.110  1.00 75.87  ? 67 HOH A O     1 
HETATM 1689 O O     . HOH H 4 .  ? 0.239   -15.196 7.577   1.00 54.69  ? 68 HOH A O     1 
HETATM 1690 O O     . HOH H 4 .  ? -13.215 3.632   3.652   1.00 74.00  ? 69 HOH A O     1 
HETATM 1691 O O     . HOH H 4 .  ? 1.853   -17.994 3.528   1.00 88.64  ? 70 HOH A O     1 
HETATM 1692 O O     . HOH H 4 .  ? -3.953  -0.857  21.787  1.00 71.63  ? 71 HOH A O     1 
HETATM 1693 O O     . HOH I 4 .  ? 9.828   14.930  -14.616 1.00 54.95  ? 65 HOH B O     1 
HETATM 1694 O O     . HOH I 4 .  ? 25.604  13.676  1.793   1.00 53.77  ? 66 HOH B O     1 
HETATM 1695 O O     . HOH I 4 .  ? 10.098  30.028  -8.604  1.00 50.48  ? 67 HOH B O     1 
HETATM 1696 O O     . HOH J 4 .  ? 1.936   -2.842  -21.008 1.00 64.90  ? 65 HOH C O     1 
HETATM 1697 O O     . HOH J 4 .  ? -17.874 -19.358 -7.122  1.00 70.90  ? 66 HOH C O     1 
HETATM 1698 O O     . HOH J 4 .  ? -2.035  9.395   -13.953 1.00 72.81  ? 67 HOH C O     1 
# 
